data_6JMR
#
_entry.id   6JMR
#
_cell.length_a   1.00
_cell.length_b   1.00
_cell.length_c   1.00
_cell.angle_alpha   90.00
_cell.angle_beta   90.00
_cell.angle_gamma   90.00
#
_symmetry.space_group_name_H-M   'P 1'
#
loop_
_entity.id
_entity.type
_entity.pdbx_description
1 polymer Antibody
2 polymer Antibody
3 polymer '4F2 cell-surface antigen heavy chain'
4 polymer Antibody
5 polymer Antibody
6 branched 2-acetamido-2-deoxy-beta-D-glucopyranose-(1-4)-2-acetamido-2-deoxy-beta-D-glucopyranose
7 non-polymer 2-acetamido-2-deoxy-beta-D-glucopyranose
#
loop_
_entity_poly.entity_id
_entity_poly.type
_entity_poly.pdbx_seq_one_letter_code
_entity_poly.pdbx_strand_id
1 'polypeptide(L)'
;QVKLLESGPGLVQPSQSLSITCTVSGFSLTTYGIHWVRQPPGKGLEWLGVIWSNGRIDYNAAFISRLSITKDNSKSQVFF
KMNSLQDDDTAIYYCARNVYDSLTWFTYWGQGTLVTVSAAKTTPPSVYPLAPGSAAQTNSMVTLGCLVKGYFPEPVTVTW
NSGSLSSGVHTFPAVLQSDLYTLSSSVTVPSSTWPSETVTCNVAHPASSTKVDKKIVPRD
;
E
2 'polypeptide(L)'
;DIQMTQSPSSLAVSVGEKVTMTCKSSQSLLYSSNQKNYLAWYQQKPGQSPKLLIFWASTRESGVPDRFTGSGSGTDFPLT
ISSVKAEDLAVYFCQQYTSYPTFGGGTKLEIKRADAAPTVSIFPPSSEQLTSGGASVVCFLNNFYPKDINVKWKIDGSER
QNGVLNSWTDQDSKDSTYSMSSTLTLTKDEYERHNSYTCEATHKTSTSPIVKSFNRNE
;
F
3 'polypeptide(L)'
;GSELQPPEASIAVVSIPRQLPGSHSEAGVQGLSAGDDSELGSHCVAQTGLELLASGDPLPSASQNAEMIETGSDCVTQAG
LQLLASSDPPALASKNAEVTGTMSQDTEVDMKEVELNELEPEKQPMNAASGAAMSLAGAEKNGLVKIKVAEDEAEAAAAA
KFTGLSKEELLKVAGSPGWVRTRWALLLLFWLGWLGMLAGAVVIIVRAPRCRELPAQKWWHTGALYRIGDLQAFQGHGAG
NLAGLKGRLDYLSSLKVKGLVLGPIHKNQKDDVAQTDLLQIDPNFGSKEDFDSLLQSAKKKSIRVILDLTPNYRGENSWF
STQVDTVATKVKDALEFWLQAGVDGFQVRDIENLKDASSFLAEWQNITKGFSEDRLLIAGTNSSDLQQILSLLESNKDLL
LTSSYLSDSGSTGEHTKSLVTQYLNATGNRWCSWSLSQARLLTSFLPAQLLRLYQLMLFTLPGTPVFSYGDEIGLDAAAL
PGQPMEAPVMLWDESSFPDIPGAVSANMTVKGQSEDPGSLLSLFRRLSDQRSKERSLLHGDFHAFSAGPGLFSYIRHWDQ
NERFLVVLNFGDVGLSAGLQASDLPASASLPAKADLLLSTQPGREEGSPLELERLKLEPHEGLLLRFPYAA
;
B
4 'polypeptide(L)'
;QVQLKESGPGLVAPSQSLSITCTVSGFPLT(UNK)(UNK)(UNK)(UNK)(UNK)WVRQPPGKGLEWLG(UNK)(UNK)
(UNK)(UNK)(UNK)(UNK)(UNK)(UNK)(UNK)(UNK)(UNK)(UNK)(UNK)(UNK)(UNK)(UNK)RLSISKDNSK
SQVFLKMNSLQTDDTARYYCAR(UNK)(UNK)(UNK)(UNK)(UNK)(UNK)(UNK)(UNK)(UNK)(UNK)WGQGTSVT
VSSAKTTPPSVYPLAPGS(UNK)(UNK)(UNK)(UNK)(UNK)SMVTLGCLVKGYFPEPVTVTWNSGSLSSGVHTFPAVL
QSDLYTLSSSVTVPSSTWPSETVTCNVAHPASSTKVDKKIVPRD
;
C
5 'polypeptide(L)'
;DIVMSQSPSSLVVSVGEKVTMSC(UNK)(UNK)(UNK)(UNK)(UNK)(UNK)(UNK)(UNK)(UNK)(UNK)(UNK)
(UNK)(UNK)(UNK)(UNK)(UNK)(UNK)WYQQKPGQSPKLLIY(UNK)(UNK)(UNK)(UNK)(UNK)(UNK)(UNK)
GVPDRFTGSGSGTDFTLTISSVKAEDLAVYYC(UNK)(UNK)(UNK)(UNK)(UNK)(UNK)(UNK)(UNK)(UNK)FGG
GTKLEIKRADAAPTVSIFPPSSEQLTSGGASVVCFLNNFYPKDINVKWKIDGSERQNGVLNSWTDQDSKDSTYSMSSTLT
LTKDEYERHNSYTCEATHKTSTSPIVKSFNRNE
;
D
#
# COMPACT_ATOMS: atom_id res chain seq x y z
N GLN A 1 -27.67 -2.94 31.79
CA GLN A 1 -27.77 -1.71 31.01
C GLN A 1 -26.67 -1.72 29.95
N VAL A 2 -25.97 -0.58 29.85
CA VAL A 2 -24.77 -0.54 29.03
C VAL A 2 -23.67 -1.26 29.78
N LYS A 3 -23.45 -2.53 29.44
CA LYS A 3 -22.47 -3.34 30.15
C LYS A 3 -21.67 -4.15 29.14
N LEU A 4 -20.36 -4.09 29.29
CA LEU A 4 -19.45 -4.75 28.37
C LEU A 4 -18.63 -5.77 29.15
N LEU A 5 -18.14 -6.79 28.45
CA LEU A 5 -17.07 -7.66 28.96
C LEU A 5 -16.46 -8.32 27.75
N GLU A 6 -15.13 -8.39 27.71
CA GLU A 6 -14.46 -8.91 26.54
C GLU A 6 -13.50 -10.04 26.92
N SER A 7 -13.11 -10.82 25.91
CA SER A 7 -12.40 -12.08 26.11
C SER A 7 -11.14 -12.05 25.26
N GLY A 8 -10.02 -11.68 25.87
CA GLY A 8 -8.74 -11.70 25.19
C GLY A 8 -7.86 -12.80 25.72
N PRO A 9 -6.93 -13.29 24.90
CA PRO A 9 -6.05 -14.38 25.32
C PRO A 9 -4.95 -13.96 26.28
N GLY A 10 -4.66 -12.67 26.40
CA GLY A 10 -3.64 -12.19 27.31
C GLY A 10 -2.27 -12.01 26.71
N LEU A 11 -1.70 -13.05 26.11
CA LEU A 11 -0.37 -12.95 25.52
C LEU A 11 -0.24 -13.90 24.35
N VAL A 12 0.30 -13.41 23.24
CA VAL A 12 0.66 -14.23 22.10
C VAL A 12 2.07 -13.85 21.66
N GLN A 13 2.72 -14.75 20.92
CA GLN A 13 4.14 -14.61 20.60
C GLN A 13 4.33 -13.55 19.51
N PRO A 14 5.57 -13.09 19.29
CA PRO A 14 5.83 -12.18 18.16
C PRO A 14 5.50 -12.79 16.81
N SER A 15 4.97 -11.94 15.92
CA SER A 15 4.45 -12.24 14.59
C SER A 15 3.38 -13.31 14.63
N GLN A 16 2.34 -13.16 15.45
CA GLN A 16 1.25 -14.12 15.50
C GLN A 16 -0.09 -13.41 15.37
N SER A 17 -1.16 -14.15 15.61
CA SER A 17 -2.53 -13.68 15.40
C SER A 17 -3.22 -13.50 16.74
N LEU A 18 -4.37 -12.83 16.72
CA LEU A 18 -5.09 -12.43 17.91
C LEU A 18 -6.59 -12.49 17.66
N SER A 19 -7.36 -12.71 18.72
CA SER A 19 -8.81 -12.76 18.64
C SER A 19 -9.44 -12.26 19.93
N ILE A 20 -10.03 -11.07 19.88
CA ILE A 20 -10.72 -10.47 21.02
C ILE A 20 -12.20 -10.42 20.69
N THR A 21 -13.03 -10.95 21.57
CA THR A 21 -14.47 -10.97 21.39
C THR A 21 -15.14 -10.14 22.49
N CYS A 22 -15.74 -9.02 22.09
CA CYS A 22 -16.45 -8.15 23.02
C CYS A 22 -17.92 -8.55 23.02
N THR A 23 -18.36 -9.18 24.11
CA THR A 23 -19.72 -9.65 24.25
C THR A 23 -20.54 -8.58 24.95
N VAL A 24 -21.22 -7.75 24.16
CA VAL A 24 -22.01 -6.64 24.66
C VAL A 24 -23.21 -7.20 25.41
N SER A 25 -23.32 -6.89 26.70
CA SER A 25 -24.36 -7.42 27.55
C SER A 25 -25.34 -6.31 27.88
N GLY A 26 -26.53 -6.37 27.26
CA GLY A 26 -27.62 -5.48 27.64
C GLY A 26 -28.21 -4.68 26.51
N PHE A 27 -27.48 -4.34 25.45
CA PHE A 27 -28.04 -3.44 24.45
C PHE A 27 -27.68 -3.93 23.06
N SER A 28 -28.64 -3.80 22.14
CA SER A 28 -28.53 -4.32 20.80
C SER A 28 -27.59 -3.47 19.96
N LEU A 29 -26.84 -4.13 19.08
CA LEU A 29 -25.77 -3.46 18.33
C LEU A 29 -26.30 -2.58 17.22
N THR A 30 -27.51 -2.81 16.75
CA THR A 30 -27.88 -2.34 15.41
C THR A 30 -28.22 -0.86 15.37
N THR A 31 -28.09 -0.14 16.48
CA THR A 31 -28.23 1.32 16.44
C THR A 31 -27.01 2.05 16.97
N TYR A 32 -26.02 1.36 17.51
CA TYR A 32 -24.83 2.01 18.04
C TYR A 32 -23.58 1.34 17.49
N GLY A 33 -22.66 2.16 17.01
CA GLY A 33 -21.39 1.70 16.51
C GLY A 33 -20.50 1.21 17.62
N ILE A 34 -19.47 0.45 17.25
CA ILE A 34 -18.51 -0.07 18.20
C ILE A 34 -17.11 0.16 17.65
N HIS A 35 -16.31 0.89 18.40
CA HIS A 35 -14.94 1.18 18.02
C HIS A 35 -14.03 0.14 18.63
N TRP A 36 -12.73 0.36 18.42
CA TRP A 36 -11.69 -0.24 19.25
C TRP A 36 -10.61 0.80 19.43
N VAL A 37 -10.10 0.91 20.64
CA VAL A 37 -9.10 1.92 20.98
C VAL A 37 -8.01 1.24 21.81
N ARG A 38 -6.76 1.37 21.37
CA ARG A 38 -5.67 0.71 22.05
C ARG A 38 -4.84 1.70 22.86
N GLN A 39 -4.13 1.17 23.85
CA GLN A 39 -3.32 1.98 24.75
C GLN A 39 -2.10 1.23 25.25
N PRO A 40 -0.91 1.51 24.73
CA PRO A 40 0.30 1.08 25.40
C PRO A 40 0.43 1.82 26.72
N PRO A 41 0.74 1.11 27.81
CA PRO A 41 0.57 1.69 29.16
C PRO A 41 1.53 2.82 29.46
N GLY A 42 1.03 3.84 30.14
CA GLY A 42 1.80 5.04 30.38
C GLY A 42 1.93 5.95 29.18
N LYS A 43 1.29 5.60 28.07
CA LYS A 43 1.38 6.39 26.85
C LYS A 43 -0.01 6.84 26.40
N GLY A 44 -0.08 7.53 25.26
CA GLY A 44 -1.34 8.05 24.78
C GLY A 44 -2.22 7.00 24.15
N LEU A 45 -3.44 7.40 23.78
CA LEU A 45 -4.36 6.52 23.08
C LEU A 45 -4.14 6.63 21.58
N GLU A 46 -4.35 5.51 20.89
CA GLU A 46 -4.28 5.50 19.43
C GLU A 46 -5.46 4.71 18.88
N TRP A 47 -6.11 5.29 17.87
CA TRP A 47 -7.35 4.75 17.32
C TRP A 47 -7.11 3.42 16.64
N LEU A 48 -8.11 2.55 16.71
CA LEU A 48 -8.27 1.44 15.78
C LEU A 48 -9.65 1.56 15.15
N GLY A 49 -9.91 0.73 14.15
CA GLY A 49 -11.11 0.85 13.33
C GLY A 49 -12.43 0.61 14.03
N VAL A 50 -13.51 1.12 13.44
CA VAL A 50 -14.84 1.02 14.02
C VAL A 50 -15.60 -0.05 13.25
N ILE A 51 -16.73 -0.51 13.78
CA ILE A 51 -17.77 -1.14 12.99
C ILE A 51 -19.07 -0.40 13.23
N TRP A 52 -19.63 0.18 12.18
CA TRP A 52 -20.90 0.86 12.31
C TRP A 52 -22.05 -0.14 12.42
N SER A 53 -23.27 0.39 12.52
CA SER A 53 -24.42 -0.47 12.74
C SER A 53 -24.79 -1.25 11.48
N ASN A 54 -24.43 -0.71 10.32
CA ASN A 54 -24.78 -1.36 9.06
C ASN A 54 -23.93 -2.59 8.82
N GLY A 55 -22.62 -2.45 8.97
CA GLY A 55 -21.69 -3.47 8.53
C GLY A 55 -20.54 -2.79 7.82
N ARG A 56 -20.66 -1.46 7.69
CA ARG A 56 -19.57 -0.65 7.15
C ARG A 56 -18.40 -0.66 8.12
N ILE A 57 -17.22 -1.01 7.63
CA ILE A 57 -16.04 -1.22 8.46
C ILE A 57 -15.00 -0.19 8.04
N ASP A 58 -14.39 0.47 9.02
CA ASP A 58 -13.30 1.39 8.78
C ASP A 58 -12.04 0.87 9.45
N TYR A 59 -10.93 1.53 9.14
CA TYR A 59 -9.64 1.29 9.78
C TYR A 59 -8.93 2.62 9.88
N ASN A 60 -7.71 2.61 10.40
CA ASN A 60 -6.97 3.85 10.52
C ASN A 60 -6.18 4.12 9.25
N ALA A 61 -5.69 5.36 9.14
CA ALA A 61 -4.87 5.73 8.00
C ALA A 61 -3.48 5.13 8.11
N ALA A 62 -3.02 4.87 9.34
CA ALA A 62 -1.68 4.35 9.58
C ALA A 62 -1.54 2.91 9.12
N PHE A 63 -2.64 2.17 9.09
CA PHE A 63 -2.66 0.81 8.57
C PHE A 63 -4.06 0.54 8.05
N ILE A 64 -4.16 0.30 6.74
CA ILE A 64 -5.46 0.20 6.12
C ILE A 64 -6.00 -1.21 6.22
N SER A 65 -5.16 -2.21 6.00
CA SER A 65 -5.64 -3.58 6.01
C SER A 65 -4.76 -4.53 6.81
N ARG A 66 -4.02 -4.03 7.78
CA ARG A 66 -3.43 -4.91 8.78
C ARG A 66 -4.51 -5.50 9.68
N LEU A 67 -5.58 -4.74 9.88
CA LEU A 67 -6.62 -5.10 10.84
C LEU A 67 -7.81 -5.68 10.11
N SER A 68 -8.62 -6.49 10.80
CA SER A 68 -9.84 -7.04 10.24
C SER A 68 -10.86 -7.26 11.35
N ILE A 69 -11.81 -6.34 11.48
CA ILE A 69 -12.79 -6.34 12.54
C ILE A 69 -14.10 -6.79 11.91
N THR A 70 -14.66 -7.90 12.39
CA THR A 70 -15.94 -8.38 11.88
C THR A 70 -16.97 -8.38 13.00
N LYS A 71 -18.18 -7.90 12.68
CA LYS A 71 -19.29 -7.87 13.61
C LYS A 71 -20.25 -9.00 13.26
N ASP A 72 -20.79 -9.65 14.28
CA ASP A 72 -21.82 -10.66 14.09
C ASP A 72 -22.88 -10.50 15.17
N ASN A 73 -24.11 -10.18 14.76
CA ASN A 73 -25.22 -9.98 15.68
C ASN A 73 -25.85 -11.28 16.15
N SER A 74 -25.19 -12.42 15.94
CA SER A 74 -25.75 -13.70 16.36
C SER A 74 -25.82 -13.81 17.88
N LYS A 75 -24.67 -13.73 18.55
CA LYS A 75 -24.62 -13.75 20.00
C LYS A 75 -24.09 -12.46 20.59
N SER A 76 -24.32 -11.32 19.90
CA SER A 76 -23.87 -9.98 20.32
C SER A 76 -22.37 -9.91 20.50
N GLN A 77 -21.64 -10.67 19.68
CA GLN A 77 -20.20 -10.74 19.75
C GLN A 77 -19.60 -9.86 18.66
N VAL A 78 -18.57 -9.10 19.02
CA VAL A 78 -17.85 -8.26 18.06
C VAL A 78 -16.43 -8.79 17.97
N PHE A 79 -16.12 -9.41 16.84
CA PHE A 79 -14.84 -10.10 16.67
C PHE A 79 -13.76 -9.09 16.29
N PHE A 80 -12.55 -9.35 16.75
CA PHE A 80 -11.37 -8.55 16.44
C PHE A 80 -10.30 -9.50 15.97
N LYS A 81 -9.65 -9.18 14.85
CA LYS A 81 -8.54 -9.98 14.34
C LYS A 81 -7.44 -9.06 13.84
N MET A 82 -6.32 -9.04 14.55
CA MET A 82 -5.12 -8.35 14.13
C MET A 82 -4.06 -9.39 13.81
N ASN A 83 -3.29 -9.14 12.76
CA ASN A 83 -2.24 -10.05 12.33
C ASN A 83 -0.90 -9.33 12.37
N SER A 84 0.18 -10.10 12.44
CA SER A 84 1.57 -9.64 12.43
C SER A 84 1.84 -8.69 13.60
N LEU A 85 1.63 -9.22 14.79
CA LEU A 85 1.89 -8.46 16.00
C LEU A 85 3.39 -8.36 16.27
N GLN A 86 3.76 -7.35 17.03
CA GLN A 86 5.14 -7.18 17.46
C GLN A 86 5.17 -6.80 18.93
N ASP A 87 6.39 -6.66 19.45
CA ASP A 87 6.58 -6.24 20.84
C ASP A 87 6.38 -4.73 20.98
N ASP A 88 6.28 -4.02 19.85
CA ASP A 88 5.97 -2.61 19.92
C ASP A 88 4.47 -2.33 19.94
N ASP A 89 3.65 -3.38 20.02
CA ASP A 89 2.21 -3.22 20.10
C ASP A 89 1.62 -3.80 21.38
N THR A 90 2.45 -4.05 22.40
CA THR A 90 1.94 -4.43 23.71
C THR A 90 1.16 -3.28 24.30
N ALA A 91 -0.10 -3.51 24.62
CA ALA A 91 -1.00 -2.40 24.89
C ALA A 91 -2.20 -2.90 25.67
N ILE A 92 -3.05 -1.97 26.08
CA ILE A 92 -4.41 -2.27 26.54
C ILE A 92 -5.33 -2.16 25.34
N TYR A 93 -5.97 -3.27 24.99
CA TYR A 93 -6.98 -3.28 23.94
C TYR A 93 -8.33 -3.35 24.62
N TYR A 94 -9.21 -2.40 24.32
CA TYR A 94 -10.55 -2.50 24.87
C TYR A 94 -11.62 -2.06 23.88
N CYS A 95 -12.81 -2.60 24.14
CA CYS A 95 -14.06 -2.28 23.47
C CYS A 95 -14.44 -0.83 23.73
N ALA A 96 -15.42 -0.35 22.97
CA ALA A 96 -15.90 1.01 23.10
C ALA A 96 -17.28 1.11 22.49
N ARG A 97 -17.86 2.29 22.58
CA ARG A 97 -19.14 2.58 21.97
C ARG A 97 -19.21 4.06 21.68
N ASN A 98 -19.92 4.44 20.62
CA ASN A 98 -20.11 5.84 20.33
C ASN A 98 -21.46 6.32 20.85
N VAL A 99 -21.60 7.64 20.90
CA VAL A 99 -22.91 8.29 20.91
C VAL A 99 -23.38 8.17 19.47
N TYR A 100 -24.70 8.09 19.27
CA TYR A 100 -25.49 7.38 18.23
C TYR A 100 -24.82 7.34 16.86
N ASP A 101 -24.34 8.47 16.32
CA ASP A 101 -23.81 8.47 14.95
C ASP A 101 -22.44 9.12 14.87
N SER A 102 -22.18 10.09 15.74
CA SER A 102 -20.90 10.77 15.75
C SER A 102 -19.95 10.09 16.73
N LEU A 103 -18.84 10.75 17.06
CA LEU A 103 -17.73 10.07 17.71
C LEU A 103 -17.58 10.40 19.19
N THR A 104 -18.62 10.85 19.88
CA THR A 104 -18.54 10.94 21.32
C THR A 104 -18.56 9.54 21.90
N TRP A 105 -17.44 9.13 22.50
CA TRP A 105 -17.33 7.79 23.06
C TRP A 105 -18.09 7.79 24.39
N PHE A 106 -19.28 7.16 24.38
CA PHE A 106 -20.16 7.24 25.53
C PHE A 106 -19.61 6.45 26.70
N THR A 107 -19.22 5.21 26.47
CA THR A 107 -18.58 4.43 27.52
C THR A 107 -17.35 3.74 26.96
N TYR A 108 -16.76 2.90 27.80
CA TYR A 108 -15.79 1.90 27.38
C TYR A 108 -16.05 0.72 28.28
N TRP A 109 -15.41 -0.42 28.03
CA TRP A 109 -15.33 -1.38 29.10
C TRP A 109 -14.31 -0.92 30.11
N GLY A 110 -14.74 -0.83 31.37
CA GLY A 110 -13.91 -0.18 32.38
C GLY A 110 -12.66 -0.96 32.73
N GLN A 111 -12.69 -2.27 32.49
CA GLN A 111 -11.50 -3.09 32.71
C GLN A 111 -10.57 -3.03 31.50
N GLY A 112 -11.06 -3.43 30.34
CA GLY A 112 -10.19 -3.58 29.19
C GLY A 112 -9.44 -4.89 29.25
N THR A 113 -8.47 -5.04 28.35
CA THR A 113 -7.61 -6.21 28.36
C THR A 113 -6.19 -5.75 28.03
N LEU A 114 -5.26 -6.12 28.90
CA LEU A 114 -3.86 -5.76 28.73
C LEU A 114 -3.17 -6.93 28.04
N VAL A 115 -2.83 -6.73 26.77
CA VAL A 115 -2.17 -7.75 25.97
C VAL A 115 -0.72 -7.35 25.75
N THR A 116 0.18 -8.29 25.97
CA THR A 116 1.60 -8.07 25.73
C THR A 116 2.13 -9.21 24.88
N VAL A 117 3.16 -8.92 24.10
CA VAL A 117 3.65 -9.81 23.05
C VAL A 117 5.09 -10.17 23.37
N SER A 118 5.35 -11.42 23.71
CA SER A 118 6.71 -11.85 23.99
C SER A 118 6.83 -13.35 23.76
N ALA A 119 8.08 -13.82 23.76
CA ALA A 119 8.35 -15.22 23.49
C ALA A 119 8.40 -16.05 24.77
N ALA A 120 8.38 -15.40 25.93
CA ALA A 120 8.48 -16.11 27.18
C ALA A 120 7.18 -16.84 27.49
N LYS A 121 7.29 -17.87 28.31
CA LYS A 121 6.14 -18.69 28.69
C LYS A 121 5.43 -18.07 29.88
N THR A 122 4.10 -18.09 29.84
CA THR A 122 3.30 -17.78 31.02
C THR A 122 3.50 -18.86 32.07
N THR A 123 3.96 -18.45 33.26
CA THR A 123 4.16 -19.40 34.34
C THR A 123 3.18 -19.07 35.47
N PRO A 124 2.64 -20.08 36.14
CA PRO A 124 1.79 -19.83 37.31
C PRO A 124 2.60 -19.23 38.44
N PRO A 125 2.04 -18.25 39.14
CA PRO A 125 2.81 -17.56 40.19
C PRO A 125 2.96 -18.39 41.45
N SER A 126 3.68 -17.81 42.41
CA SER A 126 3.88 -18.43 43.71
C SER A 126 3.53 -17.43 44.80
N VAL A 127 2.52 -17.76 45.59
CA VAL A 127 1.99 -16.87 46.62
C VAL A 127 2.78 -17.12 47.91
N TYR A 128 3.07 -16.04 48.64
CA TYR A 128 3.79 -16.20 49.88
C TYR A 128 3.15 -15.38 50.98
N PRO A 129 2.89 -15.99 52.15
CA PRO A 129 2.27 -15.26 53.25
C PRO A 129 3.29 -14.38 53.97
N LEU A 130 2.84 -13.22 54.43
CA LEU A 130 3.69 -12.31 55.20
C LEU A 130 2.94 -11.84 56.45
N ALA A 131 3.24 -12.45 57.56
CA ALA A 131 2.84 -12.02 58.89
C ALA A 131 4.06 -11.52 59.65
N PRO A 132 3.93 -10.43 60.42
CA PRO A 132 5.10 -9.82 61.03
C PRO A 132 5.64 -10.64 62.19
N GLY A 133 6.96 -10.54 62.39
CA GLY A 133 7.63 -11.22 63.47
C GLY A 133 7.65 -10.40 64.75
N SER A 134 8.85 -10.16 65.28
CA SER A 134 9.03 -9.36 66.48
C SER A 134 8.65 -7.90 66.26
N SER A 140 -2.88 -1.48 68.82
CA SER A 140 -2.65 -0.32 67.96
C SER A 140 -3.03 -0.65 66.53
N MET A 141 -2.20 -0.22 65.59
CA MET A 141 -2.33 -0.61 64.20
C MET A 141 -1.07 -1.33 63.76
N VAL A 142 -1.26 -2.50 63.17
CA VAL A 142 -0.16 -3.34 62.70
C VAL A 142 -0.41 -3.66 61.23
N THR A 143 0.60 -3.43 60.40
CA THR A 143 0.49 -3.56 58.96
C THR A 143 0.86 -4.98 58.53
N LEU A 144 0.05 -5.57 57.66
CA LEU A 144 0.34 -6.85 57.05
C LEU A 144 0.54 -6.71 55.55
N GLY A 145 1.07 -7.77 54.95
CA GLY A 145 1.32 -7.83 53.53
C GLY A 145 1.26 -9.25 53.03
N CYS A 146 1.49 -9.40 51.73
CA CYS A 146 1.33 -10.70 51.06
C CYS A 146 2.06 -10.65 49.74
N LEU A 147 2.89 -11.67 49.48
CA LEU A 147 3.71 -11.72 48.28
C LEU A 147 3.12 -12.75 47.32
N VAL A 148 3.09 -12.40 46.05
CA VAL A 148 2.94 -13.39 44.99
C VAL A 148 4.11 -13.16 44.05
N LYS A 149 4.65 -14.23 43.49
CA LYS A 149 5.96 -14.20 42.85
C LYS A 149 6.03 -15.17 41.68
N GLY A 150 6.73 -14.77 40.64
CA GLY A 150 7.01 -15.66 39.52
C GLY A 150 5.92 -15.82 38.49
N TYR A 151 5.57 -14.74 37.79
CA TYR A 151 4.54 -14.76 36.77
C TYR A 151 4.92 -13.80 35.64
N PHE A 152 4.67 -14.23 34.41
CA PHE A 152 4.94 -13.33 33.29
C PHE A 152 3.83 -12.32 32.96
N PRO A 153 2.53 -12.66 32.86
CA PRO A 153 1.57 -11.62 32.49
C PRO A 153 1.11 -10.80 33.69
N GLU A 154 1.04 -9.48 33.47
CA GLU A 154 0.65 -8.52 34.51
C GLU A 154 -0.75 -8.69 35.14
N PRO A 155 -1.86 -9.19 34.43
CA PRO A 155 -3.20 -9.25 35.06
C PRO A 155 -3.45 -9.76 36.48
N VAL A 156 -2.45 -10.32 37.16
CA VAL A 156 -2.64 -10.90 38.49
C VAL A 156 -3.13 -9.86 39.49
N THR A 157 -4.21 -10.17 40.17
CA THR A 157 -4.77 -9.32 41.21
C THR A 157 -4.92 -10.11 42.51
N VAL A 158 -4.77 -9.40 43.63
CA VAL A 158 -4.77 -10.00 44.95
C VAL A 158 -5.72 -9.20 45.84
N THR A 159 -6.73 -9.88 46.38
CA THR A 159 -7.69 -9.25 47.28
C THR A 159 -7.63 -9.91 48.64
N TRP A 160 -8.18 -9.21 49.64
CA TRP A 160 -8.06 -9.59 51.04
C TRP A 160 -9.43 -9.90 51.61
N ASN A 161 -9.63 -11.15 52.01
CA ASN A 161 -10.91 -11.73 52.43
C ASN A 161 -11.99 -11.52 51.36
N SER A 162 -11.55 -11.61 50.10
CA SER A 162 -12.36 -11.40 48.90
C SER A 162 -13.07 -10.05 48.92
N GLY A 163 -12.30 -8.97 49.05
CA GLY A 163 -12.83 -7.63 48.96
C GLY A 163 -13.53 -7.11 50.20
N SER A 164 -13.30 -7.71 51.37
CA SER A 164 -13.97 -7.25 52.57
C SER A 164 -13.47 -5.88 52.99
N LEU A 165 -12.17 -5.75 53.17
CA LEU A 165 -11.54 -4.46 53.46
C LEU A 165 -10.91 -3.95 52.17
N SER A 166 -11.15 -2.67 51.86
CA SER A 166 -10.62 -2.10 50.65
C SER A 166 -10.00 -0.73 50.92
N SER A 167 -10.35 -0.13 52.07
CA SER A 167 -9.87 1.21 52.37
C SER A 167 -8.42 1.22 52.83
N GLY A 168 -8.10 0.43 53.84
CA GLY A 168 -6.78 0.39 54.41
C GLY A 168 -5.77 -0.47 53.67
N VAL A 169 -6.05 -0.84 52.44
CA VAL A 169 -5.23 -1.77 51.67
C VAL A 169 -4.46 -1.01 50.61
N HIS A 170 -3.28 -1.51 50.26
CA HIS A 170 -2.50 -0.97 49.16
C HIS A 170 -2.01 -2.12 48.31
N THR A 171 -1.91 -1.92 47.00
CA THR A 171 -1.40 -2.95 46.09
C THR A 171 -0.37 -2.32 45.18
N PHE A 172 0.80 -2.93 45.12
CA PHE A 172 1.98 -2.43 44.44
C PHE A 172 2.05 -2.99 43.03
N PRO A 173 2.56 -2.22 42.07
CA PRO A 173 2.70 -2.73 40.70
C PRO A 173 3.82 -3.75 40.62
N ALA A 174 3.80 -4.55 39.55
CA ALA A 174 4.80 -5.60 39.40
C ALA A 174 5.96 -5.12 38.56
N VAL A 175 7.16 -5.58 38.92
CA VAL A 175 8.39 -5.19 38.25
C VAL A 175 8.98 -6.42 37.57
N LEU A 176 9.40 -6.25 36.32
CA LEU A 176 10.00 -7.32 35.54
C LEU A 176 11.43 -7.54 35.98
N GLN A 177 11.75 -8.79 36.33
CA GLN A 177 13.12 -9.21 36.62
C GLN A 177 13.21 -10.71 36.43
N SER A 178 14.26 -11.18 35.74
CA SER A 178 14.51 -12.59 35.42
C SER A 178 13.33 -13.20 34.67
N ASP A 179 12.81 -12.44 33.70
CA ASP A 179 11.60 -12.74 32.93
C ASP A 179 10.39 -12.97 33.82
N LEU A 180 10.32 -12.30 34.97
CA LEU A 180 9.28 -12.57 35.95
C LEU A 180 8.82 -11.27 36.60
N TYR A 181 7.55 -10.98 36.49
CA TYR A 181 6.94 -9.92 37.26
C TYR A 181 6.57 -10.45 38.63
N THR A 182 6.66 -9.58 39.64
CA THR A 182 6.42 -9.96 41.02
C THR A 182 5.95 -8.74 41.81
N LEU A 183 4.78 -8.85 42.43
CA LEU A 183 4.25 -7.74 43.22
C LEU A 183 3.90 -8.22 44.61
N SER A 184 3.59 -7.24 45.45
CA SER A 184 3.09 -7.47 46.81
C SER A 184 1.93 -6.53 47.03
N SER A 185 1.17 -6.78 48.10
CA SER A 185 0.10 -5.89 48.48
C SER A 185 0.00 -5.79 49.99
N SER A 186 -0.13 -4.57 50.48
CA SER A 186 -0.06 -4.29 51.91
C SER A 186 -1.41 -3.79 52.41
N VAL A 187 -1.63 -3.92 53.71
CA VAL A 187 -2.90 -3.51 54.32
C VAL A 187 -2.66 -3.15 55.78
N THR A 188 -3.17 -2.00 56.19
CA THR A 188 -3.21 -1.59 57.59
C THR A 188 -4.28 -2.42 58.27
N VAL A 189 -3.90 -3.14 59.32
CA VAL A 189 -4.82 -4.07 59.98
C VAL A 189 -5.01 -3.63 61.41
N PRO A 190 -6.25 -3.58 61.88
CA PRO A 190 -6.50 -3.26 63.29
C PRO A 190 -6.07 -4.40 64.20
N SER A 191 -5.49 -4.03 65.36
CA SER A 191 -4.94 -5.02 66.28
C SER A 191 -6.05 -5.78 67.01
N SER A 192 -7.29 -5.31 66.94
CA SER A 192 -8.42 -6.06 67.45
C SER A 192 -8.79 -7.24 66.56
N THR A 193 -8.21 -7.34 65.37
CA THR A 193 -8.64 -8.29 64.36
C THR A 193 -7.62 -9.36 64.01
N TRP A 194 -6.32 -9.05 64.06
CA TRP A 194 -5.33 -9.88 63.37
C TRP A 194 -5.14 -11.30 63.92
N PRO A 195 -4.93 -11.54 65.22
CA PRO A 195 -4.91 -12.96 65.65
C PRO A 195 -6.29 -13.54 65.94
N SER A 196 -7.35 -12.75 65.82
CA SER A 196 -8.71 -13.19 66.09
C SER A 196 -9.54 -13.43 64.84
N GLU A 197 -9.52 -12.50 63.89
CA GLU A 197 -10.20 -12.66 62.62
C GLU A 197 -9.22 -13.25 61.62
N THR A 198 -9.63 -14.29 60.92
CA THR A 198 -8.74 -14.95 59.99
C THR A 198 -8.59 -14.12 58.72
N VAL A 199 -7.35 -13.74 58.43
CA VAL A 199 -7.01 -12.93 57.27
C VAL A 199 -6.74 -13.88 56.12
N THR A 200 -7.34 -13.61 54.96
CA THR A 200 -7.27 -14.51 53.82
C THR A 200 -6.77 -13.77 52.59
N CYS A 201 -5.51 -14.00 52.24
CA CYS A 201 -4.93 -13.50 51.01
C CYS A 201 -5.51 -14.31 49.86
N ASN A 202 -6.02 -13.62 48.84
CA ASN A 202 -6.72 -14.26 47.74
C ASN A 202 -6.12 -13.77 46.43
N VAL A 203 -5.42 -14.66 45.74
CA VAL A 203 -4.66 -14.29 44.55
C VAL A 203 -5.43 -14.78 43.32
N ALA A 204 -5.53 -13.93 42.32
CA ALA A 204 -6.26 -14.22 41.11
C ALA A 204 -5.43 -13.86 39.88
N HIS A 205 -5.05 -14.88 39.11
CA HIS A 205 -4.38 -14.68 37.83
C HIS A 205 -5.24 -15.35 36.76
N PRO A 206 -5.83 -14.56 35.87
CA PRO A 206 -6.74 -15.14 34.87
C PRO A 206 -6.03 -15.83 33.73
N ALA A 207 -4.84 -15.36 33.37
CA ALA A 207 -4.12 -15.97 32.25
C ALA A 207 -3.57 -17.34 32.59
N SER A 208 -3.19 -17.54 33.86
CA SER A 208 -2.89 -18.88 34.36
C SER A 208 -4.14 -19.64 34.76
N SER A 209 -5.27 -18.92 34.91
CA SER A 209 -6.55 -19.47 35.35
C SER A 209 -6.42 -20.23 36.67
N THR A 210 -5.69 -19.63 37.61
CA THR A 210 -5.40 -20.23 38.90
C THR A 210 -5.96 -19.35 40.01
N LYS A 211 -7.02 -19.83 40.65
CA LYS A 211 -7.66 -19.10 41.74
C LYS A 211 -7.43 -19.88 43.02
N VAL A 212 -6.38 -19.53 43.75
CA VAL A 212 -6.03 -20.20 45.00
C VAL A 212 -6.11 -19.18 46.13
N ASP A 213 -6.59 -19.61 47.28
CA ASP A 213 -6.82 -18.73 48.42
C ASP A 213 -5.87 -19.12 49.53
N LYS A 214 -5.33 -18.12 50.23
CA LYS A 214 -4.33 -18.33 51.26
C LYS A 214 -4.74 -17.61 52.53
N LYS A 215 -5.15 -18.37 53.55
CA LYS A 215 -5.43 -17.80 54.85
C LYS A 215 -4.11 -17.39 55.50
N ILE A 216 -4.00 -16.12 55.87
CA ILE A 216 -2.79 -15.59 56.47
C ILE A 216 -2.77 -15.97 57.95
N VAL A 217 -1.86 -16.86 58.31
CA VAL A 217 -1.68 -17.31 59.68
C VAL A 217 -0.90 -16.23 60.44
N PRO A 218 -1.36 -15.79 61.60
CA PRO A 218 -0.51 -14.97 62.46
C PRO A 218 0.71 -15.76 62.93
N ARG A 219 1.84 -15.07 63.03
CA ARG A 219 3.14 -15.70 63.21
C ARG A 219 3.27 -16.34 64.58
N ASP A 220 4.38 -17.05 64.77
CA ASP A 220 4.61 -17.84 65.98
C ASP A 220 5.29 -16.99 67.05
N ASP B 1 -5.47 15.12 8.68
CA ASP B 1 -5.30 14.52 9.99
C ASP B 1 -4.89 15.57 11.02
N ILE B 2 -5.68 15.71 12.08
CA ILE B 2 -5.41 16.70 13.10
C ILE B 2 -4.62 16.04 14.20
N GLN B 3 -3.72 16.80 14.82
CA GLN B 3 -3.02 16.39 16.02
C GLN B 3 -3.40 17.33 17.14
N MET B 4 -3.48 16.80 18.37
CA MET B 4 -3.93 17.57 19.51
C MET B 4 -2.77 17.76 20.49
N THR B 5 -2.11 18.90 20.39
CA THR B 5 -1.06 19.28 21.33
C THR B 5 -1.71 19.83 22.59
N GLN B 6 -1.71 19.02 23.65
CA GLN B 6 -2.08 19.48 24.96
C GLN B 6 -0.90 20.18 25.62
N SER B 7 -1.18 21.29 26.30
CA SER B 7 -0.07 22.14 26.75
C SER B 7 0.66 21.64 28.00
N PRO B 8 0.02 21.26 29.14
CA PRO B 8 0.84 20.87 30.28
C PRO B 8 1.16 19.38 30.29
N SER B 9 2.41 19.04 30.59
CA SER B 9 2.75 17.63 30.76
C SER B 9 2.23 17.10 32.08
N SER B 10 2.32 17.91 33.14
CA SER B 10 1.65 17.61 34.41
C SER B 10 1.42 18.94 35.13
N LEU B 11 0.61 18.87 36.19
CA LEU B 11 0.28 20.07 36.95
C LEU B 11 0.01 19.69 38.40
N ALA B 12 0.66 20.41 39.32
CA ALA B 12 0.63 20.12 40.76
C ALA B 12 -0.03 21.23 41.53
N VAL B 13 -1.25 20.98 42.01
CA VAL B 13 -2.06 22.02 42.65
C VAL B 13 -2.79 21.41 43.84
N SER B 14 -2.63 22.05 44.99
CA SER B 14 -3.32 21.67 46.23
C SER B 14 -4.82 21.84 46.10
N VAL B 15 -5.54 21.24 47.05
CA VAL B 15 -6.98 21.12 46.95
C VAL B 15 -7.65 22.48 47.13
N GLY B 16 -8.82 22.65 46.48
CA GLY B 16 -9.59 23.86 46.59
C GLY B 16 -9.28 24.93 45.56
N GLU B 17 -8.23 24.74 44.76
CA GLU B 17 -7.80 25.80 43.87
C GLU B 17 -8.24 25.53 42.43
N LYS B 18 -7.75 26.36 41.51
CA LYS B 18 -8.19 26.33 40.13
C LYS B 18 -7.04 26.07 39.17
N VAL B 19 -7.25 25.14 38.24
CA VAL B 19 -6.25 24.78 37.25
C VAL B 19 -6.83 25.03 35.86
N THR B 20 -5.95 25.08 34.86
CA THR B 20 -6.35 25.17 33.46
C THR B 20 -5.65 24.08 32.65
N MET B 21 -6.43 23.21 32.02
CA MET B 21 -5.90 22.25 31.07
C MET B 21 -6.32 22.68 29.67
N THR B 22 -5.34 23.05 28.86
CA THR B 22 -5.63 23.51 27.51
C THR B 22 -5.10 22.50 26.50
N CYS B 23 -5.60 22.62 25.26
CA CYS B 23 -5.10 21.81 24.15
C CYS B 23 -5.05 22.73 22.94
N LYS B 24 -4.09 22.48 22.05
CA LYS B 24 -3.94 23.24 20.82
C LYS B 24 -3.93 22.26 19.66
N SER B 25 -4.52 22.67 18.53
CA SER B 25 -4.59 21.83 17.36
C SER B 25 -4.28 22.66 16.13
N SER B 26 -4.28 21.98 14.97
CA SER B 26 -3.97 22.66 13.72
C SER B 26 -5.16 23.46 13.22
N GLN B 27 -6.31 22.82 13.08
CA GLN B 27 -7.39 23.36 12.27
C GLN B 27 -8.44 24.06 13.13
N SER B 28 -9.28 24.86 12.48
CA SER B 28 -10.44 25.43 13.14
C SER B 28 -11.46 24.35 13.43
N LEU B 29 -11.80 24.17 14.70
CA LEU B 29 -12.72 23.11 15.09
C LEU B 29 -14.18 23.50 14.91
N LEU B 30 -14.47 24.77 14.62
CA LEU B 30 -15.86 25.22 14.49
C LEU B 30 -16.34 24.95 13.07
N TYR B 31 -17.14 23.89 12.95
CA TYR B 31 -17.91 23.62 11.75
C TYR B 31 -18.88 24.76 11.48
N SER B 32 -18.64 25.50 10.39
CA SER B 32 -19.16 26.86 10.29
C SER B 32 -20.63 26.90 9.94
N SER B 33 -21.22 25.81 9.48
CA SER B 33 -22.65 25.80 9.19
C SER B 33 -23.45 25.72 10.47
N ASN B 34 -22.95 24.99 11.46
CA ASN B 34 -23.38 25.18 12.83
C ASN B 34 -22.57 26.30 13.45
N GLN B 35 -22.68 26.39 14.77
CA GLN B 35 -21.79 27.24 15.52
C GLN B 35 -21.04 26.47 16.58
N LYS B 36 -21.16 25.14 16.60
CA LYS B 36 -20.46 24.33 17.57
C LYS B 36 -19.08 23.96 17.06
N ASN B 37 -18.21 23.61 17.99
CA ASN B 37 -16.91 23.04 17.66
C ASN B 37 -16.83 21.66 18.27
N TYR B 38 -16.26 20.72 17.54
CA TYR B 38 -16.41 19.31 17.85
C TYR B 38 -15.26 18.82 18.70
N LEU B 39 -15.56 18.39 19.93
CA LEU B 39 -14.51 18.23 20.91
C LEU B 39 -15.00 17.39 22.08
N ALA B 40 -14.05 16.85 22.85
CA ALA B 40 -14.37 16.06 24.02
C ALA B 40 -13.29 16.21 25.08
N TRP B 41 -13.55 15.66 26.26
CA TRP B 41 -12.56 15.54 27.34
C TRP B 41 -12.86 14.26 28.10
N TYR B 42 -11.81 13.58 28.54
CA TYR B 42 -11.97 12.29 29.20
C TYR B 42 -11.19 12.26 30.49
N GLN B 43 -11.68 11.49 31.46
CA GLN B 43 -11.05 11.38 32.77
C GLN B 43 -10.72 9.92 33.05
N GLN B 44 -9.43 9.59 33.04
CA GLN B 44 -8.97 8.23 33.31
C GLN B 44 -8.52 8.14 34.76
N LYS B 45 -9.36 7.55 35.59
CA LYS B 45 -8.92 7.21 36.93
C LYS B 45 -7.95 6.04 36.85
N PRO B 46 -6.95 5.99 37.72
CA PRO B 46 -5.91 4.97 37.60
C PRO B 46 -6.43 3.57 37.89
N GLY B 47 -6.01 2.62 37.06
CA GLY B 47 -6.55 1.28 37.12
C GLY B 47 -7.80 1.07 36.30
N GLN B 48 -8.55 2.13 36.02
CA GLN B 48 -9.81 2.04 35.31
C GLN B 48 -9.68 2.62 33.91
N SER B 49 -10.52 2.13 33.01
CA SER B 49 -10.68 2.79 31.74
C SER B 49 -11.51 4.05 31.91
N PRO B 50 -11.26 5.10 31.12
CA PRO B 50 -11.90 6.39 31.38
C PRO B 50 -13.39 6.41 31.08
N LYS B 51 -13.99 7.59 31.30
CA LYS B 51 -15.39 7.86 31.05
C LYS B 51 -15.51 9.26 30.47
N LEU B 52 -16.72 9.65 30.07
CA LEU B 52 -16.94 10.99 29.56
C LEU B 52 -16.82 12.06 30.63
N LEU B 53 -16.47 13.27 30.21
CA LEU B 53 -16.76 14.46 31.00
C LEU B 53 -17.60 15.46 30.22
N ILE B 54 -17.14 15.84 29.03
CA ILE B 54 -17.65 16.98 28.29
C ILE B 54 -17.74 16.59 26.82
N PHE B 55 -18.87 16.91 26.18
CA PHE B 55 -19.01 16.85 24.74
C PHE B 55 -19.28 18.25 24.22
N TRP B 56 -19.01 18.46 22.92
CA TRP B 56 -19.32 19.70 22.18
C TRP B 56 -18.66 20.94 22.78
N ALA B 57 -17.56 20.72 23.50
CA ALA B 57 -16.57 21.72 23.93
C ALA B 57 -17.11 22.58 25.06
N SER B 58 -18.40 22.60 25.34
CA SER B 58 -18.95 23.21 26.56
C SER B 58 -20.32 22.61 26.83
N THR B 59 -20.34 21.55 27.63
CA THR B 59 -21.54 20.96 28.22
C THR B 59 -21.06 20.18 29.42
N ARG B 60 -21.95 19.37 29.98
CA ARG B 60 -21.61 18.38 30.98
C ARG B 60 -22.32 17.10 30.63
N GLU B 61 -21.72 15.97 30.96
CA GLU B 61 -22.52 14.76 30.86
C GLU B 61 -23.35 14.63 32.13
N SER B 62 -24.40 13.82 32.06
CA SER B 62 -25.30 13.67 33.20
C SER B 62 -24.64 12.86 34.32
N GLY B 63 -24.47 13.49 35.48
CA GLY B 63 -23.89 12.83 36.62
C GLY B 63 -22.43 13.17 36.88
N VAL B 64 -22.01 14.38 36.55
CA VAL B 64 -20.64 14.83 36.77
C VAL B 64 -20.70 16.20 37.44
N PRO B 65 -20.04 16.41 38.57
CA PRO B 65 -20.21 17.65 39.33
C PRO B 65 -19.58 18.84 38.61
N ASP B 66 -20.14 20.02 38.87
CA ASP B 66 -19.91 21.18 38.03
C ASP B 66 -18.68 21.97 38.43
N ARG B 67 -17.70 21.34 39.07
CA ARG B 67 -16.40 21.98 39.24
C ARG B 67 -15.70 22.15 37.90
N PHE B 68 -15.91 21.24 36.97
CA PHE B 68 -15.30 21.30 35.65
C PHE B 68 -16.28 21.91 34.66
N THR B 69 -15.80 22.88 33.88
CA THR B 69 -16.50 23.33 32.69
C THR B 69 -15.46 23.76 31.66
N GLY B 70 -15.81 23.61 30.39
CA GLY B 70 -14.89 23.88 29.30
C GLY B 70 -15.31 25.13 28.55
N SER B 71 -14.32 25.89 28.11
CA SER B 71 -14.56 27.06 27.27
C SER B 71 -13.56 27.03 26.14
N GLY B 72 -13.63 28.04 25.29
CA GLY B 72 -12.75 28.16 24.15
C GLY B 72 -13.48 27.99 22.83
N SER B 73 -12.90 28.58 21.80
CA SER B 73 -13.50 28.57 20.48
C SER B 73 -12.39 28.49 19.43
N GLY B 74 -12.73 27.93 18.29
CA GLY B 74 -11.79 27.89 17.18
C GLY B 74 -10.77 26.79 17.37
N THR B 75 -9.53 27.18 17.61
CA THR B 75 -8.42 26.23 17.67
C THR B 75 -7.88 26.01 19.08
N ASP B 76 -8.02 26.98 19.98
CA ASP B 76 -7.43 26.88 21.31
C ASP B 76 -8.51 27.05 22.36
N PHE B 77 -8.47 26.18 23.37
CA PHE B 77 -9.56 26.04 24.33
C PHE B 77 -8.97 25.50 25.62
N PRO B 78 -9.37 25.97 26.77
CA PRO B 78 -9.00 25.28 28.01
C PRO B 78 -10.11 24.41 28.56
N LEU B 79 -9.76 23.50 29.46
CA LEU B 79 -10.63 23.12 30.56
C LEU B 79 -10.31 24.04 31.74
N THR B 80 -11.24 24.18 32.65
CA THR B 80 -10.97 24.84 33.91
C THR B 80 -11.74 24.14 35.02
N ILE B 81 -11.07 23.99 36.14
CA ILE B 81 -11.65 23.40 37.33
C ILE B 81 -11.86 24.53 38.32
N SER B 82 -13.09 24.67 38.81
CA SER B 82 -13.41 25.81 39.66
C SER B 82 -12.94 25.57 41.09
N SER B 83 -12.81 24.30 41.46
CA SER B 83 -12.21 23.90 42.75
C SER B 83 -11.85 22.43 42.61
N VAL B 84 -10.70 22.04 43.14
CA VAL B 84 -10.24 20.67 42.97
C VAL B 84 -10.45 19.89 44.26
N LYS B 85 -10.97 18.67 44.10
CA LYS B 85 -11.23 17.78 45.22
C LYS B 85 -10.09 16.79 45.36
N ALA B 86 -10.24 15.85 46.30
CA ALA B 86 -9.21 14.85 46.52
C ALA B 86 -9.39 13.65 45.60
N GLU B 87 -10.63 13.32 45.23
CA GLU B 87 -10.86 12.17 44.38
C GLU B 87 -10.61 12.46 42.91
N ASP B 88 -10.42 13.72 42.55
CA ASP B 88 -10.34 14.11 41.15
C ASP B 88 -8.94 13.93 40.55
N LEU B 89 -8.07 13.16 41.21
CA LEU B 89 -6.74 12.90 40.71
C LEU B 89 -6.79 11.91 39.56
N ALA B 90 -6.39 12.34 38.36
CA ALA B 90 -6.53 11.48 37.19
C ALA B 90 -5.65 11.93 36.02
N VAL B 91 -5.94 11.38 34.84
CA VAL B 91 -5.29 11.73 33.58
C VAL B 91 -6.37 12.25 32.64
N TYR B 92 -6.11 13.39 32.01
CA TYR B 92 -7.12 14.11 31.25
C TYR B 92 -6.77 14.11 29.77
N PHE B 93 -7.78 13.92 28.93
CA PHE B 93 -7.60 13.65 27.51
C PHE B 93 -8.26 14.72 26.66
N CYS B 94 -7.65 15.01 25.52
CA CYS B 94 -8.28 15.77 24.45
C CYS B 94 -8.51 14.86 23.26
N GLN B 95 -9.76 14.70 22.86
CA GLN B 95 -10.06 13.77 21.77
C GLN B 95 -11.07 14.38 20.82
N GLN B 96 -11.12 13.84 19.62
CA GLN B 96 -11.50 14.58 18.43
C GLN B 96 -12.76 13.99 17.78
N TYR B 97 -13.50 14.84 17.06
CA TYR B 97 -14.56 14.36 16.19
C TYR B 97 -14.33 14.69 14.71
N THR B 98 -13.77 15.87 14.43
CA THR B 98 -14.05 16.58 13.17
C THR B 98 -13.59 15.82 11.94
N SER B 99 -12.29 15.66 11.76
CA SER B 99 -11.84 14.72 10.75
C SER B 99 -11.97 13.32 11.32
N TYR B 100 -11.93 12.31 10.44
CA TYR B 100 -12.20 10.97 10.94
C TYR B 100 -11.03 10.31 11.65
N PRO B 101 -9.77 10.48 11.23
CA PRO B 101 -8.70 10.13 12.15
C PRO B 101 -8.75 11.02 13.37
N THR B 102 -9.13 10.42 14.49
CA THR B 102 -9.34 11.12 15.75
C THR B 102 -8.41 10.54 16.79
N PHE B 103 -7.62 11.44 17.43
CA PHE B 103 -7.19 11.41 18.84
C PHE B 103 -6.30 12.57 19.26
N GLY B 104 -5.92 12.54 20.53
CA GLY B 104 -4.88 13.38 21.10
C GLY B 104 -4.19 12.64 22.22
N GLY B 105 -3.49 13.39 23.06
CA GLY B 105 -2.70 12.79 24.12
C GLY B 105 -3.25 13.03 25.51
N GLY B 106 -2.56 12.52 26.53
CA GLY B 106 -3.08 12.64 27.89
C GLY B 106 -2.09 13.35 28.80
N THR B 107 -2.60 14.32 29.57
CA THR B 107 -1.85 14.99 30.61
C THR B 107 -2.10 14.33 31.95
N LYS B 108 -1.34 14.75 32.96
CA LYS B 108 -1.40 14.15 34.28
C LYS B 108 -1.74 15.21 35.30
N LEU B 109 -2.64 14.88 36.22
CA LEU B 109 -2.91 15.74 37.36
C LEU B 109 -2.22 15.16 38.58
N GLU B 110 -1.48 15.99 39.29
CA GLU B 110 -0.97 15.72 40.62
C GLU B 110 -1.39 16.84 41.55
N ILE B 111 -1.27 16.62 42.84
CA ILE B 111 -1.85 17.51 43.84
C ILE B 111 -0.87 17.75 44.98
N LYS B 112 -0.86 18.98 45.49
CA LYS B 112 -0.06 19.33 46.64
C LYS B 112 -0.82 19.03 47.91
N ARG B 113 -0.08 18.72 48.97
CA ARG B 113 -0.66 18.12 50.16
C ARG B 113 0.26 18.41 51.34
N ALA B 114 -0.28 18.27 52.55
CA ALA B 114 0.55 18.30 53.74
C ALA B 114 1.46 17.08 53.77
N ASP B 115 2.69 17.29 54.24
CA ASP B 115 3.67 16.21 54.28
C ASP B 115 3.28 15.19 55.35
N ALA B 116 3.80 13.97 55.18
CA ALA B 116 3.47 12.88 56.09
C ALA B 116 4.71 12.05 56.37
N ALA B 117 4.94 11.78 57.65
CA ALA B 117 5.99 10.85 58.02
C ALA B 117 5.54 9.43 57.67
N PRO B 118 6.44 8.60 57.15
CA PRO B 118 6.04 7.27 56.70
C PRO B 118 5.80 6.33 57.85
N THR B 119 5.20 5.20 57.52
CA THR B 119 5.09 4.07 58.44
C THR B 119 5.85 2.90 57.85
N VAL B 120 6.86 2.43 58.57
CA VAL B 120 7.77 1.41 58.10
C VAL B 120 7.35 0.07 58.71
N SER B 121 7.37 -0.98 57.91
CA SER B 121 7.10 -2.33 58.38
C SER B 121 8.02 -3.29 57.64
N ILE B 122 8.65 -4.18 58.39
CA ILE B 122 9.58 -5.16 57.84
C ILE B 122 8.89 -6.51 57.86
N PHE B 123 9.32 -7.42 56.97
CA PHE B 123 8.79 -8.77 56.94
C PHE B 123 9.90 -9.76 56.65
N PRO B 124 10.17 -10.70 57.55
CA PRO B 124 11.13 -11.76 57.26
C PRO B 124 10.49 -12.79 56.33
N PRO B 125 11.31 -13.55 55.58
CA PRO B 125 10.75 -14.54 54.66
C PRO B 125 10.06 -15.70 55.36
N SER B 126 9.46 -16.57 54.55
CA SER B 126 8.52 -17.55 55.06
C SER B 126 9.15 -18.94 55.15
N SER B 127 8.41 -19.84 55.83
CA SER B 127 8.77 -21.27 55.82
C SER B 127 8.50 -21.90 54.46
N GLU B 128 7.60 -21.31 53.67
CA GLU B 128 7.31 -21.84 52.34
C GLU B 128 8.40 -21.46 51.36
N GLN B 129 8.82 -20.19 51.35
CA GLN B 129 9.75 -19.72 50.33
C GLN B 129 11.16 -20.28 50.53
N LEU B 130 11.64 -20.27 51.77
CA LEU B 130 13.01 -20.72 52.03
C LEU B 130 13.14 -22.23 51.86
N THR B 131 12.02 -22.95 51.92
CA THR B 131 12.01 -24.35 51.52
C THR B 131 12.34 -24.49 50.04
N SER B 132 11.94 -23.51 49.22
CA SER B 132 12.19 -23.54 47.79
C SER B 132 13.53 -22.91 47.40
N GLY B 133 14.41 -22.65 48.35
CA GLY B 133 15.78 -22.25 48.04
C GLY B 133 15.99 -20.79 47.74
N GLY B 134 14.96 -19.95 47.82
CA GLY B 134 15.13 -18.54 47.55
C GLY B 134 14.95 -17.68 48.78
N ALA B 135 15.70 -16.59 48.87
CA ALA B 135 15.69 -15.75 50.07
C ALA B 135 15.38 -14.32 49.64
N SER B 136 14.29 -13.78 50.16
CA SER B 136 13.84 -12.43 49.85
C SER B 136 13.14 -11.84 51.06
N VAL B 137 13.85 -10.98 51.78
CA VAL B 137 13.27 -10.21 52.88
C VAL B 137 12.74 -8.91 52.31
N VAL B 138 11.55 -8.51 52.73
CA VAL B 138 10.83 -7.39 52.12
C VAL B 138 10.47 -6.39 53.21
N CYS B 139 10.30 -5.13 52.81
CA CYS B 139 9.99 -4.03 53.72
C CYS B 139 8.90 -3.19 53.08
N PHE B 140 8.00 -2.68 53.89
CA PHE B 140 6.92 -1.82 53.41
C PHE B 140 7.03 -0.44 54.03
N LEU B 141 6.76 0.57 53.23
CA LEU B 141 6.89 1.97 53.62
C LEU B 141 5.60 2.67 53.19
N ASN B 142 4.63 2.73 54.08
CA ASN B 142 3.32 3.27 53.73
C ASN B 142 3.18 4.72 54.17
N ASN B 143 2.24 5.41 53.52
CA ASN B 143 1.59 6.61 54.03
C ASN B 143 2.55 7.78 54.24
N PHE B 144 3.13 8.27 53.14
CA PHE B 144 3.93 9.49 53.14
C PHE B 144 3.55 10.33 51.92
N TYR B 145 3.49 11.64 52.09
CA TYR B 145 3.29 12.49 50.91
C TYR B 145 4.53 12.73 50.07
N PRO B 146 5.65 13.30 50.58
CA PRO B 146 6.68 13.82 49.66
C PRO B 146 7.42 12.70 48.95
N LYS B 147 7.35 12.73 47.62
CA LYS B 147 7.42 11.51 46.81
C LYS B 147 8.81 10.89 46.84
N ASP B 148 9.86 11.70 46.81
CA ASP B 148 11.21 11.16 46.81
C ASP B 148 11.56 10.69 48.21
N ILE B 149 11.78 9.39 48.35
CA ILE B 149 12.24 8.77 49.59
C ILE B 149 13.27 7.73 49.19
N ASN B 150 14.25 7.51 50.06
CA ASN B 150 15.25 6.49 49.79
C ASN B 150 15.20 5.44 50.90
N VAL B 151 14.94 4.21 50.51
CA VAL B 151 15.03 3.06 51.39
C VAL B 151 16.50 2.64 51.41
N LYS B 152 16.98 2.22 52.58
CA LYS B 152 18.33 1.71 52.70
C LYS B 152 18.31 0.35 53.38
N TRP B 153 18.81 -0.67 52.67
CA TRP B 153 19.02 -1.98 53.22
C TRP B 153 20.44 -2.08 53.75
N LYS B 154 20.60 -2.76 54.88
CA LYS B 154 21.92 -2.97 55.47
C LYS B 154 22.01 -4.39 56.02
N ILE B 155 23.17 -5.01 55.84
CA ILE B 155 23.43 -6.35 56.31
C ILE B 155 24.56 -6.29 57.33
N ASP B 156 24.24 -6.61 58.59
CA ASP B 156 25.16 -6.60 59.73
C ASP B 156 25.81 -5.23 59.91
N GLY B 157 25.01 -4.17 59.79
CA GLY B 157 25.50 -2.81 59.92
C GLY B 157 26.15 -2.24 58.68
N SER B 158 26.52 -3.07 57.73
CA SER B 158 27.18 -2.65 56.50
C SER B 158 26.14 -2.34 55.44
N GLU B 159 26.36 -1.25 54.72
CA GLU B 159 25.43 -0.83 53.67
C GLU B 159 25.48 -1.80 52.49
N ARG B 160 24.33 -2.38 52.18
CA ARG B 160 24.18 -3.31 51.07
C ARG B 160 23.35 -2.63 49.99
N GLN B 161 23.82 -2.69 48.75
CA GLN B 161 23.16 -2.04 47.63
C GLN B 161 22.60 -3.01 46.60
N ASN B 162 23.26 -4.13 46.39
CA ASN B 162 22.89 -5.02 45.28
C ASN B 162 21.85 -6.04 45.73
N GLY B 163 20.96 -6.40 44.81
CA GLY B 163 19.95 -7.40 45.08
C GLY B 163 18.61 -6.85 45.50
N VAL B 164 18.38 -5.55 45.34
CA VAL B 164 17.19 -4.89 45.84
C VAL B 164 16.44 -4.26 44.68
N LEU B 165 15.16 -4.58 44.56
CA LEU B 165 14.28 -3.93 43.61
C LEU B 165 13.32 -3.03 44.36
N ASN B 166 13.06 -1.85 43.80
CA ASN B 166 12.17 -0.86 44.41
C ASN B 166 10.95 -0.65 43.55
N SER B 167 9.83 -0.31 44.19
CA SER B 167 8.58 -0.06 43.48
C SER B 167 7.75 0.93 44.27
N TRP B 168 7.41 2.04 43.63
CA TRP B 168 6.50 3.02 44.21
C TRP B 168 5.07 2.65 43.88
N THR B 169 4.13 3.44 44.39
CA THR B 169 2.76 3.42 43.95
C THR B 169 2.35 4.81 43.43
N ASP B 170 1.08 4.94 43.12
CA ASP B 170 0.52 6.22 42.74
C ASP B 170 -0.05 6.93 43.96
N GLN B 171 -0.42 8.18 43.77
CA GLN B 171 -0.99 8.95 44.87
C GLN B 171 -2.44 8.55 45.06
N ASP B 172 -2.81 8.30 46.32
CA ASP B 172 -4.06 7.61 46.60
C ASP B 172 -5.24 8.58 46.51
N SER B 173 -6.41 8.04 46.18
CA SER B 173 -7.61 8.85 46.00
C SER B 173 -8.10 9.48 47.31
N LYS B 174 -7.86 8.84 48.44
CA LYS B 174 -8.46 9.28 49.70
C LYS B 174 -7.56 10.22 50.48
N ASP B 175 -6.36 9.77 50.84
CA ASP B 175 -5.47 10.52 51.71
C ASP B 175 -4.28 11.12 50.98
N SER B 176 -4.17 10.87 49.68
CA SER B 176 -3.15 11.44 48.79
C SER B 176 -1.73 11.11 49.22
N THR B 177 -1.52 9.95 49.83
CA THR B 177 -0.20 9.50 50.23
C THR B 177 0.43 8.63 49.16
N TYR B 178 1.50 7.95 49.55
CA TYR B 178 2.18 6.98 48.71
C TYR B 178 2.55 5.75 49.52
N SER B 179 3.06 4.74 48.83
CA SER B 179 3.46 3.50 49.47
C SER B 179 4.52 2.83 48.59
N MET B 180 5.50 2.21 49.23
CA MET B 180 6.66 1.73 48.51
C MET B 180 7.12 0.40 49.06
N SER B 181 7.45 -0.51 48.15
CA SER B 181 8.03 -1.79 48.50
C SER B 181 9.47 -1.87 48.00
N SER B 182 10.33 -2.41 48.86
CA SER B 182 11.71 -2.70 48.50
C SER B 182 11.92 -4.18 48.74
N THR B 183 12.34 -4.90 47.70
CA THR B 183 12.46 -6.35 47.74
C THR B 183 13.92 -6.72 47.61
N LEU B 184 14.54 -7.10 48.72
CA LEU B 184 15.88 -7.68 48.70
C LEU B 184 15.76 -9.05 48.06
N THR B 185 16.78 -9.43 47.28
CA THR B 185 16.88 -10.77 46.71
C THR B 185 18.28 -11.30 46.97
N LEU B 186 18.37 -12.47 47.59
CA LEU B 186 19.64 -13.13 47.84
C LEU B 186 19.43 -14.64 47.88
N THR B 187 20.49 -15.34 48.26
CA THR B 187 20.40 -16.78 48.44
C THR B 187 20.16 -17.12 49.91
N LYS B 188 19.55 -18.29 50.12
CA LYS B 188 19.33 -18.82 51.47
C LYS B 188 20.66 -19.03 52.19
N ASP B 189 21.71 -19.39 51.44
CA ASP B 189 23.04 -19.54 52.01
C ASP B 189 23.60 -18.20 52.49
N GLU B 190 23.43 -17.15 51.68
CA GLU B 190 23.85 -15.83 52.12
C GLU B 190 22.90 -15.27 53.17
N TYR B 191 21.64 -15.72 53.14
CA TYR B 191 20.69 -15.36 54.18
C TYR B 191 21.12 -15.90 55.54
N GLU B 192 21.48 -17.17 55.60
CA GLU B 192 21.87 -17.76 56.87
C GLU B 192 23.30 -17.43 57.28
N ARG B 193 24.06 -16.76 56.44
CA ARG B 193 25.43 -16.37 56.76
C ARG B 193 25.51 -15.10 57.58
N HIS B 194 24.38 -14.53 57.98
CA HIS B 194 24.36 -13.32 58.79
C HIS B 194 23.22 -13.40 59.79
N ASN B 195 23.20 -12.43 60.70
CA ASN B 195 22.10 -12.26 61.63
C ASN B 195 21.29 -11.01 61.34
N SER B 196 21.95 -9.86 61.26
CA SER B 196 21.26 -8.58 61.19
C SER B 196 20.93 -8.24 59.74
N TYR B 197 19.66 -7.89 59.51
CA TYR B 197 19.20 -7.34 58.24
C TYR B 197 18.36 -6.13 58.57
N THR B 198 18.66 -5.00 57.92
CA THR B 198 18.22 -3.70 58.38
C THR B 198 17.49 -2.95 57.28
N CYS B 199 16.37 -2.34 57.62
CA CYS B 199 15.57 -1.52 56.71
C CYS B 199 15.63 -0.09 57.22
N GLU B 200 16.13 0.84 56.39
CA GLU B 200 16.32 2.22 56.80
C GLU B 200 15.61 3.17 55.84
N ALA B 201 15.13 4.29 56.37
CA ALA B 201 14.36 5.26 55.62
C ALA B 201 15.07 6.61 55.58
N THR B 202 15.42 7.06 54.37
CA THR B 202 15.93 8.39 54.14
C THR B 202 14.79 9.25 53.60
N HIS B 203 14.28 10.16 54.43
CA HIS B 203 13.05 10.88 54.10
C HIS B 203 13.29 12.38 54.26
N LYS B 204 12.34 13.17 53.77
CA LYS B 204 12.47 14.62 53.78
C LYS B 204 11.96 15.23 55.08
N THR B 205 10.89 14.66 55.65
CA THR B 205 10.16 15.26 56.77
C THR B 205 10.98 15.35 58.05
N SER B 206 12.03 14.55 58.18
CA SER B 206 13.03 14.70 59.23
C SER B 206 14.35 14.18 58.69
N THR B 207 15.37 14.18 59.55
CA THR B 207 16.66 13.67 59.13
C THR B 207 17.01 12.34 59.80
N SER B 208 16.21 11.92 60.79
CA SER B 208 16.48 10.67 61.48
C SER B 208 16.08 9.49 60.62
N PRO B 209 16.95 8.51 60.42
CA PRO B 209 16.52 7.29 59.72
C PRO B 209 15.67 6.43 60.62
N ILE B 210 14.38 6.34 60.25
CA ILE B 210 13.46 5.49 60.99
C ILE B 210 13.80 4.04 60.65
N VAL B 211 14.36 3.34 61.62
CA VAL B 211 15.02 2.07 61.38
C VAL B 211 14.06 0.93 61.72
N LYS B 212 14.12 -0.14 60.93
CA LYS B 212 13.53 -1.42 61.26
C LYS B 212 14.53 -2.50 60.90
N SER B 213 14.77 -3.41 61.83
CA SER B 213 15.68 -4.51 61.58
C SER B 213 15.26 -5.69 62.43
N PHE B 214 15.87 -6.83 62.15
CA PHE B 214 15.71 -8.01 62.99
C PHE B 214 16.96 -8.86 62.85
N ASN B 215 17.24 -9.62 63.90
CA ASN B 215 18.34 -10.57 63.90
C ASN B 215 17.78 -11.94 63.57
N ARG B 216 18.56 -12.74 62.85
CA ARG B 216 18.02 -13.96 62.25
C ARG B 216 17.83 -15.07 63.29
N ASN B 217 18.48 -14.94 64.44
CA ASN B 217 18.27 -15.92 65.50
C ASN B 217 16.89 -15.77 66.13
N GLU B 218 16.32 -14.57 66.04
CA GLU B 218 14.99 -14.29 66.57
C GLU B 218 13.91 -14.97 65.73
N CYS C 211 -34.61 10.03 -49.69
CA CYS C 211 -33.39 9.56 -49.04
C CYS C 211 -33.71 8.58 -47.91
N ARG C 212 -33.95 9.14 -46.72
CA ARG C 212 -34.15 8.35 -45.51
C ARG C 212 -35.35 8.88 -44.74
N GLU C 213 -36.27 7.98 -44.37
CA GLU C 213 -37.38 8.35 -43.51
C GLU C 213 -37.03 7.95 -42.08
N LEU C 214 -37.21 8.88 -41.14
CA LEU C 214 -36.76 8.79 -39.76
C LEU C 214 -37.46 7.66 -39.01
N PRO C 215 -36.70 6.80 -38.34
CA PRO C 215 -37.30 5.89 -37.36
C PRO C 215 -37.86 6.68 -36.17
N ALA C 216 -38.96 6.17 -35.63
CA ALA C 216 -39.74 6.90 -34.64
C ALA C 216 -38.98 7.01 -33.32
N GLN C 217 -39.10 8.15 -32.66
CA GLN C 217 -38.40 8.42 -31.41
C GLN C 217 -39.37 8.26 -30.24
N LYS C 218 -39.02 7.36 -29.33
CA LYS C 218 -39.72 7.21 -28.08
C LYS C 218 -39.13 8.17 -27.06
N TRP C 219 -39.68 8.18 -25.84
CA TRP C 219 -39.30 9.24 -24.91
C TRP C 219 -37.99 8.97 -24.21
N TRP C 220 -37.47 7.76 -24.27
CA TRP C 220 -36.30 7.47 -23.44
C TRP C 220 -35.04 7.14 -24.22
N HIS C 221 -35.08 7.17 -25.54
CA HIS C 221 -33.82 7.24 -26.27
C HIS C 221 -33.23 8.63 -26.21
N THR C 222 -34.04 9.62 -25.90
CA THR C 222 -33.72 11.03 -26.11
C THR C 222 -32.95 11.64 -24.94
N GLY C 223 -32.35 10.82 -24.08
CA GLY C 223 -31.61 11.39 -22.97
C GLY C 223 -31.23 10.36 -21.94
N ALA C 224 -31.18 10.81 -20.69
CA ALA C 224 -30.61 10.02 -19.62
C ALA C 224 -31.65 9.63 -18.58
N LEU C 225 -31.40 8.53 -17.89
CA LEU C 225 -32.16 8.11 -16.72
C LEU C 225 -31.51 8.68 -15.48
N TYR C 226 -31.96 8.18 -14.33
CA TYR C 226 -31.42 8.56 -13.03
C TYR C 226 -31.99 7.57 -12.03
N ARG C 227 -31.17 7.08 -11.11
CA ARG C 227 -31.62 6.09 -10.14
C ARG C 227 -31.44 6.64 -8.74
N ILE C 228 -32.49 6.52 -7.93
CA ILE C 228 -32.45 6.91 -6.52
C ILE C 228 -32.85 5.67 -5.72
N GLY C 229 -31.95 5.22 -4.85
CA GLY C 229 -32.24 4.10 -3.97
C GLY C 229 -32.98 4.46 -2.70
N ASP C 230 -32.38 5.33 -1.89
CA ASP C 230 -32.95 5.74 -0.62
C ASP C 230 -33.27 7.23 -0.67
N LEU C 231 -34.56 7.55 -0.76
CA LEU C 231 -35.01 8.94 -0.85
C LEU C 231 -34.66 9.75 0.39
N GLN C 232 -34.70 9.10 1.56
CA GLN C 232 -34.27 9.75 2.79
C GLN C 232 -32.79 10.09 2.76
N ALA C 233 -32.00 9.32 2.02
CA ALA C 233 -30.60 9.64 1.84
C ALA C 233 -30.36 10.65 0.73
N PHE C 234 -31.33 10.86 -0.17
CA PHE C 234 -31.07 11.73 -1.31
C PHE C 234 -31.05 13.20 -0.91
N GLN C 235 -32.17 13.69 -0.41
CA GLN C 235 -32.38 15.12 -0.18
C GLN C 235 -31.92 15.55 1.20
N GLY C 236 -31.19 14.68 1.91
CA GLY C 236 -30.77 14.98 3.26
C GLY C 236 -31.70 14.37 4.30
N HIS C 237 -31.25 14.44 5.55
CA HIS C 237 -31.99 13.79 6.63
C HIS C 237 -33.23 14.59 7.00
N GLY C 238 -34.09 13.99 7.81
CA GLY C 238 -35.30 14.63 8.26
C GLY C 238 -36.41 14.57 7.24
N ALA C 239 -36.30 15.39 6.20
CA ALA C 239 -37.34 15.46 5.16
C ALA C 239 -37.20 14.25 4.24
N GLY C 240 -37.72 13.13 4.70
CA GLY C 240 -37.70 11.92 3.92
C GLY C 240 -39.02 11.67 3.21
N ASN C 241 -39.72 12.75 2.89
CA ASN C 241 -41.04 12.68 2.28
C ASN C 241 -40.92 12.71 0.76
N LEU C 242 -41.90 12.07 0.11
CA LEU C 242 -42.06 12.20 -1.32
C LEU C 242 -42.31 13.66 -1.71
N ALA C 243 -43.09 14.38 -0.93
CA ALA C 243 -43.38 15.78 -1.24
C ALA C 243 -42.18 16.68 -1.04
N GLY C 244 -41.13 16.22 -0.37
CA GLY C 244 -39.94 17.04 -0.19
C GLY C 244 -39.18 17.25 -1.48
N LEU C 245 -39.07 16.21 -2.30
CA LEU C 245 -38.32 16.29 -3.55
C LEU C 245 -39.17 16.96 -4.64
N LYS C 246 -39.38 18.25 -4.44
CA LYS C 246 -39.95 19.10 -5.47
C LYS C 246 -39.19 20.39 -5.66
N GLY C 247 -38.42 20.84 -4.66
CA GLY C 247 -37.38 21.80 -4.92
C GLY C 247 -36.18 21.19 -5.60
N ARG C 248 -35.95 19.89 -5.37
CA ARG C 248 -34.86 19.19 -6.02
C ARG C 248 -35.14 18.89 -7.48
N LEU C 249 -36.40 18.89 -7.90
CA LEU C 249 -36.69 18.62 -9.30
C LEU C 249 -36.32 19.78 -10.21
N ASP C 250 -36.13 20.98 -9.66
CA ASP C 250 -35.51 22.03 -10.46
C ASP C 250 -34.03 21.73 -10.68
N TYR C 251 -33.39 21.07 -9.71
CA TYR C 251 -32.00 20.71 -9.87
C TYR C 251 -31.83 19.57 -10.87
N LEU C 252 -32.73 18.57 -10.85
CA LEU C 252 -32.59 17.46 -11.79
C LEU C 252 -32.91 17.88 -13.21
N SER C 253 -33.59 19.00 -13.40
CA SER C 253 -33.70 19.56 -14.74
C SER C 253 -32.54 20.47 -15.08
N SER C 254 -31.51 20.56 -14.23
CA SER C 254 -30.27 21.15 -14.71
C SER C 254 -29.44 20.12 -15.45
N LEU C 255 -29.39 18.87 -14.96
CA LEU C 255 -28.73 17.83 -15.73
C LEU C 255 -29.58 17.37 -16.90
N LYS C 256 -30.87 17.72 -16.92
CA LYS C 256 -31.78 17.49 -18.03
C LYS C 256 -31.91 16.01 -18.39
N VAL C 257 -31.98 15.18 -17.35
CA VAL C 257 -32.24 13.77 -17.62
C VAL C 257 -33.68 13.61 -18.08
N LYS C 258 -33.89 12.65 -18.96
CA LYS C 258 -35.21 12.44 -19.52
C LYS C 258 -36.03 11.44 -18.73
N GLY C 259 -35.76 11.30 -17.44
CA GLY C 259 -36.57 10.46 -16.58
C GLY C 259 -35.75 10.02 -15.38
N LEU C 260 -36.45 9.44 -14.41
CA LEU C 260 -35.78 8.85 -13.26
C LEU C 260 -36.61 7.69 -12.73
N VAL C 261 -35.94 6.72 -12.13
CA VAL C 261 -36.60 5.64 -11.42
C VAL C 261 -36.51 5.95 -9.93
N LEU C 262 -37.65 5.84 -9.25
CA LEU C 262 -37.75 6.22 -7.86
C LEU C 262 -37.73 4.96 -7.01
N GLY C 263 -37.17 5.10 -5.80
CA GLY C 263 -36.90 3.99 -4.93
C GLY C 263 -38.16 3.28 -4.44
N PRO C 264 -37.99 2.05 -3.94
CA PRO C 264 -39.15 1.22 -3.61
C PRO C 264 -39.90 1.74 -2.40
N ILE C 265 -41.08 2.32 -2.66
CA ILE C 265 -41.86 2.97 -1.61
C ILE C 265 -43.07 2.15 -1.19
N HIS C 266 -43.24 0.95 -1.72
CA HIS C 266 -44.35 0.10 -1.29
C HIS C 266 -44.09 -0.43 0.11
N LYS C 267 -45.17 -0.64 0.86
CA LYS C 267 -45.04 -1.06 2.25
C LYS C 267 -44.63 -2.53 2.29
N ASN C 268 -43.64 -2.83 3.12
CA ASN C 268 -42.97 -4.11 3.08
C ASN C 268 -42.34 -4.38 4.43
N GLN C 269 -43.01 -5.18 5.24
CA GLN C 269 -42.38 -5.79 6.39
C GLN C 269 -41.32 -6.76 5.89
N LYS C 270 -40.12 -6.64 6.46
CA LYS C 270 -38.97 -7.42 6.02
C LYS C 270 -39.21 -8.91 6.20
N ASP C 271 -39.21 -9.63 5.07
CA ASP C 271 -39.35 -11.08 4.89
C ASP C 271 -40.78 -11.58 5.09
N ASP C 272 -41.74 -10.70 5.34
CA ASP C 272 -43.10 -11.10 5.64
C ASP C 272 -43.93 -11.14 4.37
N VAL C 273 -44.46 -12.31 4.03
CA VAL C 273 -45.23 -12.48 2.81
C VAL C 273 -46.59 -11.81 2.92
N ALA C 274 -47.32 -12.10 3.99
CA ALA C 274 -48.73 -11.71 4.09
C ALA C 274 -48.91 -10.21 4.22
N GLN C 275 -47.94 -9.50 4.80
CA GLN C 275 -47.96 -8.05 4.83
C GLN C 275 -46.77 -7.57 4.00
N THR C 276 -46.98 -7.54 2.69
CA THR C 276 -46.05 -6.93 1.75
C THR C 276 -46.90 -6.58 0.53
N ASP C 277 -47.29 -5.33 0.42
CA ASP C 277 -48.32 -4.94 -0.52
C ASP C 277 -47.80 -3.85 -1.44
N LEU C 278 -47.80 -4.12 -2.73
CA LEU C 278 -47.24 -3.23 -3.72
C LEU C 278 -48.19 -2.10 -4.11
N LEU C 279 -49.36 -2.01 -3.50
CA LEU C 279 -50.38 -1.08 -3.95
C LEU C 279 -50.51 0.16 -3.09
N GLN C 280 -49.75 0.27 -1.98
CA GLN C 280 -49.83 1.45 -1.14
C GLN C 280 -48.46 1.82 -0.60
N ILE C 281 -48.28 3.11 -0.35
CA ILE C 281 -46.99 3.67 0.02
C ILE C 281 -46.67 3.31 1.47
N ASP C 282 -45.42 2.88 1.71
CA ASP C 282 -44.94 2.75 3.09
C ASP C 282 -44.94 4.11 3.75
N PRO C 283 -45.65 4.27 4.89
CA PRO C 283 -45.93 5.62 5.41
C PRO C 283 -44.73 6.37 5.98
N ASN C 284 -43.52 5.81 5.90
CA ASN C 284 -42.33 6.62 6.14
C ASN C 284 -42.15 7.68 5.07
N PHE C 285 -42.58 7.40 3.85
CA PHE C 285 -42.29 8.22 2.70
C PHE C 285 -43.33 9.30 2.44
N GLY C 286 -44.45 9.28 3.17
CA GLY C 286 -45.51 10.22 2.91
C GLY C 286 -46.86 9.55 2.78
N SER C 287 -47.60 9.86 1.72
CA SER C 287 -48.90 9.27 1.49
C SER C 287 -49.14 9.19 -0.02
N LYS C 288 -50.22 8.51 -0.40
CA LYS C 288 -50.51 8.31 -1.81
C LYS C 288 -50.87 9.62 -2.50
N GLU C 289 -51.63 10.47 -1.83
CA GLU C 289 -51.98 11.76 -2.42
C GLU C 289 -50.81 12.74 -2.43
N ASP C 290 -49.73 12.46 -1.69
CA ASP C 290 -48.49 13.21 -1.88
C ASP C 290 -47.87 12.86 -3.23
N PHE C 291 -48.04 11.62 -3.67
CA PHE C 291 -47.35 11.12 -4.85
C PHE C 291 -47.96 11.69 -6.13
N ASP C 292 -49.27 11.93 -6.14
CA ASP C 292 -49.86 12.50 -7.34
C ASP C 292 -49.53 13.99 -7.47
N SER C 293 -49.14 14.63 -6.37
CA SER C 293 -48.56 15.97 -6.49
C SER C 293 -47.15 15.90 -7.04
N LEU C 294 -46.46 14.78 -6.83
CA LEU C 294 -45.13 14.63 -7.39
C LEU C 294 -45.18 14.42 -8.90
N LEU C 295 -46.02 13.47 -9.35
CA LEU C 295 -46.16 13.17 -10.77
C LEU C 295 -46.66 14.36 -11.57
N GLN C 296 -47.63 15.10 -11.03
CA GLN C 296 -48.18 16.26 -11.72
C GLN C 296 -47.15 17.39 -11.82
N SER C 297 -46.37 17.60 -10.76
CA SER C 297 -45.36 18.66 -10.78
C SER C 297 -44.14 18.28 -11.60
N ALA C 298 -43.92 16.99 -11.85
CA ALA C 298 -42.75 16.57 -12.59
C ALA C 298 -42.89 16.84 -14.08
N LYS C 299 -44.12 16.77 -14.60
CA LYS C 299 -44.35 17.09 -16.01
C LYS C 299 -44.30 18.58 -16.28
N LYS C 300 -44.12 19.41 -15.25
CA LYS C 300 -43.75 20.80 -15.47
C LYS C 300 -42.33 20.91 -16.00
N LYS C 301 -41.51 19.90 -15.80
CA LYS C 301 -40.16 19.89 -16.33
C LYS C 301 -39.89 18.72 -17.25
N SER C 302 -40.93 18.00 -17.67
CA SER C 302 -40.88 16.92 -18.67
C SER C 302 -39.94 15.80 -18.23
N ILE C 303 -40.06 15.40 -16.97
CA ILE C 303 -39.18 14.40 -16.38
C ILE C 303 -40.04 13.26 -15.89
N ARG C 304 -39.91 12.10 -16.52
CA ARG C 304 -40.73 10.95 -16.21
C ARG C 304 -40.38 10.37 -14.86
N VAL C 305 -41.24 9.47 -14.38
CA VAL C 305 -41.06 8.80 -13.09
C VAL C 305 -41.28 7.31 -13.31
N ILE C 306 -40.42 6.49 -12.71
CA ILE C 306 -40.47 5.04 -12.80
C ILE C 306 -40.38 4.52 -11.37
N LEU C 307 -41.06 3.40 -11.07
CA LEU C 307 -41.05 2.84 -9.72
C LEU C 307 -40.37 1.50 -9.68
N ASP C 308 -39.76 1.19 -8.54
CA ASP C 308 -39.35 -0.17 -8.21
C ASP C 308 -40.58 -1.02 -7.99
N LEU C 309 -40.45 -2.31 -8.25
CA LEU C 309 -41.52 -3.27 -7.97
C LEU C 309 -40.97 -4.58 -7.41
N THR C 310 -39.74 -4.57 -6.94
CA THR C 310 -39.26 -5.73 -6.21
C THR C 310 -39.92 -5.73 -4.84
N PRO C 311 -40.67 -6.78 -4.48
CA PRO C 311 -41.40 -6.78 -3.20
C PRO C 311 -40.48 -6.75 -1.98
N ASN C 312 -39.60 -7.73 -1.85
CA ASN C 312 -38.56 -7.70 -0.83
C ASN C 312 -37.50 -6.73 -1.29
N TYR C 313 -37.14 -5.78 -0.44
CA TYR C 313 -35.90 -5.05 -0.62
C TYR C 313 -35.24 -4.75 0.71
N ARG C 314 -35.72 -5.36 1.79
CA ARG C 314 -35.09 -5.24 3.09
C ARG C 314 -34.50 -6.56 3.55
N GLY C 315 -34.94 -7.69 3.00
CA GLY C 315 -34.24 -8.95 3.15
C GLY C 315 -33.07 -9.02 2.19
N GLU C 316 -32.38 -10.16 2.23
CA GLU C 316 -31.24 -10.34 1.34
C GLU C 316 -31.72 -10.74 -0.05
N ASN C 317 -32.37 -11.88 -0.17
CA ASN C 317 -33.02 -12.27 -1.42
C ASN C 317 -34.22 -11.35 -1.64
N SER C 318 -34.22 -10.64 -2.77
CA SER C 318 -35.18 -9.57 -2.96
C SER C 318 -36.45 -10.05 -3.63
N TRP C 319 -36.69 -11.36 -3.66
CA TRP C 319 -37.80 -11.88 -4.44
C TRP C 319 -38.61 -12.97 -3.74
N PHE C 320 -38.31 -13.26 -2.46
CA PHE C 320 -38.96 -14.31 -1.67
C PHE C 320 -38.92 -15.65 -2.38
N SER C 321 -37.73 -16.26 -2.48
CA SER C 321 -37.47 -17.48 -3.24
C SER C 321 -38.40 -18.66 -2.94
N THR C 322 -38.99 -18.69 -1.76
CA THR C 322 -40.02 -19.66 -1.44
C THR C 322 -41.37 -19.15 -1.90
N GLN C 323 -42.13 -20.04 -2.56
CA GLN C 323 -43.44 -19.76 -3.15
C GLN C 323 -43.35 -18.59 -4.13
N VAL C 324 -42.70 -18.90 -5.25
CA VAL C 324 -42.35 -17.89 -6.25
C VAL C 324 -43.57 -17.31 -6.93
N ASP C 325 -44.52 -18.16 -7.33
CA ASP C 325 -45.58 -17.74 -8.25
C ASP C 325 -46.57 -16.77 -7.63
N THR C 326 -46.77 -16.83 -6.31
CA THR C 326 -47.66 -15.89 -5.64
C THR C 326 -47.08 -14.48 -5.66
N VAL C 327 -45.76 -14.38 -5.60
CA VAL C 327 -45.08 -13.10 -5.70
C VAL C 327 -45.28 -12.45 -7.05
N ALA C 328 -45.08 -13.21 -8.13
CA ALA C 328 -45.39 -12.72 -9.47
C ALA C 328 -46.85 -12.43 -9.66
N THR C 329 -47.73 -13.24 -9.07
CA THR C 329 -49.15 -12.96 -9.06
C THR C 329 -49.48 -11.66 -8.35
N LYS C 330 -48.71 -11.33 -7.30
CA LYS C 330 -48.88 -10.06 -6.62
C LYS C 330 -48.42 -8.89 -7.48
N VAL C 331 -47.29 -9.03 -8.18
CA VAL C 331 -46.80 -7.91 -8.95
C VAL C 331 -47.58 -7.78 -10.26
N LYS C 332 -48.25 -8.85 -10.70
CA LYS C 332 -49.04 -8.81 -11.93
C LYS C 332 -50.24 -7.89 -11.77
N ASP C 333 -50.90 -7.94 -10.62
CA ASP C 333 -51.97 -7.00 -10.34
C ASP C 333 -51.44 -5.60 -10.09
N ALA C 334 -50.23 -5.49 -9.54
CA ALA C 334 -49.61 -4.22 -9.19
C ALA C 334 -49.29 -3.38 -10.42
N LEU C 335 -49.10 -4.00 -11.57
CA LEU C 335 -48.89 -3.28 -12.82
C LEU C 335 -50.09 -2.47 -13.23
N GLU C 336 -51.30 -3.01 -13.04
CA GLU C 336 -52.53 -2.38 -13.48
C GLU C 336 -52.88 -1.13 -12.69
N PHE C 337 -52.67 -1.17 -11.37
CA PHE C 337 -53.06 -0.03 -10.55
C PHE C 337 -52.15 1.17 -10.80
N TRP C 338 -50.84 0.94 -10.88
CA TRP C 338 -49.93 2.04 -11.11
C TRP C 338 -50.02 2.60 -12.53
N LEU C 339 -50.37 1.77 -13.50
CA LEU C 339 -50.62 2.28 -14.83
C LEU C 339 -51.88 3.12 -14.89
N GLN C 340 -52.90 2.76 -14.12
CA GLN C 340 -54.06 3.64 -13.97
C GLN C 340 -53.78 4.79 -13.02
N ALA C 341 -52.68 4.74 -12.27
CA ALA C 341 -52.26 5.86 -11.45
C ALA C 341 -51.52 6.93 -12.23
N GLY C 342 -51.20 6.67 -13.49
CA GLY C 342 -50.58 7.67 -14.35
C GLY C 342 -49.07 7.60 -14.41
N VAL C 343 -48.44 6.78 -13.59
CA VAL C 343 -46.99 6.67 -13.67
C VAL C 343 -46.62 5.84 -14.90
N ASP C 344 -45.40 6.02 -15.40
CA ASP C 344 -44.97 5.42 -16.65
C ASP C 344 -43.59 4.79 -16.48
N GLY C 345 -43.57 3.49 -16.24
CA GLY C 345 -42.35 2.71 -16.24
C GLY C 345 -42.12 2.04 -14.91
N PHE C 346 -41.52 0.85 -14.99
CA PHE C 346 -41.25 0.07 -13.81
C PHE C 346 -39.79 -0.38 -13.86
N GLN C 347 -39.37 -1.11 -12.83
CA GLN C 347 -38.00 -1.57 -12.76
C GLN C 347 -37.96 -2.76 -11.84
N VAL C 348 -37.36 -3.85 -12.31
CA VAL C 348 -37.16 -5.02 -11.49
C VAL C 348 -35.67 -5.29 -11.41
N ARG C 349 -35.22 -5.72 -10.24
CA ARG C 349 -33.82 -6.02 -10.01
C ARG C 349 -33.68 -7.44 -9.48
N ASP C 350 -32.53 -8.03 -9.82
CA ASP C 350 -32.16 -9.40 -9.41
C ASP C 350 -33.18 -10.43 -9.88
N ILE C 351 -33.47 -10.41 -11.19
CA ILE C 351 -34.38 -11.38 -11.76
C ILE C 351 -33.79 -12.78 -11.82
N GLU C 352 -32.47 -12.91 -11.67
CA GLU C 352 -31.85 -14.22 -11.57
C GLU C 352 -32.11 -14.87 -10.22
N ASN C 353 -32.44 -14.08 -9.20
CA ASN C 353 -32.95 -14.62 -7.96
C ASN C 353 -34.34 -15.20 -8.12
N LEU C 354 -35.17 -14.55 -8.93
CA LEU C 354 -36.44 -15.12 -9.34
C LEU C 354 -36.20 -16.37 -10.16
N LYS C 355 -36.91 -17.45 -9.87
CA LYS C 355 -36.84 -18.58 -10.76
C LYS C 355 -37.59 -18.26 -12.06
N ASP C 356 -37.18 -18.95 -13.14
CA ASP C 356 -37.68 -18.90 -14.52
C ASP C 356 -38.11 -17.52 -15.00
N ALA C 357 -37.19 -16.57 -14.95
CA ALA C 357 -37.50 -15.15 -15.11
C ALA C 357 -37.94 -14.77 -16.51
N SER C 358 -37.55 -15.51 -17.54
CA SER C 358 -37.96 -15.15 -18.89
C SER C 358 -39.44 -15.37 -19.15
N SER C 359 -39.99 -16.49 -18.68
CA SER C 359 -41.41 -16.79 -18.84
C SER C 359 -42.29 -15.78 -18.10
N PHE C 360 -41.79 -15.21 -17.01
CA PHE C 360 -42.56 -14.18 -16.33
C PHE C 360 -42.29 -12.80 -16.90
N LEU C 361 -41.19 -12.62 -17.64
CA LEU C 361 -40.91 -11.32 -18.21
C LEU C 361 -41.82 -10.98 -19.39
N ALA C 362 -42.54 -11.97 -19.93
CA ALA C 362 -43.42 -11.72 -21.06
C ALA C 362 -44.62 -10.88 -20.66
N GLU C 363 -45.41 -11.36 -19.71
CA GLU C 363 -46.70 -10.72 -19.42
C GLU C 363 -46.51 -9.40 -18.69
N TRP C 364 -45.39 -9.22 -18.01
CA TRP C 364 -45.10 -7.93 -17.42
C TRP C 364 -44.73 -6.92 -18.50
N GLN C 365 -44.08 -7.39 -19.57
CA GLN C 365 -43.87 -6.54 -20.73
C GLN C 365 -45.17 -6.32 -21.49
N ASN C 366 -46.05 -7.32 -21.46
CA ASN C 366 -47.23 -7.32 -22.29
C ASN C 366 -48.24 -6.31 -21.78
N ILE C 367 -48.40 -6.23 -20.46
CA ILE C 367 -49.40 -5.34 -19.86
C ILE C 367 -48.93 -3.90 -19.91
N THR C 368 -47.63 -3.67 -19.72
CA THR C 368 -47.12 -2.31 -19.81
C THR C 368 -46.98 -1.86 -21.25
N LYS C 369 -47.13 -2.78 -22.19
CA LYS C 369 -47.41 -2.38 -23.56
C LYS C 369 -48.90 -2.32 -23.85
N GLY C 370 -49.73 -2.91 -23.00
CA GLY C 370 -51.15 -2.96 -23.20
C GLY C 370 -51.86 -1.63 -23.09
N PHE C 371 -51.67 -0.93 -21.97
CA PHE C 371 -52.44 0.30 -21.75
C PHE C 371 -51.90 1.44 -22.59
N SER C 372 -50.61 1.41 -22.89
CA SER C 372 -50.00 2.35 -23.82
C SER C 372 -48.69 1.74 -24.30
N GLU C 373 -48.13 2.35 -25.35
CA GLU C 373 -46.84 1.96 -25.86
C GLU C 373 -45.78 3.04 -25.69
N ASP C 374 -45.93 3.89 -24.68
CA ASP C 374 -44.96 4.92 -24.35
C ASP C 374 -44.43 4.67 -22.94
N ARG C 375 -44.56 3.43 -22.48
CA ARG C 375 -44.10 3.01 -21.17
C ARG C 375 -42.72 2.37 -21.29
N LEU C 376 -42.30 1.72 -20.22
CA LEU C 376 -40.94 1.23 -20.06
C LEU C 376 -40.93 0.08 -19.08
N LEU C 377 -40.00 -0.85 -19.26
CA LEU C 377 -39.89 -1.99 -18.36
C LEU C 377 -38.44 -2.41 -18.30
N ILE C 378 -37.74 -2.02 -17.24
CA ILE C 378 -36.31 -2.24 -17.11
C ILE C 378 -36.09 -3.45 -16.22
N ALA C 379 -35.32 -4.42 -16.70
CA ALA C 379 -34.93 -5.56 -15.89
C ALA C 379 -33.48 -5.39 -15.44
N GLY C 380 -33.07 -6.21 -14.49
CA GLY C 380 -31.72 -6.15 -13.98
C GLY C 380 -31.21 -7.53 -13.61
N THR C 381 -29.90 -7.68 -13.71
CA THR C 381 -29.22 -8.92 -13.36
C THR C 381 -27.80 -8.60 -12.97
N ASN C 382 -27.04 -9.64 -12.59
CA ASN C 382 -25.65 -9.46 -12.21
C ASN C 382 -24.67 -10.29 -13.04
N SER C 383 -25.14 -11.39 -13.63
CA SER C 383 -24.26 -12.30 -14.35
C SER C 383 -23.75 -11.66 -15.63
N SER C 384 -22.43 -11.49 -15.71
CA SER C 384 -21.79 -10.74 -16.79
C SER C 384 -21.39 -11.62 -17.97
N ASP C 385 -21.92 -12.83 -18.06
CA ASP C 385 -21.63 -13.70 -19.20
C ASP C 385 -22.61 -13.39 -20.31
N LEU C 386 -22.10 -13.32 -21.53
CA LEU C 386 -22.92 -12.87 -22.65
C LEU C 386 -23.95 -13.91 -23.07
N GLN C 387 -23.69 -15.19 -22.79
CA GLN C 387 -24.65 -16.21 -23.19
C GLN C 387 -25.83 -16.30 -22.25
N GLN C 388 -25.74 -15.67 -21.07
CA GLN C 388 -26.92 -15.48 -20.24
C GLN C 388 -27.66 -14.21 -20.62
N ILE C 389 -26.91 -13.15 -20.97
CA ILE C 389 -27.48 -11.83 -21.15
C ILE C 389 -28.38 -11.77 -22.38
N LEU C 390 -27.88 -12.14 -23.55
CA LEU C 390 -28.73 -12.07 -24.73
C LEU C 390 -29.66 -13.26 -24.83
N SER C 391 -29.53 -14.25 -23.95
CA SER C 391 -30.57 -15.26 -23.79
C SER C 391 -31.83 -14.70 -23.13
N LEU C 392 -31.77 -13.48 -22.59
CA LEU C 392 -32.95 -12.76 -22.18
C LEU C 392 -33.49 -11.85 -23.27
N LEU C 393 -32.61 -11.26 -24.07
CA LEU C 393 -33.02 -10.35 -25.12
C LEU C 393 -33.31 -11.06 -26.44
N GLU C 394 -33.36 -12.39 -26.45
CA GLU C 394 -33.52 -13.15 -27.68
C GLU C 394 -34.91 -13.02 -28.29
N SER C 395 -35.96 -13.02 -27.48
CA SER C 395 -37.33 -12.82 -27.98
C SER C 395 -37.98 -11.63 -27.27
N ASN C 396 -37.45 -11.27 -26.12
CA ASN C 396 -37.90 -10.11 -25.37
C ASN C 396 -37.01 -8.94 -25.76
N LYS C 397 -37.45 -8.18 -26.75
CA LYS C 397 -36.61 -7.19 -27.41
C LYS C 397 -36.97 -5.76 -27.07
N ASP C 398 -38.17 -5.53 -26.60
CA ASP C 398 -38.66 -4.17 -26.34
C ASP C 398 -38.55 -3.81 -24.86
N LEU C 399 -37.50 -4.29 -24.20
CA LEU C 399 -37.20 -3.93 -22.82
C LEU C 399 -35.73 -3.55 -22.71
N LEU C 400 -35.46 -2.54 -21.91
CA LEU C 400 -34.09 -2.23 -21.55
C LEU C 400 -33.60 -3.27 -20.55
N LEU C 401 -32.28 -3.36 -20.40
CA LEU C 401 -31.70 -4.21 -19.39
C LEU C 401 -30.40 -3.59 -18.92
N THR C 402 -30.12 -3.71 -17.62
CA THR C 402 -28.86 -3.28 -17.05
C THR C 402 -28.25 -4.45 -16.29
N SER C 403 -26.93 -4.58 -16.40
CA SER C 403 -26.24 -5.70 -15.80
C SER C 403 -24.89 -5.26 -15.26
N SER C 404 -24.14 -6.23 -14.78
CA SER C 404 -22.77 -6.01 -14.33
C SER C 404 -21.78 -6.45 -15.41
N TYR C 405 -22.17 -6.26 -16.68
CA TYR C 405 -21.36 -6.69 -17.81
C TYR C 405 -20.09 -5.86 -17.93
N LEU C 406 -20.21 -4.56 -17.81
CA LEU C 406 -19.02 -3.72 -17.84
C LEU C 406 -18.41 -3.51 -16.47
N SER C 407 -18.78 -4.32 -15.48
CA SER C 407 -18.25 -4.14 -14.14
C SER C 407 -16.78 -4.50 -14.06
N ASP C 408 -16.43 -5.72 -14.47
CA ASP C 408 -15.08 -6.25 -14.27
C ASP C 408 -14.11 -5.59 -15.25
N SER C 409 -13.62 -4.42 -14.83
CA SER C 409 -12.52 -3.78 -15.51
C SER C 409 -11.27 -4.62 -15.30
N GLY C 410 -10.45 -4.78 -16.33
CA GLY C 410 -9.23 -5.52 -16.15
C GLY C 410 -8.08 -4.62 -15.71
N SER C 411 -8.15 -4.14 -14.46
CA SER C 411 -7.11 -3.33 -13.82
C SER C 411 -6.81 -2.07 -14.62
N THR C 412 -7.75 -1.12 -14.62
CA THR C 412 -7.81 0.12 -15.40
C THR C 412 -7.98 -0.20 -16.88
N GLY C 413 -9.09 -0.86 -17.20
CA GLY C 413 -9.66 -0.82 -18.52
C GLY C 413 -8.89 -1.47 -19.65
N GLU C 414 -8.38 -2.67 -19.44
CA GLU C 414 -7.66 -3.31 -20.53
C GLU C 414 -8.58 -4.11 -21.43
N HIS C 415 -9.78 -4.45 -20.97
CA HIS C 415 -10.70 -5.28 -21.72
C HIS C 415 -11.83 -4.45 -22.34
N THR C 416 -11.84 -3.15 -22.05
CA THR C 416 -12.98 -2.30 -22.33
C THR C 416 -13.24 -2.09 -23.81
N LYS C 417 -12.18 -1.89 -24.60
CA LYS C 417 -12.37 -1.69 -26.03
C LYS C 417 -12.86 -2.97 -26.71
N SER C 418 -12.57 -4.13 -26.12
CA SER C 418 -13.25 -5.33 -26.56
C SER C 418 -14.63 -5.45 -25.97
N LEU C 419 -14.84 -4.94 -24.75
CA LEU C 419 -16.10 -5.19 -24.04
C LEU C 419 -17.24 -4.36 -24.58
N VAL C 420 -16.97 -3.19 -25.13
CA VAL C 420 -18.01 -2.45 -25.83
C VAL C 420 -18.30 -3.11 -27.17
N THR C 421 -17.26 -3.48 -27.90
CA THR C 421 -17.41 -3.85 -29.30
C THR C 421 -18.04 -5.23 -29.45
N GLN C 422 -17.63 -6.19 -28.62
CA GLN C 422 -18.24 -7.52 -28.66
C GLN C 422 -19.71 -7.50 -28.28
N TYR C 423 -20.07 -6.67 -27.30
CA TYR C 423 -21.47 -6.49 -26.95
C TYR C 423 -22.24 -5.81 -28.07
N LEU C 424 -21.73 -4.69 -28.58
CA LEU C 424 -22.39 -3.94 -29.63
C LEU C 424 -22.42 -4.67 -30.97
N ASN C 425 -21.64 -5.72 -31.13
CA ASN C 425 -21.77 -6.54 -32.33
C ASN C 425 -22.73 -7.69 -32.15
N ALA C 426 -22.67 -8.41 -31.02
CA ALA C 426 -23.55 -9.53 -30.78
C ALA C 426 -25.00 -9.14 -30.57
N THR C 427 -25.27 -7.88 -30.27
CA THR C 427 -26.64 -7.42 -30.03
C THR C 427 -27.45 -7.23 -31.29
N GLY C 428 -26.84 -7.33 -32.47
CA GLY C 428 -27.57 -7.12 -33.71
C GLY C 428 -28.01 -5.69 -33.93
N ASN C 429 -27.35 -4.75 -33.26
CA ASN C 429 -27.60 -3.30 -33.37
C ASN C 429 -29.06 -2.94 -33.06
N ARG C 430 -29.55 -3.46 -31.94
CA ARG C 430 -30.81 -3.00 -31.38
C ARG C 430 -30.54 -1.75 -30.55
N TRP C 431 -31.51 -1.35 -29.75
CA TRP C 431 -31.26 -0.36 -28.72
C TRP C 431 -31.03 -1.06 -27.40
N CYS C 432 -29.96 -0.70 -26.72
CA CYS C 432 -29.65 -1.28 -25.43
C CYS C 432 -29.46 -0.17 -24.41
N SER C 433 -28.92 -0.50 -23.25
CA SER C 433 -28.74 0.48 -22.19
C SER C 433 -27.38 0.27 -21.55
N TRP C 434 -26.70 1.38 -21.29
CA TRP C 434 -25.32 1.36 -20.82
C TRP C 434 -25.26 1.73 -19.36
N SER C 435 -24.87 0.76 -18.53
CA SER C 435 -24.69 1.04 -17.11
C SER C 435 -23.65 0.10 -16.55
N LEU C 436 -22.98 0.56 -15.49
CA LEU C 436 -22.01 -0.27 -14.80
C LEU C 436 -22.70 -1.36 -13.99
N SER C 437 -23.70 -1.00 -13.20
CA SER C 437 -24.41 -1.98 -12.41
C SER C 437 -25.84 -1.51 -12.20
N GLN C 438 -26.67 -2.41 -11.66
CA GLN C 438 -28.10 -2.17 -11.63
C GLN C 438 -28.52 -1.23 -10.52
N ALA C 439 -27.78 -1.20 -9.42
CA ALA C 439 -28.24 -0.37 -8.30
C ALA C 439 -27.13 0.35 -7.54
N ARG C 440 -25.87 0.21 -7.95
CA ARG C 440 -24.76 0.75 -7.19
C ARG C 440 -24.22 1.97 -7.92
N LEU C 441 -23.36 2.72 -7.23
CA LEU C 441 -22.83 3.93 -7.81
C LEU C 441 -21.75 3.60 -8.83
N LEU C 442 -21.29 4.64 -9.54
CA LEU C 442 -20.16 4.49 -10.43
C LEU C 442 -18.87 4.21 -9.66
N THR C 443 -18.59 5.03 -8.65
CA THR C 443 -17.29 5.04 -8.00
C THR C 443 -17.05 3.84 -7.08
N SER C 444 -17.95 2.88 -6.99
CA SER C 444 -17.67 1.69 -6.21
C SER C 444 -17.04 0.59 -7.05
N PHE C 445 -16.55 0.91 -8.24
CA PHE C 445 -15.83 -0.07 -9.06
C PHE C 445 -14.55 0.48 -9.67
N LEU C 446 -14.40 1.80 -9.75
CA LEU C 446 -13.41 2.46 -10.58
C LEU C 446 -12.47 3.27 -9.71
N PRO C 447 -11.30 3.64 -10.22
CA PRO C 447 -10.54 4.72 -9.58
C PRO C 447 -11.22 6.06 -9.79
N ALA C 448 -10.79 7.03 -9.01
CA ALA C 448 -11.32 8.39 -9.17
C ALA C 448 -10.63 9.15 -10.29
N GLN C 449 -9.62 8.57 -10.92
CA GLN C 449 -8.98 9.18 -12.07
C GLN C 449 -9.65 8.82 -13.38
N LEU C 450 -10.50 7.79 -13.39
CA LEU C 450 -11.23 7.39 -14.59
C LEU C 450 -12.63 7.98 -14.63
N LEU C 451 -12.95 8.85 -13.68
CA LEU C 451 -14.32 9.30 -13.53
C LEU C 451 -14.71 10.37 -14.54
N ARG C 452 -13.77 10.90 -15.29
CA ARG C 452 -14.11 11.78 -16.40
C ARG C 452 -13.98 11.09 -17.75
N LEU C 453 -13.61 9.81 -17.77
CA LEU C 453 -13.48 9.08 -19.02
C LEU C 453 -14.50 7.97 -19.15
N TYR C 454 -15.53 7.96 -18.32
CA TYR C 454 -16.63 7.06 -18.55
C TYR C 454 -17.93 7.76 -18.88
N GLN C 455 -18.21 8.90 -18.27
CA GLN C 455 -19.37 9.68 -18.69
C GLN C 455 -19.17 10.26 -20.09
N LEU C 456 -17.94 10.37 -20.55
CA LEU C 456 -17.69 10.60 -21.97
C LEU C 456 -18.06 9.38 -22.79
N MET C 457 -17.73 8.19 -22.31
CA MET C 457 -18.05 6.99 -23.06
C MET C 457 -19.50 6.58 -22.87
N LEU C 458 -20.06 6.77 -21.67
CA LEU C 458 -21.42 6.30 -21.41
C LEU C 458 -22.47 7.18 -22.07
N PHE C 459 -22.09 8.37 -22.50
CA PHE C 459 -23.02 9.24 -23.18
C PHE C 459 -23.05 9.06 -24.67
N THR C 460 -21.90 8.90 -25.32
CA THR C 460 -21.87 8.81 -26.77
C THR C 460 -21.93 7.38 -27.25
N LEU C 461 -22.18 6.47 -26.42
CA LEU C 461 -22.42 5.15 -26.98
C LEU C 461 -23.87 5.03 -27.44
N PRO C 462 -24.20 4.12 -28.37
CA PRO C 462 -25.61 3.94 -28.75
C PRO C 462 -26.38 3.15 -27.72
N GLY C 463 -26.85 3.84 -26.68
CA GLY C 463 -27.69 3.18 -25.71
C GLY C 463 -28.23 4.17 -24.70
N THR C 464 -28.96 3.64 -23.73
CA THR C 464 -29.62 4.47 -22.73
C THR C 464 -28.68 4.63 -21.55
N PRO C 465 -28.27 5.85 -21.20
CA PRO C 465 -27.39 6.01 -20.06
C PRO C 465 -28.14 5.87 -18.75
N VAL C 466 -27.66 4.95 -17.91
CA VAL C 466 -28.29 4.65 -16.64
C VAL C 466 -27.24 4.93 -15.58
N PHE C 467 -27.38 6.05 -14.90
CA PHE C 467 -26.50 6.38 -13.80
C PHE C 467 -27.10 5.89 -12.49
N SER C 468 -26.58 6.43 -11.40
CA SER C 468 -27.30 6.44 -10.14
C SER C 468 -27.31 7.87 -9.62
N TYR C 469 -27.74 8.05 -8.39
CA TYR C 469 -27.73 9.38 -7.84
C TYR C 469 -26.35 9.71 -7.34
N GLY C 470 -26.05 11.00 -7.27
CA GLY C 470 -24.79 11.45 -6.73
C GLY C 470 -23.58 11.29 -7.62
N ASP C 471 -23.64 10.50 -8.71
CA ASP C 471 -22.45 10.30 -9.52
C ASP C 471 -22.18 11.46 -10.45
N GLU C 472 -23.09 12.42 -10.54
CA GLU C 472 -22.78 13.70 -11.16
C GLU C 472 -21.93 14.58 -10.29
N ILE C 473 -21.71 14.20 -9.04
CA ILE C 473 -20.61 14.69 -8.23
C ILE C 473 -19.43 13.76 -8.31
N GLY C 474 -19.66 12.48 -8.55
CA GLY C 474 -18.64 11.47 -8.36
C GLY C 474 -18.52 11.17 -6.89
N LEU C 475 -19.66 10.85 -6.29
CA LEU C 475 -19.74 10.65 -4.86
C LEU C 475 -19.02 9.38 -4.44
N ASP C 476 -18.21 9.49 -3.39
CA ASP C 476 -17.36 8.40 -2.94
C ASP C 476 -18.00 7.74 -1.73
N ALA C 477 -18.45 6.50 -1.90
CA ALA C 477 -18.98 5.75 -0.76
C ALA C 477 -17.85 5.39 0.19
N ALA C 478 -16.69 5.04 -0.34
CA ALA C 478 -15.49 4.98 0.46
C ALA C 478 -15.06 6.38 0.85
N ALA C 479 -14.19 6.46 1.87
CA ALA C 479 -13.76 7.72 2.50
C ALA C 479 -14.95 8.57 2.96
N LEU C 480 -15.99 7.88 3.46
CA LEU C 480 -17.11 8.48 4.15
C LEU C 480 -17.51 7.42 5.16
N PRO C 481 -17.21 7.60 6.42
CA PRO C 481 -17.57 6.60 7.42
C PRO C 481 -19.00 6.78 7.89
N GLY C 482 -19.61 5.70 8.37
CA GLY C 482 -20.98 5.71 8.80
C GLY C 482 -22.00 5.61 7.68
N GLN C 483 -21.57 5.68 6.45
CA GLN C 483 -22.52 5.56 5.37
C GLN C 483 -22.48 4.15 4.80
N PRO C 484 -23.62 3.57 4.43
CA PRO C 484 -23.62 2.21 3.91
C PRO C 484 -23.06 2.15 2.49
N MET C 485 -22.94 0.93 1.99
CA MET C 485 -22.41 0.73 0.65
C MET C 485 -23.44 0.95 -0.44
N GLU C 486 -24.73 0.93 -0.09
CA GLU C 486 -25.77 1.09 -1.08
C GLU C 486 -26.24 2.52 -1.24
N ALA C 487 -26.05 3.37 -0.23
CA ALA C 487 -26.73 4.65 -0.25
C ALA C 487 -26.09 5.73 0.59
N PRO C 488 -25.07 6.43 0.08
CA PRO C 488 -24.58 7.63 0.76
C PRO C 488 -25.59 8.77 0.68
N VAL C 489 -25.24 9.88 1.31
CA VAL C 489 -26.07 11.06 1.29
C VAL C 489 -25.53 12.02 0.25
N MET C 490 -26.42 12.76 -0.41
CA MET C 490 -25.96 13.68 -1.44
C MET C 490 -25.76 15.06 -0.86
N LEU C 491 -24.65 15.68 -1.23
CA LEU C 491 -24.07 16.78 -0.47
C LEU C 491 -24.43 18.09 -1.15
N TRP C 492 -25.61 18.63 -0.79
CA TRP C 492 -26.14 19.82 -1.47
C TRP C 492 -25.31 21.05 -1.12
N ASP C 493 -24.99 21.22 0.15
CA ASP C 493 -23.95 22.14 0.59
C ASP C 493 -23.36 21.56 1.87
N GLU C 494 -22.64 22.39 2.62
CA GLU C 494 -21.91 21.94 3.81
C GLU C 494 -22.83 21.45 4.93
N SER C 495 -24.11 21.78 4.90
CA SER C 495 -25.04 21.33 5.92
C SER C 495 -25.68 19.99 5.59
N SER C 496 -25.03 19.19 4.74
CA SER C 496 -25.62 17.93 4.33
C SER C 496 -25.10 16.76 5.16
N PHE C 497 -24.01 16.98 5.89
CA PHE C 497 -23.37 15.93 6.68
C PHE C 497 -22.77 16.55 7.92
N PRO C 498 -23.55 16.73 8.99
CA PRO C 498 -22.99 17.34 10.20
C PRO C 498 -22.48 16.35 11.22
N ASP C 499 -22.58 15.04 10.96
CA ASP C 499 -22.02 14.06 11.87
C ASP C 499 -20.50 14.19 11.95
N ILE C 500 -19.85 14.49 10.82
CA ILE C 500 -18.44 14.82 10.78
C ILE C 500 -18.25 15.99 9.82
N PRO C 501 -17.52 17.03 10.19
CA PRO C 501 -17.28 18.12 9.26
C PRO C 501 -16.02 17.91 8.44
N GLY C 502 -15.29 16.85 8.76
CA GLY C 502 -13.95 16.71 8.23
C GLY C 502 -13.90 15.99 6.90
N ALA C 503 -14.67 14.91 6.76
CA ALA C 503 -14.58 14.09 5.55
C ALA C 503 -15.25 14.80 4.37
N VAL C 504 -16.12 15.75 4.62
CA VAL C 504 -16.73 16.56 3.58
C VAL C 504 -15.82 17.74 3.27
N SER C 505 -15.23 17.73 2.09
CA SER C 505 -14.44 18.86 1.66
C SER C 505 -15.34 19.97 1.12
N ALA C 506 -14.73 20.95 0.46
CA ALA C 506 -15.53 21.94 -0.25
C ALA C 506 -15.90 21.48 -1.65
N ASN C 507 -14.94 20.90 -2.38
CA ASN C 507 -15.22 20.48 -3.75
C ASN C 507 -15.91 19.16 -3.84
N MET C 508 -16.25 18.42 -2.78
CA MET C 508 -17.05 17.22 -2.93
C MET C 508 -18.54 17.52 -2.89
N THR C 509 -18.95 18.77 -3.03
CA THR C 509 -20.34 19.16 -2.94
C THR C 509 -20.84 19.72 -4.26
N VAL C 510 -22.16 19.77 -4.39
CA VAL C 510 -22.79 20.52 -5.48
C VAL C 510 -22.41 21.99 -5.41
N LYS C 511 -22.41 22.56 -4.20
CA LYS C 511 -22.16 23.99 -4.07
C LYS C 511 -20.65 24.28 -4.16
N GLY C 512 -19.83 23.26 -4.35
CA GLY C 512 -18.45 23.49 -4.72
C GLY C 512 -18.22 23.47 -6.22
N GLN C 513 -18.94 22.59 -6.92
CA GLN C 513 -18.71 22.36 -8.34
C GLN C 513 -19.61 23.19 -9.24
N SER C 514 -20.62 23.85 -8.68
CA SER C 514 -21.56 24.61 -9.51
C SER C 514 -20.97 25.93 -9.98
N GLU C 515 -19.78 26.30 -9.49
CA GLU C 515 -19.22 27.59 -9.84
C GLU C 515 -17.90 27.44 -10.59
N ASP C 516 -17.26 26.28 -10.45
CA ASP C 516 -16.02 26.02 -11.18
C ASP C 516 -16.31 25.33 -12.50
N PRO C 517 -15.85 25.88 -13.63
CA PRO C 517 -16.13 25.23 -14.93
C PRO C 517 -15.28 24.01 -15.21
N GLY C 518 -14.28 23.71 -14.38
CA GLY C 518 -13.42 22.57 -14.64
C GLY C 518 -13.71 21.41 -13.71
N SER C 519 -14.95 21.30 -13.27
CA SER C 519 -15.35 20.27 -12.33
C SER C 519 -15.69 18.98 -13.09
N LEU C 520 -16.31 18.04 -12.38
CA LEU C 520 -17.00 16.92 -12.98
C LEU C 520 -18.45 17.24 -13.29
N LEU C 521 -19.15 17.91 -12.36
CA LEU C 521 -20.51 18.33 -12.60
C LEU C 521 -20.63 19.32 -13.75
N SER C 522 -19.71 20.28 -13.85
CA SER C 522 -19.77 21.25 -14.93
C SER C 522 -19.50 20.59 -16.28
N LEU C 523 -18.73 19.50 -16.28
CA LEU C 523 -18.70 18.62 -17.44
C LEU C 523 -20.05 17.97 -17.67
N PHE C 524 -20.66 17.45 -16.60
CA PHE C 524 -21.90 16.70 -16.71
C PHE C 524 -23.08 17.60 -17.06
N ARG C 525 -22.97 18.90 -16.85
CA ARG C 525 -23.95 19.86 -17.34
C ARG C 525 -23.68 20.31 -18.75
N ARG C 526 -22.61 19.82 -19.37
CA ARG C 526 -22.32 20.11 -20.77
C ARG C 526 -22.06 18.87 -21.59
N LEU C 527 -22.31 17.68 -21.02
CA LEU C 527 -22.24 16.49 -21.84
C LEU C 527 -23.60 15.84 -22.02
N SER C 528 -24.44 15.86 -20.98
CA SER C 528 -25.82 15.44 -21.16
C SER C 528 -26.58 16.41 -22.03
N ASP C 529 -26.21 17.69 -21.98
CA ASP C 529 -26.79 18.69 -22.86
C ASP C 529 -26.51 18.39 -24.32
N GLN C 530 -25.34 17.84 -24.62
CA GLN C 530 -25.05 17.43 -25.99
C GLN C 530 -25.66 16.08 -26.31
N ARG C 531 -26.01 15.29 -25.29
CA ARG C 531 -26.62 14.00 -25.56
C ARG C 531 -28.06 14.14 -26.04
N SER C 532 -28.84 15.00 -25.39
CA SER C 532 -30.25 15.14 -25.75
C SER C 532 -30.48 16.05 -26.95
N LYS C 533 -29.51 16.89 -27.31
CA LYS C 533 -29.73 17.92 -28.32
C LYS C 533 -29.40 17.47 -29.73
N GLU C 534 -28.16 17.07 -29.98
CA GLU C 534 -27.72 16.83 -31.34
C GLU C 534 -28.25 15.48 -31.82
N ARG C 535 -28.57 15.42 -33.12
CA ARG C 535 -29.32 14.32 -33.68
C ARG C 535 -28.51 13.05 -33.86
N SER C 536 -27.22 13.14 -34.17
CA SER C 536 -26.46 11.93 -34.44
C SER C 536 -26.16 11.16 -33.16
N LEU C 537 -26.00 11.87 -32.04
CA LEU C 537 -25.83 11.16 -30.78
C LEU C 537 -27.14 10.59 -30.26
N LEU C 538 -28.28 11.04 -30.80
CA LEU C 538 -29.56 10.51 -30.35
C LEU C 538 -29.72 9.05 -30.78
N HIS C 539 -29.74 8.80 -32.07
CA HIS C 539 -30.10 7.49 -32.60
C HIS C 539 -29.26 7.13 -33.81
N GLY C 540 -28.04 7.65 -33.89
CA GLY C 540 -27.25 7.52 -35.10
C GLY C 540 -26.64 6.16 -35.31
N ASP C 541 -25.61 6.08 -36.14
CA ASP C 541 -24.94 4.81 -36.34
C ASP C 541 -23.53 4.88 -35.77
N PHE C 542 -23.06 3.73 -35.30
CA PHE C 542 -21.85 3.63 -34.50
C PHE C 542 -20.82 2.86 -35.28
N HIS C 543 -19.68 3.50 -35.54
CA HIS C 543 -18.58 2.80 -36.18
C HIS C 543 -17.30 3.03 -35.41
N ALA C 544 -16.77 1.95 -34.86
CA ALA C 544 -15.51 1.97 -34.11
C ALA C 544 -14.42 1.46 -35.03
N PHE C 545 -13.61 2.37 -35.55
CA PHE C 545 -12.50 1.98 -36.39
C PHE C 545 -11.32 1.57 -35.52
N SER C 546 -10.41 0.82 -36.13
CA SER C 546 -9.21 0.39 -35.46
C SER C 546 -8.30 1.58 -35.21
N ALA C 547 -7.56 1.51 -34.11
CA ALA C 547 -6.74 2.63 -33.68
C ALA C 547 -5.52 2.06 -32.98
N GLY C 548 -4.85 2.88 -32.17
CA GLY C 548 -3.59 2.54 -31.57
C GLY C 548 -3.61 1.43 -30.54
N PRO C 549 -2.53 1.31 -29.77
CA PRO C 549 -2.34 0.11 -28.94
C PRO C 549 -3.26 0.02 -27.74
N GLY C 550 -3.42 1.11 -27.00
CA GLY C 550 -4.04 1.03 -25.69
C GLY C 550 -5.15 2.03 -25.47
N LEU C 551 -5.92 2.34 -26.51
CA LEU C 551 -7.01 3.28 -26.42
C LEU C 551 -8.22 2.73 -27.16
N PHE C 552 -9.22 3.59 -27.32
CA PHE C 552 -10.51 3.20 -27.91
C PHE C 552 -11.15 4.43 -28.52
N SER C 553 -11.73 4.26 -29.71
CA SER C 553 -12.18 5.40 -30.48
C SER C 553 -13.24 4.96 -31.45
N TYR C 554 -14.14 5.88 -31.79
CA TYR C 554 -15.21 5.55 -32.72
C TYR C 554 -15.73 6.83 -33.38
N ILE C 555 -16.88 6.68 -34.02
CA ILE C 555 -17.51 7.75 -34.76
C ILE C 555 -19.03 7.58 -34.64
N ARG C 556 -19.75 8.68 -34.84
CA ARG C 556 -21.20 8.64 -34.97
C ARG C 556 -21.61 9.56 -36.11
N HIS C 557 -22.46 9.06 -37.00
CA HIS C 557 -22.80 9.78 -38.20
C HIS C 557 -24.30 9.66 -38.46
N TRP C 558 -24.86 10.70 -39.09
CA TRP C 558 -26.24 10.77 -39.49
C TRP C 558 -26.32 11.79 -40.63
N ASP C 559 -26.78 11.31 -41.79
CA ASP C 559 -26.23 11.64 -43.11
C ASP C 559 -25.75 13.07 -43.29
N GLN C 560 -26.62 14.04 -43.06
CA GLN C 560 -26.28 15.43 -43.29
C GLN C 560 -26.09 16.20 -41.98
N ASN C 561 -26.36 15.56 -40.84
CA ASN C 561 -26.22 16.22 -39.55
C ASN C 561 -24.73 16.31 -39.18
N GLU C 562 -24.45 16.80 -37.98
CA GLU C 562 -23.09 16.86 -37.51
C GLU C 562 -22.58 15.46 -37.18
N ARG C 563 -21.27 15.29 -37.33
CA ARG C 563 -20.62 14.04 -36.99
C ARG C 563 -19.71 14.27 -35.80
N PHE C 564 -19.65 13.29 -34.91
CA PHE C 564 -18.92 13.44 -33.67
C PHE C 564 -17.85 12.37 -33.59
N LEU C 565 -16.62 12.82 -33.34
CA LEU C 565 -15.46 11.93 -33.29
C LEU C 565 -15.01 11.84 -31.84
N VAL C 566 -14.94 10.61 -31.36
CA VAL C 566 -14.56 10.31 -29.99
C VAL C 566 -13.22 9.59 -30.02
N VAL C 567 -12.27 10.08 -29.24
CA VAL C 567 -11.03 9.34 -28.99
C VAL C 567 -10.75 9.38 -27.50
N LEU C 568 -10.53 8.20 -26.92
CA LEU C 568 -10.28 8.03 -25.50
C LEU C 568 -8.83 7.67 -25.27
N ASN C 569 -8.45 7.54 -24.00
CA ASN C 569 -7.09 7.19 -23.63
C ASN C 569 -7.14 6.42 -22.31
N PHE C 570 -7.17 5.09 -22.41
CA PHE C 570 -7.19 4.24 -21.23
C PHE C 570 -5.81 3.89 -20.74
N GLY C 571 -4.77 4.49 -21.29
CA GLY C 571 -3.41 4.27 -20.86
C GLY C 571 -3.08 5.07 -19.62
N ASP C 572 -1.79 5.25 -19.39
CA ASP C 572 -1.36 6.11 -18.30
C ASP C 572 -0.23 7.02 -18.74
N VAL C 573 0.08 7.01 -20.03
CA VAL C 573 1.22 7.73 -20.58
C VAL C 573 0.71 8.77 -21.57
N GLY C 574 1.64 9.54 -22.11
CA GLY C 574 1.27 10.53 -23.09
C GLY C 574 1.30 10.00 -24.49
N LEU C 575 0.39 9.07 -24.81
CA LEU C 575 0.37 8.46 -26.13
C LEU C 575 -0.06 9.47 -27.19
N SER C 576 0.49 9.31 -28.38
CA SER C 576 0.06 10.05 -29.55
C SER C 576 -0.98 9.21 -30.27
N ALA C 577 -2.01 9.86 -30.79
CA ALA C 577 -3.16 9.13 -31.28
C ALA C 577 -2.91 8.65 -32.70
N GLY C 578 -2.76 7.34 -32.86
CA GLY C 578 -2.66 6.77 -34.19
C GLY C 578 -4.02 6.31 -34.67
N LEU C 579 -4.66 7.10 -35.50
CA LEU C 579 -5.96 6.76 -36.05
C LEU C 579 -5.76 6.06 -37.39
N GLN C 580 -6.00 4.77 -37.41
CA GLN C 580 -5.60 3.87 -38.48
C GLN C 580 -6.82 3.30 -39.18
N ALA C 581 -7.79 4.17 -39.49
CA ALA C 581 -9.15 3.75 -39.79
C ALA C 581 -9.28 2.90 -41.05
N SER C 582 -9.19 3.53 -42.23
CA SER C 582 -9.18 2.87 -43.54
C SER C 582 -10.35 1.94 -43.85
N ASP C 583 -11.39 1.94 -43.02
CA ASP C 583 -12.40 0.89 -43.05
C ASP C 583 -13.82 1.41 -43.14
N LEU C 584 -14.01 2.69 -43.02
CA LEU C 584 -15.31 3.31 -43.01
C LEU C 584 -15.89 3.37 -44.42
N PRO C 585 -17.19 3.60 -44.55
CA PRO C 585 -17.71 4.05 -45.83
C PRO C 585 -17.29 5.49 -46.10
N ALA C 586 -17.33 5.86 -47.38
CA ALA C 586 -17.01 7.23 -47.77
C ALA C 586 -18.16 8.20 -47.51
N SER C 587 -19.31 7.69 -47.08
CA SER C 587 -20.38 8.56 -46.60
C SER C 587 -20.01 9.17 -45.25
N ALA C 588 -19.13 8.51 -44.51
CA ALA C 588 -18.64 9.01 -43.23
C ALA C 588 -17.20 8.54 -43.03
N SER C 589 -16.25 9.40 -43.39
CA SER C 589 -14.85 9.08 -43.18
C SER C 589 -14.14 10.36 -42.71
N LEU C 590 -12.85 10.22 -42.44
CA LEU C 590 -12.16 11.24 -41.66
C LEU C 590 -11.84 12.45 -42.52
N PRO C 591 -12.07 13.64 -42.02
CA PRO C 591 -11.55 14.84 -42.69
C PRO C 591 -10.16 15.18 -42.19
N ALA C 592 -9.63 16.32 -42.64
CA ALA C 592 -8.33 16.75 -42.15
C ALA C 592 -8.43 17.29 -40.73
N LYS C 593 -9.32 18.24 -40.49
CA LYS C 593 -9.40 18.90 -39.20
C LYS C 593 -10.75 18.62 -38.55
N ALA C 594 -10.77 18.77 -37.23
CA ALA C 594 -12.00 18.68 -36.45
C ALA C 594 -11.90 19.71 -35.34
N ASP C 595 -13.04 20.31 -35.01
CA ASP C 595 -13.04 21.58 -34.30
C ASP C 595 -13.16 21.43 -32.78
N LEU C 596 -12.96 20.21 -32.24
CA LEU C 596 -12.65 19.99 -30.82
C LEU C 596 -13.75 20.50 -29.89
N LEU C 597 -14.85 19.75 -29.85
CA LEU C 597 -15.97 20.18 -29.01
C LEU C 597 -15.60 20.15 -27.52
N LEU C 598 -15.17 19.00 -27.02
CA LEU C 598 -15.02 18.87 -25.58
C LEU C 598 -13.79 18.03 -25.25
N SER C 599 -13.08 18.47 -24.22
CA SER C 599 -11.90 17.79 -23.70
C SER C 599 -12.07 17.62 -22.20
N THR C 600 -11.89 16.40 -21.72
CA THR C 600 -12.13 16.11 -20.31
C THR C 600 -11.11 16.74 -19.38
N GLN C 601 -9.94 17.13 -19.86
CA GLN C 601 -8.94 17.74 -19.01
C GLN C 601 -8.54 19.10 -19.57
N PRO C 602 -8.49 20.14 -18.73
CA PRO C 602 -8.22 21.49 -19.24
C PRO C 602 -6.77 21.68 -19.63
N GLY C 603 -6.57 22.54 -20.63
CA GLY C 603 -5.24 22.79 -21.14
C GLY C 603 -5.18 22.96 -22.65
N ARG C 604 -6.31 22.81 -23.33
CA ARG C 604 -6.37 22.99 -24.77
C ARG C 604 -7.54 23.90 -25.10
N GLU C 605 -7.86 24.00 -26.39
CA GLU C 605 -8.64 25.12 -26.91
C GLU C 605 -10.14 24.95 -26.77
N GLU C 606 -10.67 23.77 -27.12
CA GLU C 606 -12.10 23.49 -27.25
C GLU C 606 -12.76 24.48 -28.23
N GLY C 607 -12.40 24.31 -29.50
CA GLY C 607 -12.85 25.20 -30.54
C GLY C 607 -11.85 25.39 -31.67
N SER C 608 -10.65 24.85 -31.51
CA SER C 608 -9.68 24.93 -32.59
C SER C 608 -9.77 23.72 -33.50
N PRO C 609 -9.55 23.91 -34.81
CA PRO C 609 -9.41 22.76 -35.70
C PRO C 609 -8.04 22.12 -35.52
N LEU C 610 -8.03 20.81 -35.31
CA LEU C 610 -6.80 20.05 -35.11
C LEU C 610 -6.74 18.94 -36.15
N GLU C 611 -5.55 18.76 -36.74
CA GLU C 611 -5.33 17.62 -37.62
C GLU C 611 -5.35 16.34 -36.80
N LEU C 612 -5.73 15.23 -37.44
CA LEU C 612 -5.93 14.01 -36.67
C LEU C 612 -4.65 13.21 -36.47
N GLU C 613 -3.80 13.09 -37.48
CA GLU C 613 -2.69 12.16 -37.33
C GLU C 613 -1.53 12.74 -36.55
N ARG C 614 -1.57 14.03 -36.23
CA ARG C 614 -0.67 14.63 -35.23
C ARG C 614 -1.59 15.15 -34.14
N LEU C 615 -1.96 14.29 -33.19
CA LEU C 615 -3.01 14.64 -32.23
C LEU C 615 -2.48 14.83 -30.81
N LYS C 616 -1.67 13.89 -30.31
CA LYS C 616 -0.95 14.00 -29.03
C LYS C 616 -1.91 14.14 -27.85
N LEU C 617 -2.64 13.06 -27.59
CA LEU C 617 -3.46 12.96 -26.40
C LEU C 617 -2.61 13.12 -25.14
N GLU C 618 -3.22 13.72 -24.13
CA GLU C 618 -2.62 13.82 -22.81
C GLU C 618 -2.89 12.50 -22.09
N PRO C 619 -2.21 12.18 -20.99
CA PRO C 619 -2.52 10.94 -20.27
C PRO C 619 -3.89 11.03 -19.59
N HIS C 620 -4.68 9.98 -19.79
CA HIS C 620 -6.04 9.82 -19.25
C HIS C 620 -6.95 10.98 -19.64
N GLU C 621 -6.96 11.27 -20.95
CA GLU C 621 -7.79 12.32 -21.51
C GLU C 621 -8.54 11.79 -22.71
N GLY C 622 -9.85 11.93 -22.68
CA GLY C 622 -10.68 11.56 -23.80
C GLY C 622 -11.02 12.81 -24.57
N LEU C 623 -11.65 12.68 -25.73
CA LEU C 623 -11.89 13.87 -26.54
C LEU C 623 -13.23 13.77 -27.24
N LEU C 624 -13.74 14.95 -27.59
CA LEU C 624 -14.98 15.08 -28.35
C LEU C 624 -14.71 15.99 -29.53
N LEU C 625 -14.71 15.42 -30.72
CA LEU C 625 -14.37 16.16 -31.91
C LEU C 625 -15.58 16.24 -32.84
N ARG C 626 -15.88 17.46 -33.27
CA ARG C 626 -17.04 17.70 -34.11
C ARG C 626 -16.58 18.18 -35.48
N PHE C 627 -16.93 17.43 -36.51
CA PHE C 627 -16.59 17.82 -37.87
C PHE C 627 -17.84 17.75 -38.72
N PRO C 628 -18.01 18.67 -39.66
CA PRO C 628 -19.22 18.65 -40.49
C PRO C 628 -19.21 17.57 -41.56
N TYR C 629 -20.21 17.62 -42.43
CA TYR C 629 -20.36 16.69 -43.54
C TYR C 629 -19.19 16.80 -44.51
N ALA C 630 -19.08 17.96 -45.16
CA ALA C 630 -17.97 18.32 -46.09
C ALA C 630 -17.78 17.28 -47.20
N ALA C 631 -18.86 16.66 -47.64
CA ALA C 631 -18.76 15.57 -48.61
C ALA C 631 -19.66 15.80 -49.80
N GLN D 1 7.21 -16.58 -12.14
CA GLN D 1 8.30 -15.64 -12.38
C GLN D 1 8.27 -15.11 -13.80
N VAL D 2 9.01 -14.03 -14.03
CA VAL D 2 9.12 -13.43 -15.35
C VAL D 2 10.45 -13.83 -15.97
N GLN D 3 10.41 -14.71 -16.95
CA GLN D 3 11.61 -15.21 -17.60
C GLN D 3 11.52 -14.94 -19.10
N LEU D 4 12.57 -14.37 -19.65
CA LEU D 4 12.55 -13.87 -21.02
C LEU D 4 13.79 -14.36 -21.75
N LYS D 5 13.64 -15.41 -22.55
CA LYS D 5 14.75 -15.99 -23.30
C LYS D 5 14.87 -15.30 -24.65
N GLU D 6 16.06 -15.31 -25.22
CA GLU D 6 16.27 -14.75 -26.53
C GLU D 6 17.14 -15.66 -27.37
N SER D 7 17.50 -15.16 -28.55
CA SER D 7 18.35 -15.92 -29.46
C SER D 7 19.81 -15.77 -29.09
N GLY D 8 20.15 -14.76 -28.30
CA GLY D 8 21.52 -14.35 -28.17
C GLY D 8 21.90 -13.54 -29.40
N PRO D 9 23.18 -13.24 -29.56
CA PRO D 9 23.58 -12.42 -30.71
C PRO D 9 23.78 -13.18 -32.02
N GLY D 10 23.49 -12.50 -33.12
CA GLY D 10 23.58 -13.10 -34.44
C GLY D 10 24.29 -12.17 -35.41
N LEU D 11 24.63 -12.71 -36.56
CA LEU D 11 25.40 -12.01 -37.59
C LEU D 11 24.72 -12.13 -38.94
N VAL D 12 24.53 -11.00 -39.61
CA VAL D 12 24.06 -10.96 -40.99
C VAL D 12 24.89 -9.95 -41.76
N ALA D 13 24.95 -10.13 -43.08
CA ALA D 13 25.60 -9.16 -43.96
C ALA D 13 24.84 -7.84 -43.95
N PRO D 14 25.51 -6.72 -44.23
CA PRO D 14 24.82 -5.42 -44.21
C PRO D 14 23.78 -5.28 -45.31
N SER D 15 22.95 -4.24 -45.14
CA SER D 15 21.78 -3.94 -45.98
C SER D 15 20.82 -5.11 -46.08
N GLN D 16 20.48 -5.73 -44.96
CA GLN D 16 19.65 -6.92 -44.96
C GLN D 16 18.50 -6.79 -43.97
N SER D 17 17.78 -7.89 -43.79
CA SER D 17 16.67 -7.97 -42.85
C SER D 17 16.78 -9.30 -42.12
N LEU D 18 16.40 -9.29 -40.84
CA LEU D 18 16.58 -10.45 -39.98
C LEU D 18 15.52 -10.48 -38.91
N SER D 19 15.29 -11.67 -38.36
CA SER D 19 14.29 -11.88 -37.33
C SER D 19 14.99 -12.02 -35.98
N ILE D 20 14.78 -11.05 -35.11
CA ILE D 20 15.31 -11.07 -33.75
C ILE D 20 14.20 -11.56 -32.82
N THR D 21 14.43 -12.69 -32.16
CA THR D 21 13.38 -13.44 -31.49
C THR D 21 13.42 -13.11 -30.00
N CYS D 22 12.28 -13.27 -29.31
CA CYS D 22 12.20 -13.17 -27.86
C CYS D 22 11.14 -14.13 -27.35
N THR D 23 11.57 -15.33 -26.96
CA THR D 23 10.68 -16.36 -26.44
C THR D 23 10.52 -16.16 -24.94
N VAL D 24 9.29 -15.98 -24.49
CA VAL D 24 9.01 -15.61 -23.11
C VAL D 24 8.26 -16.75 -22.45
N SER D 25 8.18 -16.72 -21.13
CA SER D 25 7.57 -17.78 -20.34
C SER D 25 7.26 -17.27 -18.94
N GLY D 26 6.57 -18.11 -18.17
CA GLY D 26 6.21 -17.80 -16.80
C GLY D 26 5.00 -16.93 -16.63
N PHE D 27 4.35 -16.53 -17.71
CA PHE D 27 3.18 -15.67 -17.68
C PHE D 27 2.50 -15.73 -19.04
N PRO D 28 1.20 -15.52 -19.10
CA PRO D 28 0.53 -15.42 -20.41
C PRO D 28 0.81 -14.07 -21.05
N LEU D 29 1.33 -14.10 -22.28
CA LEU D 29 1.82 -12.92 -22.98
C LEU D 29 0.75 -11.88 -23.23
N THR D 30 -0.51 -12.30 -23.41
CA THR D 30 -1.60 -11.39 -23.69
C THR D 30 -1.92 -10.45 -22.52
N UNK D 31 -1.46 -10.79 -21.31
CA UNK D 31 -1.70 -9.97 -20.14
C UNK D 31 -0.71 -8.84 -19.95
N UNK D 32 0.16 -8.59 -20.92
CA UNK D 32 1.16 -7.54 -20.79
C UNK D 32 1.55 -7.02 -22.16
N UNK D 33 2.47 -6.08 -22.17
CA UNK D 33 2.96 -5.45 -23.39
C UNK D 33 4.48 -5.53 -23.45
N UNK D 34 5.00 -6.16 -24.51
CA UNK D 34 6.43 -6.34 -24.70
C UNK D 34 6.99 -5.19 -25.53
N UNK D 35 8.09 -4.61 -25.08
CA UNK D 35 8.73 -3.51 -25.78
C UNK D 35 10.19 -3.81 -26.04
N TRP D 36 10.81 -3.02 -26.94
CA TRP D 36 12.20 -3.21 -27.33
C TRP D 36 12.94 -1.88 -27.27
N VAL D 37 14.22 -1.94 -26.92
CA VAL D 37 15.07 -0.75 -26.79
C VAL D 37 16.37 -1.00 -27.50
N ARG D 38 17.15 0.06 -27.70
CA ARG D 38 18.38 0.00 -28.48
C ARG D 38 19.50 0.69 -27.72
N GLN D 39 20.61 -0.02 -27.52
CA GLN D 39 21.78 0.53 -26.85
C GLN D 39 23.03 0.10 -27.60
N PRO D 40 23.79 1.03 -28.16
CA PRO D 40 25.17 0.72 -28.54
C PRO D 40 26.09 0.93 -27.35
N PRO D 41 27.06 0.05 -27.15
CA PRO D 41 27.88 0.13 -25.94
C PRO D 41 28.75 1.36 -25.91
N GLY D 42 28.84 1.97 -24.72
CA GLY D 42 29.48 3.26 -24.59
C GLY D 42 28.61 4.41 -25.04
N LYS D 43 27.32 4.18 -25.24
CA LYS D 43 26.39 5.25 -25.60
C LYS D 43 25.18 5.12 -24.70
N GLY D 44 24.15 5.92 -24.99
CA GLY D 44 22.94 5.92 -24.20
C GLY D 44 22.02 4.76 -24.52
N LEU D 45 20.80 4.86 -24.03
CA LEU D 45 19.74 3.92 -24.35
C LEU D 45 18.64 4.62 -25.12
N GLU D 46 18.08 3.91 -26.09
CA GLU D 46 17.07 4.48 -26.98
C GLU D 46 15.93 3.49 -27.12
N TRP D 47 14.71 3.98 -27.03
CA TRP D 47 13.52 3.16 -27.16
C TRP D 47 12.97 3.28 -28.57
N LEU D 48 12.50 2.16 -29.13
CA LEU D 48 11.99 2.18 -30.49
C LEU D 48 10.52 1.82 -30.65
N GLY D 49 9.94 0.94 -29.84
CA GLY D 49 8.55 0.60 -30.08
C GLY D 49 7.96 -0.28 -29.02
N UNK D 50 6.70 -0.66 -29.24
CA UNK D 50 5.97 -1.54 -28.36
C UNK D 50 4.82 -2.18 -29.13
N UNK D 51 4.74 -3.50 -29.06
CA UNK D 51 3.59 -4.23 -29.56
C UNK D 51 2.59 -4.37 -28.42
N UNK D 52 1.58 -5.20 -28.60
CA UNK D 52 0.52 -5.36 -27.61
C UNK D 52 -0.13 -6.72 -27.80
N UNK D 53 -1.26 -6.93 -27.14
CA UNK D 53 -1.99 -8.19 -27.23
C UNK D 53 -2.87 -8.29 -28.47
N UNK D 54 -3.10 -7.17 -29.16
CA UNK D 54 -3.88 -7.18 -30.39
C UNK D 54 -3.02 -6.89 -31.61
N UNK D 55 -1.72 -7.18 -31.54
CA UNK D 55 -0.75 -7.07 -32.65
C UNK D 55 -0.65 -5.64 -33.17
N UNK D 56 -0.87 -4.68 -32.27
CA UNK D 56 -0.91 -3.27 -32.62
C UNK D 56 0.38 -2.60 -32.16
N UNK D 57 1.02 -1.87 -33.06
CA UNK D 57 2.30 -1.22 -32.77
C UNK D 57 2.11 0.29 -32.71
N UNK D 58 2.83 0.92 -31.78
CA UNK D 58 2.96 2.37 -31.72
C UNK D 58 4.46 2.67 -31.70
N UNK D 59 5.04 2.81 -32.87
CA UNK D 59 6.48 2.95 -33.04
C UNK D 59 6.93 4.37 -32.72
N UNK D 60 8.23 4.52 -32.47
CA UNK D 60 8.81 5.82 -32.24
C UNK D 60 9.08 6.50 -33.57
N UNK D 61 9.09 7.84 -33.55
CA UNK D 61 9.21 8.60 -34.79
C UNK D 61 10.63 8.62 -35.35
N UNK D 62 11.64 8.45 -34.50
CA UNK D 62 13.02 8.56 -34.99
C UNK D 62 13.44 7.33 -35.80
N UNK D 63 13.19 6.14 -35.27
CA UNK D 63 13.57 4.92 -35.97
C UNK D 63 12.39 4.36 -36.75
N UNK D 64 11.43 5.23 -37.09
CA UNK D 64 10.14 4.85 -37.66
C UNK D 64 10.23 4.14 -39.01
N UNK D 65 10.94 4.72 -39.97
CA UNK D 65 10.93 4.17 -41.33
C UNK D 65 11.78 2.90 -41.44
N ARG D 66 12.58 2.59 -40.43
CA ARG D 66 13.44 1.42 -40.48
C ARG D 66 13.23 0.46 -39.31
N LEU D 67 11.99 0.24 -38.90
CA LEU D 67 11.66 -0.87 -38.01
C LEU D 67 10.51 -1.67 -38.61
N SER D 68 10.27 -2.85 -38.03
CA SER D 68 9.03 -3.58 -38.31
C SER D 68 8.76 -4.50 -37.14
N ILE D 69 7.88 -4.10 -36.24
CA ILE D 69 7.52 -4.91 -35.08
C ILE D 69 6.32 -5.78 -35.45
N SER D 70 6.38 -7.05 -35.10
CA SER D 70 5.27 -7.95 -35.30
C SER D 70 5.18 -8.85 -34.08
N LYS D 71 4.42 -9.93 -34.20
CA LYS D 71 4.18 -10.82 -33.08
C LYS D 71 3.76 -12.18 -33.59
N ASP D 72 4.07 -13.21 -32.80
CA ASP D 72 3.46 -14.53 -32.96
C ASP D 72 2.81 -14.85 -31.62
N ASN D 73 1.49 -14.75 -31.58
CA ASN D 73 0.72 -14.99 -30.37
C ASN D 73 0.74 -16.45 -29.94
N SER D 74 0.83 -17.37 -30.90
CA SER D 74 0.72 -18.80 -30.60
C SER D 74 1.94 -19.32 -29.85
N LYS D 75 3.14 -19.04 -30.36
CA LYS D 75 4.35 -19.61 -29.80
C LYS D 75 4.98 -18.73 -28.73
N SER D 76 4.23 -17.75 -28.22
CA SER D 76 4.59 -16.95 -27.05
C SER D 76 5.88 -16.16 -27.28
N GLN D 77 6.03 -15.68 -28.50
CA GLN D 77 7.26 -15.01 -28.88
C GLN D 77 6.95 -13.77 -29.70
N VAL D 78 7.61 -12.67 -29.35
CA VAL D 78 7.54 -11.43 -30.10
C VAL D 78 8.77 -11.33 -30.98
N PHE D 79 8.55 -11.12 -32.27
CA PHE D 79 9.64 -11.00 -33.22
C PHE D 79 10.04 -9.54 -33.37
N LEU D 80 11.00 -9.31 -34.25
CA LEU D 80 11.34 -7.97 -34.70
C LEU D 80 12.08 -8.14 -36.02
N LYS D 81 11.74 -7.31 -36.99
CA LYS D 81 12.38 -7.37 -38.29
C LYS D 81 13.02 -6.02 -38.59
N MET D 82 14.33 -5.96 -38.44
CA MET D 82 15.07 -4.80 -38.91
C MET D 82 15.17 -4.85 -40.43
N ASN D 83 15.67 -3.75 -41.00
CA ASN D 83 15.76 -3.61 -42.44
C ASN D 83 16.74 -2.50 -42.80
N SER D 84 17.43 -2.66 -43.93
CA SER D 84 18.42 -1.73 -44.46
C SER D 84 19.53 -1.48 -43.44
N LEU D 85 20.21 -2.57 -43.10
CA LEU D 85 21.13 -2.57 -41.98
C LEU D 85 22.40 -1.82 -42.36
N GLN D 86 22.57 -0.64 -41.77
CA GLN D 86 23.70 0.24 -42.06
C GLN D 86 24.81 -0.10 -41.06
N THR D 87 25.84 0.76 -40.99
CA THR D 87 26.98 0.56 -40.11
C THR D 87 26.59 0.59 -38.65
N ASP D 88 26.07 1.72 -38.16
CA ASP D 88 25.83 1.90 -36.74
C ASP D 88 24.47 1.36 -36.32
N ASP D 89 24.21 0.11 -36.71
CA ASP D 89 23.12 -0.69 -36.19
C ASP D 89 23.68 -1.74 -35.28
N THR D 90 25.00 -1.83 -35.23
CA THR D 90 25.70 -2.73 -34.34
C THR D 90 25.52 -2.18 -32.93
N ALA D 91 24.67 -2.83 -32.16
CA ALA D 91 24.22 -2.33 -30.87
C ALA D 91 23.58 -3.49 -30.12
N ARG D 92 22.93 -3.17 -29.01
CA ARG D 92 22.22 -4.19 -28.26
C ARG D 92 20.74 -3.89 -28.20
N TYR D 93 19.95 -4.95 -28.28
CA TYR D 93 18.49 -4.87 -28.22
C TYR D 93 17.99 -5.74 -27.09
N TYR D 94 17.24 -5.16 -26.17
CA TYR D 94 16.63 -5.90 -25.07
C TYR D 94 15.13 -5.99 -25.32
N CYS D 95 14.58 -7.19 -25.17
CA CYS D 95 13.14 -7.41 -25.22
C CYS D 95 12.59 -7.28 -23.81
N ALA D 96 12.05 -6.11 -23.49
CA ALA D 96 11.69 -5.76 -22.13
C ALA D 96 10.19 -5.66 -21.97
N ARG D 97 9.65 -6.43 -21.02
CA ARG D 97 8.23 -6.41 -20.69
C ARG D 97 7.92 -5.23 -19.79
N UNK D 98 6.63 -4.92 -19.66
CA UNK D 98 6.17 -3.86 -18.77
C UNK D 98 4.73 -4.15 -18.38
N UNK D 99 4.24 -3.41 -17.39
CA UNK D 99 2.84 -3.53 -16.99
C UNK D 99 1.95 -2.92 -18.06
N UNK D 100 0.76 -3.48 -18.22
CA UNK D 100 -0.12 -3.18 -19.34
C UNK D 100 -0.66 -1.76 -19.30
N UNK D 101 -0.27 -0.96 -20.29
CA UNK D 101 -0.57 0.48 -20.40
C UNK D 101 -0.09 1.24 -19.17
N UNK D 102 1.18 1.04 -18.82
CA UNK D 102 1.78 1.81 -17.73
C UNK D 102 3.16 2.35 -18.09
N UNK D 103 3.85 1.65 -19.00
CA UNK D 103 5.24 1.93 -19.40
C UNK D 103 6.18 1.97 -18.20
N UNK D 104 6.27 0.82 -17.52
CA UNK D 104 7.22 0.63 -16.43
C UNK D 104 7.95 -0.66 -16.76
N UNK D 105 9.04 -0.54 -17.52
CA UNK D 105 9.75 -1.71 -18.04
C UNK D 105 10.50 -2.40 -16.90
N UNK D 106 9.85 -3.38 -16.27
CA UNK D 106 10.41 -4.04 -15.10
C UNK D 106 11.25 -5.27 -15.48
N UNK D 107 10.63 -6.25 -16.10
CA UNK D 107 11.30 -7.48 -16.47
C UNK D 107 11.97 -7.29 -17.82
N TRP D 108 13.29 -7.34 -17.85
CA TRP D 108 14.02 -7.24 -19.09
C TRP D 108 14.45 -8.63 -19.52
N GLY D 109 14.84 -8.75 -20.77
CA GLY D 109 15.39 -10.00 -21.27
C GLY D 109 16.88 -10.03 -21.03
N GLN D 110 17.53 -11.08 -21.53
CA GLN D 110 18.98 -11.13 -21.45
C GLN D 110 19.64 -10.24 -22.48
N GLY D 111 18.91 -9.73 -23.45
CA GLY D 111 19.47 -8.83 -24.44
C GLY D 111 20.29 -9.54 -25.51
N THR D 112 20.32 -8.95 -26.70
CA THR D 112 21.04 -9.52 -27.82
C THR D 112 21.81 -8.44 -28.55
N SER D 113 22.91 -8.83 -29.17
CA SER D 113 23.73 -7.95 -29.98
C SER D 113 23.48 -8.30 -31.44
N VAL D 114 23.78 -7.37 -32.33
CA VAL D 114 23.65 -7.62 -33.76
C VAL D 114 24.85 -7.00 -34.47
N THR D 115 25.38 -7.73 -35.46
CA THR D 115 26.59 -7.34 -36.16
C THR D 115 26.32 -7.38 -37.66
N VAL D 116 26.74 -6.34 -38.36
CA VAL D 116 26.57 -6.25 -39.80
C VAL D 116 27.88 -5.82 -40.43
N SER D 117 28.66 -6.82 -40.84
CA SER D 117 29.79 -6.65 -41.75
C SER D 117 29.99 -7.98 -42.47
N SER D 118 30.53 -7.89 -43.68
CA SER D 118 30.57 -9.04 -44.58
C SER D 118 31.66 -10.05 -44.28
N ALA D 119 32.37 -9.92 -43.16
CA ALA D 119 33.39 -10.88 -42.79
C ALA D 119 32.75 -12.19 -42.36
N LYS D 120 33.55 -13.25 -42.36
CA LYS D 120 33.05 -14.61 -42.21
C LYS D 120 32.89 -15.00 -40.74
N THR D 121 31.94 -15.90 -40.49
CA THR D 121 31.88 -16.59 -39.21
C THR D 121 33.02 -17.59 -39.11
N THR D 122 33.83 -17.46 -38.05
CA THR D 122 35.01 -18.30 -37.90
C THR D 122 35.07 -18.90 -36.50
N PRO D 123 35.46 -20.17 -36.38
CA PRO D 123 35.62 -20.77 -35.06
C PRO D 123 36.83 -20.20 -34.35
N PRO D 124 36.83 -20.15 -33.02
CA PRO D 124 37.97 -19.60 -32.30
C PRO D 124 39.10 -20.60 -32.17
N SER D 125 40.30 -20.08 -31.99
CA SER D 125 41.49 -20.88 -31.72
C SER D 125 41.88 -20.69 -30.26
N VAL D 126 42.13 -21.80 -29.57
CA VAL D 126 42.24 -21.82 -28.12
C VAL D 126 43.67 -22.13 -27.71
N TYR D 127 44.13 -21.50 -26.63
CA TYR D 127 45.47 -21.70 -26.09
C TYR D 127 45.37 -21.72 -24.57
N PRO D 128 45.59 -22.86 -23.92
CA PRO D 128 45.72 -22.86 -22.46
C PRO D 128 47.04 -22.26 -22.03
N LEU D 129 47.08 -21.83 -20.76
CA LEU D 129 48.21 -21.11 -20.20
C LEU D 129 48.66 -21.82 -18.92
N ALA D 130 49.88 -22.37 -18.94
CA ALA D 130 50.56 -23.07 -17.87
C ALA D 130 51.65 -22.18 -17.27
N PRO D 131 51.79 -22.15 -15.94
CA PRO D 131 52.63 -21.12 -15.32
C PRO D 131 54.11 -21.42 -15.41
N GLY D 132 54.89 -20.48 -14.87
CA GLY D 132 56.33 -20.59 -14.83
C GLY D 132 56.82 -21.37 -13.62
N SER D 133 57.99 -20.97 -13.14
CA SER D 133 58.63 -21.59 -11.98
C SER D 133 57.82 -21.40 -10.70
N SER D 139 50.30 -22.27 -1.92
CA SER D 139 50.12 -20.84 -2.16
C SER D 139 48.96 -20.59 -3.11
N MET D 140 48.68 -19.32 -3.38
CA MET D 140 47.66 -18.93 -4.33
C MET D 140 48.32 -18.53 -5.64
N VAL D 141 47.98 -19.23 -6.72
CA VAL D 141 48.50 -18.96 -8.05
C VAL D 141 47.33 -18.80 -9.00
N THR D 142 47.58 -18.22 -10.15
CA THR D 142 46.53 -17.98 -11.13
C THR D 142 46.79 -18.79 -12.39
N LEU D 143 45.73 -19.07 -13.13
CA LEU D 143 45.81 -19.76 -14.41
C LEU D 143 44.99 -19.00 -15.45
N GLY D 144 45.27 -19.28 -16.72
CA GLY D 144 44.66 -18.56 -17.81
C GLY D 144 44.31 -19.48 -18.96
N CYS D 145 43.47 -18.95 -19.86
CA CYS D 145 43.04 -19.70 -21.05
C CYS D 145 42.85 -18.67 -22.16
N LEU D 146 43.76 -18.66 -23.11
CA LEU D 146 43.76 -17.65 -24.17
C LEU D 146 42.97 -18.16 -25.35
N VAL D 147 42.13 -17.29 -25.91
CA VAL D 147 41.34 -17.59 -27.09
C VAL D 147 41.57 -16.47 -28.09
N LYS D 148 42.01 -16.82 -29.29
CA LYS D 148 42.30 -15.85 -30.33
C LYS D 148 41.65 -16.31 -31.63
N GLY D 149 41.39 -15.37 -32.53
CA GLY D 149 40.91 -15.68 -33.86
C GLY D 149 39.44 -16.06 -33.97
N TYR D 150 38.55 -15.12 -33.70
CA TYR D 150 37.12 -15.37 -33.83
C TYR D 150 36.40 -14.06 -34.12
N PHE D 151 35.34 -14.13 -34.93
CA PHE D 151 34.42 -13.00 -35.12
C PHE D 151 32.99 -13.47 -35.36
N PRO D 152 32.49 -14.40 -34.56
CA PRO D 152 31.18 -14.16 -33.91
C PRO D 152 31.41 -13.56 -32.54
N GLU D 153 30.65 -12.53 -32.17
CA GLU D 153 31.05 -11.70 -31.04
C GLU D 153 30.86 -12.32 -29.65
N PRO D 154 29.70 -12.90 -29.25
CA PRO D 154 29.61 -13.35 -27.85
C PRO D 154 30.36 -14.65 -27.56
N VAL D 155 31.15 -14.65 -26.49
CA VAL D 155 31.74 -15.86 -25.94
C VAL D 155 31.56 -15.82 -24.43
N THR D 156 31.04 -16.90 -23.86
CA THR D 156 31.15 -17.12 -22.43
C THR D 156 31.96 -18.39 -22.23
N VAL D 157 33.01 -18.30 -21.42
CA VAL D 157 33.87 -19.44 -21.10
C VAL D 157 33.70 -19.75 -19.62
N THR D 158 33.36 -21.00 -19.32
CA THR D 158 33.07 -21.37 -17.95
C THR D 158 33.87 -22.60 -17.56
N TRP D 159 34.63 -22.47 -16.49
CA TRP D 159 35.62 -23.48 -16.10
C TRP D 159 34.94 -24.69 -15.48
N ASN D 160 35.24 -25.88 -16.04
CA ASN D 160 34.82 -27.18 -15.52
C ASN D 160 33.30 -27.31 -15.41
N SER D 161 32.59 -26.66 -16.34
CA SER D 161 31.14 -26.50 -16.34
C SER D 161 30.63 -25.92 -15.02
N GLY D 162 31.09 -24.71 -14.71
CA GLY D 162 30.62 -23.99 -13.55
C GLY D 162 31.11 -24.50 -12.22
N SER D 163 32.10 -25.39 -12.21
CA SER D 163 32.57 -25.95 -10.94
C SER D 163 33.38 -24.95 -10.14
N LEU D 164 34.28 -24.22 -10.80
CA LEU D 164 35.01 -23.13 -10.17
C LEU D 164 34.33 -21.84 -10.59
N SER D 165 33.94 -21.02 -9.61
CA SER D 165 33.16 -19.83 -9.93
C SER D 165 33.58 -18.55 -9.24
N SER D 166 34.40 -18.60 -8.19
CA SER D 166 34.56 -17.41 -7.36
C SER D 166 35.55 -16.43 -7.96
N GLY D 167 36.81 -16.84 -8.11
CA GLY D 167 37.85 -15.91 -8.49
C GLY D 167 38.07 -15.80 -9.98
N VAL D 168 37.02 -15.93 -10.77
CA VAL D 168 37.14 -15.86 -12.22
C VAL D 168 36.91 -14.42 -12.65
N HIS D 169 37.86 -13.87 -13.40
CA HIS D 169 37.69 -12.59 -14.07
C HIS D 169 37.97 -12.80 -15.54
N THR D 170 36.92 -12.83 -16.36
CA THR D 170 37.06 -12.93 -17.80
C THR D 170 37.39 -11.55 -18.33
N PHE D 171 38.41 -11.45 -19.12
CA PHE D 171 38.74 -10.10 -19.51
C PHE D 171 38.00 -9.75 -20.80
N PRO D 172 37.75 -8.47 -21.06
CA PRO D 172 37.01 -8.09 -22.27
C PRO D 172 37.77 -8.40 -23.54
N ALA D 173 37.01 -8.48 -24.64
CA ALA D 173 37.55 -8.81 -25.94
C ALA D 173 37.97 -7.57 -26.69
N VAL D 174 39.16 -7.62 -27.26
CA VAL D 174 39.70 -6.49 -28.01
C VAL D 174 39.96 -6.94 -29.44
N LEU D 175 39.60 -6.08 -30.38
CA LEU D 175 39.60 -6.39 -31.81
C LEU D 175 40.89 -5.90 -32.43
N GLN D 176 41.49 -6.73 -33.27
CA GLN D 176 42.63 -6.33 -34.10
C GLN D 176 42.68 -7.25 -35.31
N SER D 177 42.77 -6.64 -36.50
CA SER D 177 42.83 -7.35 -37.78
C SER D 177 41.65 -8.29 -37.98
N ASP D 178 40.43 -7.73 -37.83
CA ASP D 178 39.14 -8.40 -38.11
C ASP D 178 38.88 -9.57 -37.16
N LEU D 179 39.70 -9.75 -36.14
CA LEU D 179 39.51 -10.83 -35.19
C LEU D 179 39.66 -10.30 -33.77
N TYR D 180 38.80 -10.79 -32.88
CA TYR D 180 38.82 -10.46 -31.48
C TYR D 180 39.64 -11.50 -30.73
N THR D 181 40.09 -11.14 -29.53
CA THR D 181 40.72 -12.10 -28.62
C THR D 181 40.51 -11.63 -27.19
N LEU D 182 40.63 -12.55 -26.24
CA LEU D 182 40.47 -12.23 -24.85
C LEU D 182 41.27 -13.20 -23.99
N SER D 183 41.25 -12.93 -22.69
CA SER D 183 42.08 -13.64 -21.72
C SER D 183 41.25 -14.00 -20.50
N SER D 184 41.40 -15.24 -20.05
CA SER D 184 40.75 -15.71 -18.85
C SER D 184 41.69 -15.52 -17.67
N SER D 185 41.13 -15.51 -16.47
CA SER D 185 41.93 -15.38 -15.25
C SER D 185 41.17 -15.95 -14.07
N VAL D 186 41.83 -16.83 -13.34
CA VAL D 186 41.24 -17.50 -12.17
C VAL D 186 42.36 -17.90 -11.22
N THR D 187 42.20 -17.55 -9.95
CA THR D 187 43.24 -17.72 -8.94
C THR D 187 42.90 -18.92 -8.07
N VAL D 188 43.64 -20.00 -8.23
CA VAL D 188 43.33 -21.27 -7.59
C VAL D 188 44.50 -21.64 -6.67
N PRO D 189 44.23 -22.18 -5.49
CA PRO D 189 45.32 -22.63 -4.60
C PRO D 189 46.13 -23.76 -5.21
N SER D 190 47.41 -23.80 -4.81
CA SER D 190 48.40 -24.65 -5.46
C SER D 190 48.16 -26.14 -5.24
N SER D 191 47.43 -26.51 -4.19
CA SER D 191 47.16 -27.92 -3.90
C SER D 191 46.17 -28.54 -4.88
N THR D 192 45.53 -27.76 -5.74
CA THR D 192 44.45 -28.25 -6.58
C THR D 192 44.86 -28.55 -8.01
N TRP D 193 45.76 -27.74 -8.60
CA TRP D 193 45.98 -27.81 -10.04
C TRP D 193 46.64 -29.11 -10.52
N PRO D 194 47.71 -29.64 -9.90
CA PRO D 194 48.14 -30.96 -10.37
C PRO D 194 47.22 -32.08 -9.94
N SER D 195 46.34 -31.82 -8.96
CA SER D 195 45.56 -32.89 -8.35
C SER D 195 44.10 -32.92 -8.81
N GLU D 196 43.54 -31.80 -9.25
CA GLU D 196 42.12 -31.76 -9.56
C GLU D 196 41.93 -31.44 -11.03
N THR D 197 40.66 -31.27 -11.41
CA THR D 197 40.28 -31.03 -12.79
C THR D 197 40.17 -29.53 -13.03
N VAL D 198 40.93 -29.05 -14.01
CA VAL D 198 40.94 -27.65 -14.41
C VAL D 198 40.87 -27.58 -15.92
N THR D 199 39.65 -27.40 -16.44
CA THR D 199 39.41 -27.46 -17.88
C THR D 199 38.69 -26.21 -18.33
N CYS D 200 39.40 -25.36 -19.06
CA CYS D 200 38.79 -24.22 -19.73
C CYS D 200 37.85 -24.70 -20.82
N ASN D 201 36.62 -24.18 -20.81
CA ASN D 201 35.57 -24.66 -21.72
C ASN D 201 35.08 -23.49 -22.56
N VAL D 202 35.46 -23.50 -23.83
CA VAL D 202 35.18 -22.40 -24.74
C VAL D 202 33.84 -22.67 -25.40
N ALA D 203 32.79 -22.06 -24.87
CA ALA D 203 31.46 -22.11 -25.47
C ALA D 203 31.30 -20.95 -26.42
N HIS D 204 31.02 -21.27 -27.68
CA HIS D 204 30.82 -20.24 -28.71
C HIS D 204 29.46 -20.48 -29.35
N PRO D 205 28.48 -19.62 -29.03
CA PRO D 205 27.10 -19.90 -29.48
C PRO D 205 26.86 -19.66 -30.96
N ALA D 206 27.38 -18.57 -31.53
CA ALA D 206 27.06 -18.26 -32.91
C ALA D 206 27.93 -19.03 -33.88
N SER D 207 28.93 -19.75 -33.38
CA SER D 207 29.57 -20.81 -34.14
C SER D 207 29.09 -22.19 -33.77
N SER D 208 28.27 -22.29 -32.71
CA SER D 208 27.64 -23.53 -32.23
C SER D 208 28.67 -24.58 -31.84
N THR D 209 29.81 -24.12 -31.35
CA THR D 209 30.94 -24.98 -31.03
C THR D 209 31.32 -24.83 -29.56
N LYS D 210 31.57 -25.96 -28.92
CA LYS D 210 32.00 -25.95 -27.52
C LYS D 210 33.25 -26.81 -27.40
N VAL D 211 34.36 -26.21 -26.96
CA VAL D 211 35.63 -26.91 -26.87
C VAL D 211 36.14 -26.80 -25.44
N ASP D 212 36.64 -27.93 -24.92
CA ASP D 212 37.17 -28.02 -23.57
C ASP D 212 38.65 -28.34 -23.63
N LYS D 213 39.45 -27.64 -22.82
CA LYS D 213 40.90 -27.80 -22.82
C LYS D 213 41.41 -27.83 -21.39
N LYS D 214 41.93 -28.97 -20.97
CA LYS D 214 42.48 -29.12 -19.63
C LYS D 214 43.99 -28.91 -19.67
N ILE D 215 44.50 -28.16 -18.68
CA ILE D 215 45.89 -27.71 -18.69
C ILE D 215 46.78 -28.80 -18.10
N VAL D 216 47.61 -29.41 -18.94
CA VAL D 216 48.62 -30.38 -18.53
C VAL D 216 49.83 -29.57 -18.05
N PRO D 217 50.57 -30.04 -17.04
CA PRO D 217 51.74 -29.28 -16.57
C PRO D 217 52.86 -29.17 -17.61
N ARG D 218 53.79 -28.27 -17.31
CA ARG D 218 54.82 -27.86 -18.25
C ARG D 218 56.02 -28.80 -18.20
N ASP D 219 56.92 -28.60 -19.15
CA ASP D 219 58.20 -29.31 -19.17
C ASP D 219 59.30 -28.38 -19.68
N ASP E 1 9.85 17.01 -28.01
CA ASP E 1 9.94 15.84 -27.14
C ASP E 1 10.71 16.21 -25.87
N ILE E 2 10.66 15.34 -24.87
CA ILE E 2 11.25 15.67 -23.58
C ILE E 2 12.75 15.41 -23.64
N VAL E 3 13.53 16.37 -23.15
CA VAL E 3 14.98 16.26 -23.04
C VAL E 3 15.32 15.71 -21.67
N MET E 4 16.06 14.61 -21.62
CA MET E 4 16.47 14.01 -20.36
C MET E 4 17.97 14.15 -20.19
N SER E 5 18.39 15.06 -19.32
CA SER E 5 19.80 15.33 -19.07
C SER E 5 20.17 14.75 -17.72
N GLN E 6 21.43 14.36 -17.57
CA GLN E 6 21.93 13.73 -16.35
C GLN E 6 23.15 14.50 -15.87
N SER E 7 23.04 15.10 -14.68
CA SER E 7 24.03 16.05 -14.18
C SER E 7 25.35 15.39 -13.76
N PRO E 8 25.38 14.34 -12.89
CA PRO E 8 26.73 13.79 -12.62
C PRO E 8 27.10 12.69 -13.61
N SER E 9 28.31 12.78 -14.14
CA SER E 9 28.74 11.77 -15.11
C SER E 9 29.45 10.60 -14.42
N SER E 10 30.24 10.88 -13.39
CA SER E 10 30.94 9.84 -12.66
C SER E 10 30.96 10.15 -11.18
N LEU E 11 31.09 9.12 -10.35
CA LEU E 11 31.04 9.26 -8.90
C LEU E 11 32.02 8.30 -8.23
N VAL E 12 32.96 8.85 -7.47
CA VAL E 12 33.73 8.10 -6.48
C VAL E 12 33.02 8.28 -5.14
N VAL E 13 32.62 7.17 -4.53
CA VAL E 13 31.87 7.22 -3.27
C VAL E 13 32.38 6.10 -2.37
N SER E 14 32.78 6.47 -1.14
CA SER E 14 33.26 5.49 -0.17
C SER E 14 32.13 4.64 0.35
N VAL E 15 32.51 3.55 1.04
CA VAL E 15 31.54 2.58 1.51
C VAL E 15 30.71 3.19 2.63
N GLY E 16 29.45 3.53 2.32
CA GLY E 16 28.59 4.19 3.27
C GLY E 16 28.70 5.70 3.25
N GLU E 17 28.49 6.33 2.10
CA GLU E 17 28.75 7.76 1.98
C GLU E 17 27.58 8.50 1.32
N LYS E 18 26.41 7.85 1.25
CA LYS E 18 25.13 8.45 0.85
C LYS E 18 25.19 9.04 -0.58
N VAL E 19 25.18 8.10 -1.54
CA VAL E 19 25.09 8.44 -2.96
C VAL E 19 23.89 9.33 -3.25
N THR E 20 24.14 10.43 -3.97
CA THR E 20 23.08 11.32 -4.39
C THR E 20 23.38 11.87 -5.77
N MET E 21 22.50 11.60 -6.73
CA MET E 21 22.65 12.05 -8.10
C MET E 21 21.36 12.70 -8.56
N SER E 22 21.42 13.40 -9.69
CA SER E 22 20.27 14.16 -10.15
C SER E 22 20.10 14.05 -11.66
N CYS E 23 18.91 14.40 -12.12
CA CYS E 23 18.51 14.36 -13.51
C CYS E 23 17.49 15.46 -13.76
N UNK E 24 17.62 16.14 -14.91
CA UNK E 24 16.80 17.31 -15.23
C UNK E 24 16.00 17.05 -16.49
N UNK E 25 14.73 17.45 -16.46
CA UNK E 25 13.80 17.25 -17.56
C UNK E 25 13.56 18.55 -18.29
N UNK E 26 13.03 18.47 -19.51
CA UNK E 26 12.76 19.66 -20.30
C UNK E 26 11.55 20.41 -19.78
N UNK E 27 10.39 19.77 -19.83
CA UNK E 27 9.19 20.32 -19.24
C UNK E 27 8.96 19.67 -17.88
N UNK E 28 7.84 20.03 -17.26
CA UNK E 28 7.47 19.36 -16.02
C UNK E 28 6.99 17.95 -16.32
N UNK E 29 7.29 17.04 -15.40
CA UNK E 29 6.76 15.69 -15.45
C UNK E 29 5.84 15.44 -14.26
N UNK E 30 5.18 16.50 -13.80
CA UNK E 30 4.24 16.44 -12.68
C UNK E 30 2.87 16.91 -13.18
N UNK E 31 2.09 15.98 -13.71
CA UNK E 31 0.83 16.31 -14.38
C UNK E 31 -0.21 16.72 -13.35
N UNK E 32 -0.66 17.97 -13.43
CA UNK E 32 -1.58 18.52 -12.43
C UNK E 32 -3.04 18.16 -12.72
N UNK E 33 -3.29 16.89 -12.96
CA UNK E 33 -4.62 16.29 -13.02
C UNK E 33 -4.71 15.05 -12.13
N UNK E 34 -3.64 14.27 -12.06
CA UNK E 34 -3.48 13.26 -11.04
C UNK E 34 -2.56 13.72 -9.92
N UNK E 35 -1.86 14.84 -10.11
CA UNK E 35 -0.96 15.46 -9.14
C UNK E 35 0.17 14.53 -8.70
N UNK E 36 0.57 13.63 -9.59
CA UNK E 36 1.69 12.73 -9.36
C UNK E 36 2.83 13.09 -10.30
N UNK E 37 3.99 12.51 -10.06
CA UNK E 37 5.17 12.75 -10.89
C UNK E 37 5.53 11.48 -11.64
N UNK E 38 6.12 11.66 -12.83
CA UNK E 38 6.44 10.54 -13.74
C UNK E 38 7.92 10.58 -14.10
N UNK E 39 8.72 9.79 -13.39
CA UNK E 39 10.13 9.55 -13.69
C UNK E 39 10.49 8.19 -13.14
N UNK E 40 11.61 7.64 -13.60
CA UNK E 40 11.94 6.26 -13.29
C UNK E 40 13.44 6.02 -13.41
N TRP E 41 13.97 5.26 -12.45
CA TRP E 41 15.40 4.99 -12.36
C TRP E 41 15.69 3.54 -12.73
N TYR E 42 16.74 3.33 -13.51
CA TYR E 42 17.14 2.03 -13.98
C TYR E 42 18.59 1.76 -13.64
N GLN E 43 18.88 0.56 -13.19
CA GLN E 43 20.19 0.19 -12.71
C GLN E 43 20.72 -0.99 -13.49
N GLN E 44 21.93 -0.88 -14.02
CA GLN E 44 22.54 -1.93 -14.84
C GLN E 44 23.97 -2.19 -14.39
N LYS E 45 24.20 -3.33 -13.76
CA LYS E 45 25.54 -3.81 -13.51
C LYS E 45 26.17 -4.29 -14.81
N PRO E 46 27.51 -4.23 -14.94
CA PRO E 46 28.15 -4.60 -16.21
C PRO E 46 28.02 -6.08 -16.55
N GLY E 47 27.48 -6.35 -17.74
CA GLY E 47 27.22 -7.69 -18.18
C GLY E 47 25.79 -8.17 -18.02
N GLN E 48 24.89 -7.31 -17.59
CA GLN E 48 23.51 -7.68 -17.35
C GLN E 48 22.59 -6.71 -18.07
N SER E 49 21.33 -7.03 -18.05
CA SER E 49 20.33 -6.06 -18.49
C SER E 49 20.13 -5.03 -17.38
N PRO E 50 19.57 -3.87 -17.71
CA PRO E 50 19.11 -2.96 -16.65
C PRO E 50 17.95 -3.54 -15.88
N LYS E 51 17.65 -2.89 -14.77
CA LYS E 51 16.70 -3.40 -13.79
C LYS E 51 15.88 -2.22 -13.27
N LEU E 52 14.63 -2.47 -12.92
CA LEU E 52 13.74 -1.40 -12.49
C LEU E 52 13.86 -1.18 -11.00
N LEU E 53 14.00 0.09 -10.62
CA LEU E 53 14.08 0.46 -9.21
C LEU E 53 12.90 1.29 -8.76
N ILE E 54 12.64 2.42 -9.41
CA ILE E 54 11.63 3.37 -8.96
C ILE E 54 10.68 3.62 -10.12
N TYR E 55 9.37 3.56 -9.84
CA TYR E 55 8.39 4.06 -10.79
C TYR E 55 7.54 5.11 -10.09
N UNK E 56 7.12 6.09 -10.90
CA UNK E 56 6.37 7.28 -10.47
C UNK E 56 7.09 8.06 -9.38
N UNK E 57 8.43 8.05 -9.43
CA UNK E 57 9.35 8.94 -8.72
C UNK E 57 9.43 8.74 -7.21
N UNK E 58 8.58 7.90 -6.63
CA UNK E 58 8.63 7.69 -5.19
C UNK E 58 8.42 6.26 -4.74
N UNK E 59 8.12 5.32 -5.61
CA UNK E 59 7.76 3.97 -5.22
C UNK E 59 8.97 3.06 -5.35
N UNK E 60 8.97 1.95 -4.61
CA UNK E 60 10.00 0.95 -4.75
C UNK E 60 9.40 -0.32 -5.37
N UNK E 61 10.18 -0.96 -6.24
CA UNK E 61 9.71 -2.15 -6.92
C UNK E 61 9.66 -3.35 -5.97
N UNK E 62 9.12 -4.45 -6.46
CA UNK E 62 8.98 -5.66 -5.67
C UNK E 62 10.31 -6.40 -5.63
N GLY E 63 10.84 -6.61 -4.42
CA GLY E 63 12.07 -7.35 -4.25
C GLY E 63 13.32 -6.50 -4.19
N VAL E 64 13.25 -5.29 -3.65
CA VAL E 64 14.38 -4.37 -3.63
C VAL E 64 14.87 -4.19 -2.21
N PRO E 65 16.18 -4.26 -1.98
CA PRO E 65 16.73 -3.75 -0.71
C PRO E 65 16.54 -2.25 -0.62
N ASP E 66 16.11 -1.80 0.55
CA ASP E 66 15.52 -0.48 0.67
C ASP E 66 16.56 0.59 1.00
N ARG E 67 17.81 0.39 0.57
CA ARG E 67 18.78 1.46 0.65
C ARG E 67 18.50 2.57 -0.35
N PHE E 68 17.74 2.28 -1.40
CA PHE E 68 17.45 3.26 -2.44
C PHE E 68 16.18 4.01 -2.10
N THR E 69 16.31 5.31 -1.82
CA THR E 69 15.18 6.19 -1.59
C THR E 69 15.34 7.42 -2.47
N GLY E 70 14.85 7.35 -3.70
CA GLY E 70 14.90 8.47 -4.63
C GLY E 70 13.81 9.46 -4.30
N SER E 71 13.99 10.70 -4.75
CA SER E 71 13.09 11.77 -4.36
C SER E 71 13.14 12.87 -5.42
N GLY E 72 12.62 14.02 -5.05
CA GLY E 72 12.59 15.18 -5.94
C GLY E 72 11.24 15.32 -6.62
N SER E 73 10.98 16.54 -7.06
CA SER E 73 9.75 16.85 -7.78
C SER E 73 10.01 18.04 -8.69
N GLY E 74 9.12 18.24 -9.65
CA GLY E 74 9.24 19.35 -10.57
C GLY E 74 10.12 19.04 -11.76
N THR E 75 11.04 19.95 -12.10
CA THR E 75 11.90 19.77 -13.26
C THR E 75 13.24 19.16 -12.87
N ASP E 76 13.42 18.80 -11.60
CA ASP E 76 14.65 18.22 -11.12
C ASP E 76 14.32 17.14 -10.11
N PHE E 77 15.06 16.04 -10.16
CA PHE E 77 14.79 14.91 -9.28
C PHE E 77 16.11 14.43 -8.70
N THR E 78 16.03 13.62 -7.65
CA THR E 78 17.23 13.12 -7.00
C THR E 78 17.07 11.65 -6.67
N LEU E 79 18.06 10.86 -7.05
CA LEU E 79 18.19 9.49 -6.57
C LEU E 79 19.15 9.49 -5.38
N THR E 80 18.64 9.06 -4.23
CA THR E 80 19.41 9.09 -3.00
C THR E 80 19.48 7.68 -2.42
N ILE E 81 20.69 7.16 -2.30
CA ILE E 81 20.92 5.91 -1.61
C ILE E 81 21.47 6.24 -0.23
N SER E 82 21.02 5.49 0.78
CA SER E 82 21.46 5.74 2.15
C SER E 82 22.94 5.42 2.33
N SER E 83 23.34 4.23 1.91
CA SER E 83 24.74 3.79 1.99
C SER E 83 24.96 2.70 0.96
N VAL E 84 26.12 2.72 0.31
CA VAL E 84 26.38 1.76 -0.74
C VAL E 84 26.76 0.42 -0.11
N LYS E 85 26.70 -0.62 -0.94
CA LYS E 85 27.17 -1.95 -0.59
C LYS E 85 28.27 -2.35 -1.56
N ALA E 86 28.69 -3.62 -1.47
CA ALA E 86 29.72 -4.12 -2.37
C ALA E 86 29.24 -4.21 -3.80
N GLU E 87 27.97 -4.53 -4.01
CA GLU E 87 27.39 -4.61 -5.35
C GLU E 87 26.43 -3.44 -5.53
N ASP E 88 27.00 -2.29 -5.87
CA ASP E 88 26.20 -1.14 -6.29
C ASP E 88 26.87 -0.37 -7.41
N LEU E 89 28.04 -0.82 -7.87
CA LEU E 89 28.68 -0.29 -9.05
C LEU E 89 27.86 -0.67 -10.27
N ALA E 90 27.35 0.32 -10.98
CA ALA E 90 26.39 0.13 -12.07
C ALA E 90 26.30 1.43 -12.84
N VAL E 91 25.32 1.50 -13.75
CA VAL E 91 24.98 2.73 -14.43
C VAL E 91 23.51 3.04 -14.12
N TYR E 92 23.19 4.31 -13.97
CA TYR E 92 21.91 4.73 -13.43
C TYR E 92 21.26 5.75 -14.35
N TYR E 93 20.25 5.31 -15.10
CA TYR E 93 19.56 6.14 -16.07
C TYR E 93 18.28 6.69 -15.46
N CYS E 94 17.84 7.85 -15.94
CA CYS E 94 16.52 8.37 -15.63
C CYS E 94 15.65 8.26 -16.86
N UNK E 95 14.33 8.24 -16.67
CA UNK E 95 13.39 7.98 -17.75
C UNK E 95 12.22 8.93 -17.70
N UNK E 96 11.79 9.41 -18.87
CA UNK E 96 10.43 9.90 -18.97
C UNK E 96 9.48 8.72 -18.92
N UNK E 97 8.37 8.89 -18.21
CA UNK E 97 7.35 7.86 -18.17
C UNK E 97 6.06 8.30 -18.83
N UNK E 98 5.79 9.61 -18.90
CA UNK E 98 4.52 10.14 -19.41
C UNK E 98 4.83 10.93 -20.66
N UNK E 99 4.93 10.24 -21.79
CA UNK E 99 5.25 10.81 -23.10
C UNK E 99 5.01 9.72 -24.14
N UNK E 100 5.23 10.08 -25.40
CA UNK E 100 5.01 9.14 -26.49
C UNK E 100 6.29 8.41 -26.87
N UNK E 101 7.32 9.15 -27.25
CA UNK E 101 8.64 8.60 -27.54
C UNK E 101 9.44 8.69 -26.25
N UNK E 102 9.39 7.63 -25.45
CA UNK E 102 9.92 7.64 -24.08
C UNK E 102 11.44 7.70 -24.14
N UNK E 103 11.99 8.88 -23.97
CA UNK E 103 13.43 9.11 -24.04
C UNK E 103 14.07 8.84 -22.70
N PHE E 104 15.04 7.93 -22.67
CA PHE E 104 15.79 7.63 -21.45
C PHE E 104 16.81 8.74 -21.19
N GLY E 105 17.63 8.54 -20.16
CA GLY E 105 18.63 9.53 -19.78
C GLY E 105 19.97 9.27 -20.43
N GLY E 106 20.98 9.95 -19.92
CA GLY E 106 22.32 9.85 -20.46
C GLY E 106 23.11 8.69 -19.88
N GLY E 107 23.20 8.64 -18.56
CA GLY E 107 23.99 7.62 -17.91
C GLY E 107 24.94 8.24 -16.91
N THR E 108 25.38 7.43 -15.96
CA THR E 108 26.36 7.87 -14.99
C THR E 108 27.17 6.66 -14.55
N LYS E 109 28.33 6.89 -13.95
CA LYS E 109 29.23 5.83 -13.57
C LYS E 109 29.53 5.91 -12.08
N LEU E 110 29.06 4.93 -11.33
CA LEU E 110 29.31 4.88 -9.89
C LEU E 110 30.42 3.89 -9.60
N GLU E 111 31.51 4.39 -9.02
CA GLU E 111 32.63 3.56 -8.60
C GLU E 111 32.92 3.84 -7.14
N ILE E 112 33.48 2.84 -6.46
CA ILE E 112 33.56 2.84 -5.01
C ILE E 112 34.98 3.21 -4.59
N LYS E 113 35.09 4.10 -3.60
CA LYS E 113 36.38 4.45 -3.01
C LYS E 113 36.82 3.33 -2.08
N ARG E 114 38.11 3.01 -2.15
CA ARG E 114 38.66 1.86 -1.44
C ARG E 114 40.15 2.12 -1.21
N ALA E 115 40.75 1.34 -0.31
CA ALA E 115 42.17 1.45 0.02
C ALA E 115 43.03 0.95 -1.13
N ASP E 116 44.33 1.22 -1.06
CA ASP E 116 45.21 0.90 -2.17
C ASP E 116 45.88 -0.46 -1.98
N ALA E 117 45.64 -1.35 -2.94
CA ALA E 117 46.22 -2.68 -2.91
C ALA E 117 47.11 -2.88 -4.14
N ALA E 118 48.03 -3.81 -4.02
CA ALA E 118 49.11 -4.10 -4.96
C ALA E 118 48.75 -5.31 -5.82
N PRO E 119 49.24 -5.35 -7.08
CA PRO E 119 48.94 -6.48 -7.96
C PRO E 119 49.63 -7.78 -7.57
N THR E 120 49.30 -8.85 -8.28
CA THR E 120 50.01 -10.12 -8.21
C THR E 120 50.30 -10.52 -9.65
N VAL E 121 51.43 -10.07 -10.17
CA VAL E 121 51.75 -10.17 -11.59
C VAL E 121 52.13 -11.60 -11.91
N SER E 122 51.56 -12.14 -12.98
CA SER E 122 51.95 -13.45 -13.48
C SER E 122 52.11 -13.39 -14.99
N ILE E 123 53.28 -13.82 -15.47
CA ILE E 123 53.57 -13.87 -16.89
C ILE E 123 53.70 -15.33 -17.29
N PHE E 124 53.00 -15.72 -18.35
CA PHE E 124 53.03 -17.10 -18.80
C PHE E 124 53.62 -17.19 -20.19
N PRO E 125 54.41 -18.22 -20.48
CA PRO E 125 55.00 -18.35 -21.82
C PRO E 125 53.97 -18.82 -22.82
N PRO E 126 54.22 -18.66 -24.11
CA PRO E 126 53.32 -19.24 -25.10
C PRO E 126 53.43 -20.76 -25.12
N SER E 127 52.27 -21.41 -25.25
CA SER E 127 52.21 -22.85 -25.23
C SER E 127 52.73 -23.45 -26.52
N SER E 128 53.07 -24.74 -26.45
CA SER E 128 53.54 -25.47 -27.63
C SER E 128 52.45 -25.61 -28.69
N GLU E 129 51.18 -25.57 -28.27
CA GLU E 129 50.07 -25.57 -29.22
C GLU E 129 50.09 -24.33 -30.11
N GLN E 130 50.39 -23.17 -29.54
CA GLN E 130 50.54 -21.98 -30.38
C GLN E 130 51.83 -22.02 -31.17
N LEU E 131 52.90 -22.54 -30.57
CA LEU E 131 54.16 -22.68 -31.29
C LEU E 131 54.11 -23.81 -32.32
N THR E 132 53.11 -24.69 -32.23
CA THR E 132 52.82 -25.59 -33.34
C THR E 132 52.36 -24.80 -34.57
N SER E 133 51.56 -23.75 -34.34
CA SER E 133 51.02 -22.95 -35.42
C SER E 133 52.02 -22.00 -36.05
N GLY E 134 53.19 -21.84 -35.43
CA GLY E 134 54.07 -20.76 -35.79
C GLY E 134 53.66 -19.42 -35.22
N GLY E 135 52.76 -19.40 -34.24
CA GLY E 135 52.39 -18.19 -33.56
C GLY E 135 52.93 -18.16 -32.14
N ALA E 136 53.01 -16.95 -31.60
CA ALA E 136 53.51 -16.76 -30.24
C ALA E 136 52.90 -15.49 -29.68
N SER E 137 52.48 -15.55 -28.43
CA SER E 137 51.99 -14.36 -27.74
C SER E 137 52.22 -14.55 -26.25
N VAL E 138 52.87 -13.58 -25.62
CA VAL E 138 53.17 -13.64 -24.21
C VAL E 138 52.07 -12.89 -23.46
N VAL E 139 51.69 -13.43 -22.32
CA VAL E 139 50.52 -12.96 -21.57
C VAL E 139 50.97 -12.59 -20.17
N CYS E 140 50.51 -11.44 -19.67
CA CYS E 140 50.97 -10.91 -18.41
C CYS E 140 49.79 -10.27 -17.69
N PHE E 141 49.15 -11.03 -16.82
CA PHE E 141 48.02 -10.52 -16.06
C PHE E 141 48.47 -9.52 -15.01
N LEU E 142 47.50 -8.74 -14.52
CA LEU E 142 47.68 -7.86 -13.37
C LEU E 142 46.36 -7.88 -12.63
N ASN E 143 46.37 -8.41 -11.41
CA ASN E 143 45.14 -8.73 -10.70
C ASN E 143 45.00 -7.93 -9.42
N ASN E 144 43.78 -7.45 -9.18
CA ASN E 144 43.29 -6.98 -7.88
C ASN E 144 44.13 -5.81 -7.34
N PHE E 145 44.07 -4.71 -8.07
CA PHE E 145 44.70 -3.46 -7.66
C PHE E 145 43.64 -2.36 -7.73
N TYR E 146 43.65 -1.48 -6.73
CA TYR E 146 42.68 -0.38 -6.73
C TYR E 146 43.04 0.82 -7.61
N PRO E 147 44.32 1.33 -7.67
CA PRO E 147 44.57 2.47 -8.57
C PRO E 147 44.38 2.15 -10.04
N LYS E 148 43.44 2.87 -10.66
CA LYS E 148 43.15 2.68 -12.08
C LYS E 148 44.32 3.07 -12.94
N ASP E 149 44.89 4.24 -12.68
CA ASP E 149 46.02 4.76 -13.46
C ASP E 149 47.25 3.90 -13.21
N ILE E 150 47.70 3.22 -14.27
CA ILE E 150 48.74 2.21 -14.16
C ILE E 150 49.61 2.30 -15.41
N ASN E 151 50.79 1.71 -15.33
CA ASN E 151 51.74 1.71 -16.44
C ASN E 151 52.31 0.32 -16.61
N VAL E 152 52.10 -0.27 -17.76
CA VAL E 152 52.77 -1.50 -18.15
C VAL E 152 53.86 -1.14 -19.15
N LYS E 153 55.01 -1.78 -18.99
CA LYS E 153 56.11 -1.59 -19.94
C LYS E 153 56.74 -2.93 -20.22
N TRP E 154 57.25 -3.11 -21.44
CA TRP E 154 57.80 -4.37 -21.89
C TRP E 154 59.24 -4.20 -22.33
N LYS E 155 60.04 -5.26 -22.16
CA LYS E 155 61.40 -5.29 -22.66
C LYS E 155 61.69 -6.68 -23.24
N ILE E 156 62.50 -6.70 -24.29
CA ILE E 156 62.92 -7.94 -24.97
C ILE E 156 64.41 -8.10 -24.78
N ASP E 157 64.81 -9.18 -24.10
CA ASP E 157 66.20 -9.45 -23.69
C ASP E 157 66.80 -8.28 -22.91
N GLY E 158 66.00 -7.65 -22.06
CA GLY E 158 66.38 -6.42 -21.42
C GLY E 158 66.16 -5.17 -22.24
N SER E 159 66.30 -5.24 -23.56
CA SER E 159 66.09 -4.10 -24.43
C SER E 159 64.60 -3.81 -24.52
N GLU E 160 64.24 -2.55 -24.31
CA GLU E 160 62.85 -2.17 -24.12
C GLU E 160 62.04 -2.32 -25.40
N ARG E 161 60.92 -3.04 -25.31
CA ARG E 161 59.96 -3.15 -26.40
C ARG E 161 58.78 -2.23 -26.13
N GLN E 162 58.55 -1.28 -27.03
CA GLN E 162 57.44 -0.35 -26.91
C GLN E 162 56.26 -0.70 -27.80
N ASN E 163 56.48 -1.41 -28.90
CA ASN E 163 55.41 -1.69 -29.84
C ASN E 163 54.85 -3.08 -29.56
N GLY E 164 53.80 -3.44 -30.29
CA GLY E 164 53.22 -4.77 -30.19
C GLY E 164 52.35 -4.95 -28.97
N VAL E 165 51.99 -3.84 -28.34
CA VAL E 165 51.30 -3.85 -27.06
C VAL E 165 49.78 -3.87 -27.29
N LEU E 166 49.13 -4.87 -26.73
CA LEU E 166 47.68 -4.91 -26.64
C LEU E 166 47.27 -4.81 -25.17
N ASN E 167 46.38 -3.89 -24.88
CA ASN E 167 45.95 -3.66 -23.51
C ASN E 167 44.54 -4.17 -23.34
N SER E 168 44.21 -4.53 -22.09
CA SER E 168 42.86 -4.97 -21.77
C SER E 168 42.59 -4.64 -20.32
N TRP E 169 41.97 -3.50 -20.06
CA TRP E 169 41.44 -3.27 -18.73
C TRP E 169 40.16 -4.06 -18.56
N THR E 170 39.65 -4.03 -17.34
CA THR E 170 38.39 -4.69 -17.01
C THR E 170 37.56 -3.66 -16.25
N ASP E 171 36.35 -4.04 -15.86
CA ASP E 171 35.55 -3.19 -15.00
C ASP E 171 36.10 -3.25 -13.58
N GLN E 172 35.54 -2.40 -12.72
CA GLN E 172 35.85 -2.50 -11.31
C GLN E 172 35.24 -3.77 -10.76
N ASP E 173 35.91 -4.38 -9.79
CA ASP E 173 35.48 -5.69 -9.34
C ASP E 173 34.26 -5.57 -8.44
N SER E 174 33.52 -6.67 -8.33
CA SER E 174 32.28 -6.66 -7.57
C SER E 174 32.49 -6.90 -6.09
N LYS E 175 33.67 -7.37 -5.68
CA LYS E 175 33.91 -7.71 -4.28
C LYS E 175 34.95 -6.83 -3.60
N ASP E 176 36.17 -6.77 -4.12
CA ASP E 176 37.23 -6.01 -3.45
C ASP E 176 37.38 -4.62 -4.04
N SER E 177 36.52 -4.23 -4.97
CA SER E 177 36.49 -2.89 -5.59
C SER E 177 37.82 -2.55 -6.26
N THR E 178 38.41 -3.53 -6.92
CA THR E 178 39.68 -3.34 -7.61
C THR E 178 39.47 -3.42 -9.12
N TYR E 179 40.52 -3.06 -9.85
CA TYR E 179 40.56 -3.21 -11.29
C TYR E 179 41.40 -4.44 -11.63
N SER E 180 41.64 -4.65 -12.92
CA SER E 180 42.52 -5.69 -13.40
C SER E 180 42.98 -5.29 -14.79
N MET E 181 44.06 -5.93 -15.26
CA MET E 181 44.57 -5.63 -16.58
C MET E 181 45.43 -6.79 -17.07
N SER E 182 45.30 -7.13 -18.34
CA SER E 182 46.24 -8.02 -19.00
C SER E 182 47.05 -7.24 -20.02
N SER E 183 48.05 -7.92 -20.58
CA SER E 183 48.86 -7.35 -21.64
C SER E 183 49.36 -8.49 -22.51
N THR E 184 49.01 -8.45 -23.78
CA THR E 184 49.41 -9.47 -24.74
C THR E 184 50.32 -8.84 -25.78
N LEU E 185 51.52 -9.38 -25.91
CA LEU E 185 52.49 -9.00 -26.94
C LEU E 185 52.62 -10.17 -27.89
N THR E 186 52.05 -10.03 -29.09
CA THR E 186 51.99 -11.11 -30.06
C THR E 186 53.10 -10.94 -31.08
N LEU E 187 53.91 -11.98 -31.26
CA LEU E 187 55.02 -11.96 -32.20
C LEU E 187 54.96 -13.20 -33.08
N THR E 188 55.79 -13.22 -34.10
CA THR E 188 55.82 -14.34 -35.03
C THR E 188 56.61 -15.50 -34.43
N LYS E 189 56.80 -16.54 -35.24
CA LYS E 189 57.49 -17.73 -34.77
C LYS E 189 58.96 -17.47 -34.48
N ASP E 190 59.73 -17.00 -35.47
CA ASP E 190 61.17 -16.92 -35.27
C ASP E 190 61.58 -15.63 -34.57
N GLU E 191 60.79 -14.56 -34.71
CA GLU E 191 61.04 -13.34 -33.94
C GLU E 191 60.89 -13.59 -32.44
N TYR E 192 60.02 -14.52 -32.06
CA TYR E 192 60.08 -15.09 -30.73
C TYR E 192 61.39 -15.83 -30.51
N GLU E 193 61.74 -16.74 -31.42
CA GLU E 193 62.86 -17.66 -31.21
C GLU E 193 64.22 -17.08 -31.60
N ARG E 194 64.28 -15.81 -31.99
CA ARG E 194 65.58 -15.16 -32.14
C ARG E 194 66.01 -14.45 -30.88
N HIS E 195 65.23 -14.55 -29.81
CA HIS E 195 65.49 -13.82 -28.57
C HIS E 195 65.12 -14.72 -27.40
N ASN E 196 65.77 -14.50 -26.26
CA ASN E 196 65.63 -15.44 -25.15
C ASN E 196 64.83 -14.91 -23.98
N SER E 197 65.27 -13.81 -23.35
CA SER E 197 64.63 -13.28 -22.17
C SER E 197 63.51 -12.33 -22.58
N TYR E 198 62.40 -12.37 -21.86
CA TYR E 198 61.26 -11.50 -22.12
C TYR E 198 60.82 -10.87 -20.81
N THR E 199 60.57 -9.57 -20.83
CA THR E 199 60.44 -8.80 -19.60
C THR E 199 59.14 -8.01 -19.58
N CYS E 200 58.28 -8.36 -18.63
CA CYS E 200 57.01 -7.66 -18.41
C CYS E 200 57.12 -6.86 -17.12
N GLU E 201 56.94 -5.54 -17.22
CA GLU E 201 57.13 -4.65 -16.09
C GLU E 201 55.80 -4.00 -15.71
N ALA E 202 55.52 -3.98 -14.40
CA ALA E 202 54.30 -3.41 -13.85
C ALA E 202 54.66 -2.20 -13.01
N THR E 203 54.30 -1.02 -13.49
CA THR E 203 54.60 0.24 -12.82
C THR E 203 53.29 0.80 -12.27
N HIS E 204 53.16 0.79 -10.95
CA HIS E 204 51.89 1.00 -10.28
C HIS E 204 51.97 2.21 -9.35
N LYS E 205 50.82 2.61 -8.82
CA LYS E 205 50.76 3.75 -7.90
C LYS E 205 51.02 3.34 -6.46
N THR E 206 50.82 2.07 -6.11
CA THR E 206 50.95 1.64 -4.72
C THR E 206 52.39 1.53 -4.24
N SER E 207 53.36 1.49 -5.15
CA SER E 207 54.76 1.34 -4.73
C SER E 207 55.67 1.88 -5.81
N THR E 208 56.88 2.28 -5.40
CA THR E 208 57.88 2.73 -6.36
C THR E 208 58.54 1.56 -7.08
N SER E 209 58.60 0.38 -6.45
CA SER E 209 59.28 -0.76 -7.05
C SER E 209 58.41 -1.41 -8.11
N PRO E 210 58.91 -1.54 -9.33
CA PRO E 210 58.18 -2.29 -10.35
C PRO E 210 58.26 -3.79 -10.07
N ILE E 211 57.10 -4.36 -9.78
CA ILE E 211 56.95 -5.81 -9.65
C ILE E 211 57.13 -6.39 -11.05
N VAL E 212 58.29 -6.97 -11.29
CA VAL E 212 58.67 -7.45 -12.61
C VAL E 212 58.89 -8.95 -12.55
N LYS E 213 57.94 -9.69 -13.08
CA LYS E 213 58.09 -11.10 -13.33
C LYS E 213 58.54 -11.31 -14.76
N SER E 214 59.56 -12.13 -14.94
CA SER E 214 60.18 -12.25 -16.25
C SER E 214 60.64 -13.69 -16.44
N PHE E 215 60.90 -14.04 -17.69
CA PHE E 215 61.31 -15.39 -18.01
C PHE E 215 62.20 -15.36 -19.25
N ASN E 216 62.90 -16.46 -19.47
CA ASN E 216 63.76 -16.64 -20.62
C ASN E 216 63.29 -17.82 -21.46
N ARG E 217 63.68 -17.82 -22.73
CA ARG E 217 63.29 -18.91 -23.62
C ARG E 217 63.97 -20.22 -23.22
N ASN E 218 65.25 -20.15 -22.85
CA ASN E 218 65.94 -21.36 -22.42
C ASN E 218 65.61 -21.74 -20.99
N GLU E 219 64.93 -20.86 -20.25
CA GLU E 219 64.55 -21.16 -18.87
C GLU E 219 63.39 -22.17 -18.82
#